data_3EMU
# 
_entry.id   3EMU 
# 
_audit_conform.dict_name       mmcif_pdbx.dic 
_audit_conform.dict_version    5.387 
_audit_conform.dict_location   http://mmcif.pdb.org/dictionaries/ascii/mmcif_pdbx.dic 
# 
loop_
_database_2.database_id 
_database_2.database_code 
_database_2.pdbx_database_accession 
_database_2.pdbx_DOI 
PDB   3EMU         pdb_00003emu 10.2210/pdb3emu/pdb 
RCSB  RCSB049520   ?            ?                   
WWPDB D_1000049520 ?            ?                   
# 
loop_
_pdbx_audit_revision_history.ordinal 
_pdbx_audit_revision_history.data_content_type 
_pdbx_audit_revision_history.major_revision 
_pdbx_audit_revision_history.minor_revision 
_pdbx_audit_revision_history.revision_date 
1 'Structure model' 1 0 2008-10-14 
2 'Structure model' 1 1 2011-07-13 
3 'Structure model' 1 2 2017-10-25 
4 'Structure model' 1 3 2018-11-14 
5 'Structure model' 1 4 2021-02-10 
6 'Structure model' 1 5 2024-02-21 
# 
_pdbx_audit_revision_details.ordinal             1 
_pdbx_audit_revision_details.revision_ordinal    1 
_pdbx_audit_revision_details.data_content_type   'Structure model' 
_pdbx_audit_revision_details.provider            repository 
_pdbx_audit_revision_details.type                'Initial release' 
_pdbx_audit_revision_details.description         ? 
_pdbx_audit_revision_details.details             ? 
# 
loop_
_pdbx_audit_revision_group.ordinal 
_pdbx_audit_revision_group.revision_ordinal 
_pdbx_audit_revision_group.data_content_type 
_pdbx_audit_revision_group.group 
1  2 'Structure model' 'Version format compliance' 
2  3 'Structure model' 'Refinement description'    
3  4 'Structure model' 'Data collection'           
4  4 'Structure model' 'Database references'       
5  4 'Structure model' 'Structure summary'         
6  5 'Structure model' 'Database references'       
7  5 'Structure model' 'Derived calculations'      
8  5 'Structure model' 'Structure summary'         
9  6 'Structure model' 'Data collection'           
10 6 'Structure model' 'Database references'       
# 
loop_
_pdbx_audit_revision_category.ordinal 
_pdbx_audit_revision_category.revision_ordinal 
_pdbx_audit_revision_category.data_content_type 
_pdbx_audit_revision_category.category 
1 3 'Structure model' software        
2 4 'Structure model' audit_author    
3 4 'Structure model' struct_ref_seq  
4 5 'Structure model' audit_author    
5 5 'Structure model' citation_author 
6 5 'Structure model' struct_site     
7 6 'Structure model' chem_comp_atom  
8 6 'Structure model' chem_comp_bond  
9 6 'Structure model' database_2      
# 
loop_
_pdbx_audit_revision_item.ordinal 
_pdbx_audit_revision_item.revision_ordinal 
_pdbx_audit_revision_item.data_content_type 
_pdbx_audit_revision_item.item 
1  4 'Structure model' '_audit_author.identifier_ORCID'      
2  4 'Structure model' '_struct_ref_seq.db_align_beg'        
3  4 'Structure model' '_struct_ref_seq.db_align_end'        
4  5 'Structure model' '_audit_author.identifier_ORCID'      
5  5 'Structure model' '_citation_author.identifier_ORCID'   
6  5 'Structure model' '_struct_site.pdbx_auth_asym_id'      
7  5 'Structure model' '_struct_site.pdbx_auth_comp_id'      
8  5 'Structure model' '_struct_site.pdbx_auth_seq_id'       
9  6 'Structure model' '_database_2.pdbx_DOI'                
10 6 'Structure model' '_database_2.pdbx_database_accession' 
# 
_pdbx_database_status.entry_id                        3EMU 
_pdbx_database_status.deposit_site                    RCSB 
_pdbx_database_status.process_site                    RCSB 
_pdbx_database_status.recvd_initial_deposition_date   2008-09-25 
_pdbx_database_status.status_code                     REL 
_pdbx_database_status.status_code_sf                  REL 
_pdbx_database_status.status_code_mr                  ? 
_pdbx_database_status.SG_entry                        Y 
_pdbx_database_status.pdb_format_compatible           Y 
_pdbx_database_status.status_code_cs                  ? 
_pdbx_database_status.methods_development_category    ? 
_pdbx_database_status.status_code_nmr_data            ? 
# 
_pdbx_database_related.db_name        TargetDB 
_pdbx_database_related.db_id          NYSGXRC-9029a 
_pdbx_database_related.details        . 
_pdbx_database_related.content_type   unspecified 
# 
loop_
_audit_author.name 
_audit_author.pdbx_ordinal 
_audit_author.identifier_ORCID 
'Bonanno, J.B.'                                                  1  ?                   
'Gilmore, M.'                                                    2  ?                   
'Bain, K.T.'                                                     3  ?                   
'Hu, S.'                                                         4  ?                   
'Ozyurt, S.'                                                     5  ?                   
'Wasserman, S.'                                                  6  ?                   
'Sauder, J.M.'                                                   7  0000-0002-0254-4955 
'Burley, S.K.'                                                   8  0000-0002-2487-9713 
'Almo, S.C.'                                                     9  ?                   
'New York SGX Research Center for Structural Genomics (NYSGXRC)' 10 ?                   
# 
_citation.id                        primary 
_citation.title                     
'Crystal structure of a leucine rich repeat and phosphatase domain containing protein from Entamoeba histolytica' 
_citation.journal_abbrev            'To be Published' 
_citation.journal_volume            ? 
_citation.page_first                ? 
_citation.page_last                 ? 
_citation.year                      ? 
_citation.journal_id_ASTM           ? 
_citation.country                   ? 
_citation.journal_id_ISSN           ? 
_citation.journal_id_CSD            0353 
_citation.book_publisher            ? 
_citation.pdbx_database_id_PubMed   ? 
_citation.pdbx_database_id_DOI      ? 
# 
loop_
_citation_author.citation_id 
_citation_author.name 
_citation_author.ordinal 
_citation_author.identifier_ORCID 
primary 'Bonanno, J.B.' 1 ?                   
primary 'Gilmore, M.'   2 ?                   
primary 'Bain, K.T.'    3 ?                   
primary 'Hu, S.'        4 ?                   
primary 'Ozyurt, S.'    5 ?                   
primary 'Wasserman, S.' 6 ?                   
primary 'Sauder, J.M.'  7 ?                   
primary 'Burley, S.K.'  8 0000-0002-2487-9713 
primary 'Almo, S.C.'    9 ?                   
# 
loop_
_entity.id 
_entity.type 
_entity.src_method 
_entity.pdbx_description 
_entity.formula_weight 
_entity.pdbx_number_of_molecules 
_entity.pdbx_ec 
_entity.pdbx_mutation 
_entity.pdbx_fragment 
_entity.details 
1 polymer     man 'leucine rich repeat and phosphatase domain containing protein' 18372.287 1  3.1.3.- C397S ? ? 
2 non-polymer syn 'SULFATE ION'                                                   96.063    1  ?       ?     ? ? 
3 water       nat water                                                           18.015    33 ?       ?     ? ? 
# 
_entity_poly.entity_id                      1 
_entity_poly.type                           'polypeptide(L)' 
_entity_poly.nstd_linkage                   no 
_entity_poly.nstd_monomer                   no 
_entity_poly.pdbx_seq_one_letter_code       
;MSLTFPTLSPTQIIQYIHLGSFLNAHNVDYIHNNNISSILLVGIEVPSLFKDQCDILRLDIVSEEGHQLYDSIPNAIKFI
IRSIQRKEGVLIISGTGVNKAPAIVIAFLMYYQRLSFINAFNKVQGLYPLIDIESGFILQLKLFEKKLEKMNSEGHHHHH
H
;
_entity_poly.pdbx_seq_one_letter_code_can   
;MSLTFPTLSPTQIIQYIHLGSFLNAHNVDYIHNNNISSILLVGIEVPSLFKDQCDILRLDIVSEEGHQLYDSIPNAIKFI
IRSIQRKEGVLIISGTGVNKAPAIVIAFLMYYQRLSFINAFNKVQGLYPLIDIESGFILQLKLFEKKLEKMNSEGHHHHH
H
;
_entity_poly.pdbx_strand_id                 A 
_entity_poly.pdbx_target_identifier         NYSGXRC-9029a 
# 
loop_
_pdbx_entity_nonpoly.entity_id 
_pdbx_entity_nonpoly.name 
_pdbx_entity_nonpoly.comp_id 
2 'SULFATE ION' SO4 
3 water         HOH 
# 
loop_
_entity_poly_seq.entity_id 
_entity_poly_seq.num 
_entity_poly_seq.mon_id 
_entity_poly_seq.hetero 
1 1   MET n 
1 2   SER n 
1 3   LEU n 
1 4   THR n 
1 5   PHE n 
1 6   PRO n 
1 7   THR n 
1 8   LEU n 
1 9   SER n 
1 10  PRO n 
1 11  THR n 
1 12  GLN n 
1 13  ILE n 
1 14  ILE n 
1 15  GLN n 
1 16  TYR n 
1 17  ILE n 
1 18  HIS n 
1 19  LEU n 
1 20  GLY n 
1 21  SER n 
1 22  PHE n 
1 23  LEU n 
1 24  ASN n 
1 25  ALA n 
1 26  HIS n 
1 27  ASN n 
1 28  VAL n 
1 29  ASP n 
1 30  TYR n 
1 31  ILE n 
1 32  HIS n 
1 33  ASN n 
1 34  ASN n 
1 35  ASN n 
1 36  ILE n 
1 37  SER n 
1 38  SER n 
1 39  ILE n 
1 40  LEU n 
1 41  LEU n 
1 42  VAL n 
1 43  GLY n 
1 44  ILE n 
1 45  GLU n 
1 46  VAL n 
1 47  PRO n 
1 48  SER n 
1 49  LEU n 
1 50  PHE n 
1 51  LYS n 
1 52  ASP n 
1 53  GLN n 
1 54  CYS n 
1 55  ASP n 
1 56  ILE n 
1 57  LEU n 
1 58  ARG n 
1 59  LEU n 
1 60  ASP n 
1 61  ILE n 
1 62  VAL n 
1 63  SER n 
1 64  GLU n 
1 65  GLU n 
1 66  GLY n 
1 67  HIS n 
1 68  GLN n 
1 69  LEU n 
1 70  TYR n 
1 71  ASP n 
1 72  SER n 
1 73  ILE n 
1 74  PRO n 
1 75  ASN n 
1 76  ALA n 
1 77  ILE n 
1 78  LYS n 
1 79  PHE n 
1 80  ILE n 
1 81  ILE n 
1 82  ARG n 
1 83  SER n 
1 84  ILE n 
1 85  GLN n 
1 86  ARG n 
1 87  LYS n 
1 88  GLU n 
1 89  GLY n 
1 90  VAL n 
1 91  LEU n 
1 92  ILE n 
1 93  ILE n 
1 94  SER n 
1 95  GLY n 
1 96  THR n 
1 97  GLY n 
1 98  VAL n 
1 99  ASN n 
1 100 LYS n 
1 101 ALA n 
1 102 PRO n 
1 103 ALA n 
1 104 ILE n 
1 105 VAL n 
1 106 ILE n 
1 107 ALA n 
1 108 PHE n 
1 109 LEU n 
1 110 MET n 
1 111 TYR n 
1 112 TYR n 
1 113 GLN n 
1 114 ARG n 
1 115 LEU n 
1 116 SER n 
1 117 PHE n 
1 118 ILE n 
1 119 ASN n 
1 120 ALA n 
1 121 PHE n 
1 122 ASN n 
1 123 LYS n 
1 124 VAL n 
1 125 GLN n 
1 126 GLY n 
1 127 LEU n 
1 128 TYR n 
1 129 PRO n 
1 130 LEU n 
1 131 ILE n 
1 132 ASP n 
1 133 ILE n 
1 134 GLU n 
1 135 SER n 
1 136 GLY n 
1 137 PHE n 
1 138 ILE n 
1 139 LEU n 
1 140 GLN n 
1 141 LEU n 
1 142 LYS n 
1 143 LEU n 
1 144 PHE n 
1 145 GLU n 
1 146 LYS n 
1 147 LYS n 
1 148 LEU n 
1 149 GLU n 
1 150 LYS n 
1 151 MET n 
1 152 ASN n 
1 153 SER n 
1 154 GLU n 
1 155 GLY n 
1 156 HIS n 
1 157 HIS n 
1 158 HIS n 
1 159 HIS n 
1 160 HIS n 
1 161 HIS n 
# 
_entity_src_gen.entity_id                          1 
_entity_src_gen.pdbx_src_id                        1 
_entity_src_gen.pdbx_alt_source_flag               sample 
_entity_src_gen.pdbx_seq_type                      ? 
_entity_src_gen.pdbx_beg_seq_num                   ? 
_entity_src_gen.pdbx_end_seq_num                   ? 
_entity_src_gen.gene_src_common_name               ? 
_entity_src_gen.gene_src_genus                     ? 
_entity_src_gen.pdbx_gene_src_gene                 EHI_044170 
_entity_src_gen.gene_src_species                   ? 
_entity_src_gen.gene_src_strain                    HM-1:IMSS 
_entity_src_gen.gene_src_tissue                    ? 
_entity_src_gen.gene_src_tissue_fraction           ? 
_entity_src_gen.gene_src_details                   ? 
_entity_src_gen.pdbx_gene_src_fragment             ? 
_entity_src_gen.pdbx_gene_src_scientific_name      'Entamoeba histolytica' 
_entity_src_gen.pdbx_gene_src_ncbi_taxonomy_id     ? 
_entity_src_gen.pdbx_gene_src_variant              ? 
_entity_src_gen.pdbx_gene_src_cell_line            ? 
_entity_src_gen.pdbx_gene_src_atcc                 ? 
_entity_src_gen.pdbx_gene_src_organ                ? 
_entity_src_gen.pdbx_gene_src_organelle            ? 
_entity_src_gen.pdbx_gene_src_cell                 ? 
_entity_src_gen.pdbx_gene_src_cellular_location    ? 
_entity_src_gen.host_org_common_name               ? 
_entity_src_gen.pdbx_host_org_scientific_name      'Escherichia coli' 
_entity_src_gen.pdbx_host_org_ncbi_taxonomy_id     ? 
_entity_src_gen.host_org_genus                     ? 
_entity_src_gen.pdbx_host_org_gene                 ? 
_entity_src_gen.pdbx_host_org_organ                ? 
_entity_src_gen.host_org_species                   ? 
_entity_src_gen.pdbx_host_org_tissue               ? 
_entity_src_gen.pdbx_host_org_tissue_fraction      ? 
_entity_src_gen.pdbx_host_org_strain               'BL21(DE3)' 
_entity_src_gen.pdbx_host_org_variant              ? 
_entity_src_gen.pdbx_host_org_cell_line            ? 
_entity_src_gen.pdbx_host_org_atcc                 ? 
_entity_src_gen.pdbx_host_org_culture_collection   ? 
_entity_src_gen.pdbx_host_org_cell                 ? 
_entity_src_gen.pdbx_host_org_organelle            ? 
_entity_src_gen.pdbx_host_org_cellular_location    ? 
_entity_src_gen.pdbx_host_org_vector_type          plasmid 
_entity_src_gen.pdbx_host_org_vector               ? 
_entity_src_gen.host_org_details                   ? 
_entity_src_gen.expression_system_id               ? 
_entity_src_gen.plasmid_name                       'modified pET26' 
_entity_src_gen.plasmid_details                    ? 
_entity_src_gen.pdbx_description                   ? 
# 
loop_
_chem_comp.id 
_chem_comp.type 
_chem_comp.mon_nstd_flag 
_chem_comp.name 
_chem_comp.pdbx_synonyms 
_chem_comp.formula 
_chem_comp.formula_weight 
ALA 'L-peptide linking' y ALANINE         ? 'C3 H7 N O2'     89.093  
ARG 'L-peptide linking' y ARGININE        ? 'C6 H15 N4 O2 1' 175.209 
ASN 'L-peptide linking' y ASPARAGINE      ? 'C4 H8 N2 O3'    132.118 
ASP 'L-peptide linking' y 'ASPARTIC ACID' ? 'C4 H7 N O4'     133.103 
CYS 'L-peptide linking' y CYSTEINE        ? 'C3 H7 N O2 S'   121.158 
GLN 'L-peptide linking' y GLUTAMINE       ? 'C5 H10 N2 O3'   146.144 
GLU 'L-peptide linking' y 'GLUTAMIC ACID' ? 'C5 H9 N O4'     147.129 
GLY 'peptide linking'   y GLYCINE         ? 'C2 H5 N O2'     75.067  
HIS 'L-peptide linking' y HISTIDINE       ? 'C6 H10 N3 O2 1' 156.162 
HOH non-polymer         . WATER           ? 'H2 O'           18.015  
ILE 'L-peptide linking' y ISOLEUCINE      ? 'C6 H13 N O2'    131.173 
LEU 'L-peptide linking' y LEUCINE         ? 'C6 H13 N O2'    131.173 
LYS 'L-peptide linking' y LYSINE          ? 'C6 H15 N2 O2 1' 147.195 
MET 'L-peptide linking' y METHIONINE      ? 'C5 H11 N O2 S'  149.211 
PHE 'L-peptide linking' y PHENYLALANINE   ? 'C9 H11 N O2'    165.189 
PRO 'L-peptide linking' y PROLINE         ? 'C5 H9 N O2'     115.130 
SER 'L-peptide linking' y SERINE          ? 'C3 H7 N O3'     105.093 
SO4 non-polymer         . 'SULFATE ION'   ? 'O4 S -2'        96.063  
THR 'L-peptide linking' y THREONINE       ? 'C4 H9 N O3'     119.119 
TYR 'L-peptide linking' y TYROSINE        ? 'C9 H11 N O3'    181.189 
VAL 'L-peptide linking' y VALINE          ? 'C5 H11 N O2'    117.146 
# 
loop_
_pdbx_poly_seq_scheme.asym_id 
_pdbx_poly_seq_scheme.entity_id 
_pdbx_poly_seq_scheme.seq_id 
_pdbx_poly_seq_scheme.mon_id 
_pdbx_poly_seq_scheme.ndb_seq_num 
_pdbx_poly_seq_scheme.pdb_seq_num 
_pdbx_poly_seq_scheme.auth_seq_num 
_pdbx_poly_seq_scheme.pdb_mon_id 
_pdbx_poly_seq_scheme.auth_mon_id 
_pdbx_poly_seq_scheme.pdb_strand_id 
_pdbx_poly_seq_scheme.pdb_ins_code 
_pdbx_poly_seq_scheme.hetero 
A 1 1   MET 1   304 ?   ?   ?   A . n 
A 1 2   SER 2   305 ?   ?   ?   A . n 
A 1 3   LEU 3   306 ?   ?   ?   A . n 
A 1 4   THR 4   307 307 THR THR A . n 
A 1 5   PHE 5   308 308 PHE PHE A . n 
A 1 6   PRO 6   309 309 PRO PRO A . n 
A 1 7   THR 7   310 310 THR THR A . n 
A 1 8   LEU 8   311 311 LEU LEU A . n 
A 1 9   SER 9   312 312 SER SER A . n 
A 1 10  PRO 10  313 313 PRO PRO A . n 
A 1 11  THR 11  314 314 THR THR A . n 
A 1 12  GLN 12  315 315 GLN GLN A . n 
A 1 13  ILE 13  316 316 ILE ILE A . n 
A 1 14  ILE 14  317 317 ILE ILE A . n 
A 1 15  GLN 15  318 318 GLN GLN A . n 
A 1 16  TYR 16  319 319 TYR TYR A . n 
A 1 17  ILE 17  320 320 ILE ILE A . n 
A 1 18  HIS 18  321 321 HIS HIS A . n 
A 1 19  LEU 19  322 322 LEU LEU A . n 
A 1 20  GLY 20  323 323 GLY GLY A . n 
A 1 21  SER 21  324 324 SER SER A . n 
A 1 22  PHE 22  325 325 PHE PHE A . n 
A 1 23  LEU 23  326 326 LEU LEU A . n 
A 1 24  ASN 24  327 327 ASN ASN A . n 
A 1 25  ALA 25  328 328 ALA ALA A . n 
A 1 26  HIS 26  329 329 HIS HIS A . n 
A 1 27  ASN 27  330 330 ASN ASN A . n 
A 1 28  VAL 28  331 331 VAL VAL A . n 
A 1 29  ASP 29  332 332 ASP ASP A . n 
A 1 30  TYR 30  333 333 TYR TYR A . n 
A 1 31  ILE 31  334 334 ILE ILE A . n 
A 1 32  HIS 32  335 335 HIS HIS A . n 
A 1 33  ASN 33  336 336 ASN ASN A . n 
A 1 34  ASN 34  337 337 ASN ASN A . n 
A 1 35  ASN 35  338 338 ASN ASN A . n 
A 1 36  ILE 36  339 339 ILE ILE A . n 
A 1 37  SER 37  340 340 SER SER A . n 
A 1 38  SER 38  341 341 SER SER A . n 
A 1 39  ILE 39  342 342 ILE ILE A . n 
A 1 40  LEU 40  343 343 LEU LEU A . n 
A 1 41  LEU 41  344 344 LEU LEU A . n 
A 1 42  VAL 42  345 345 VAL VAL A . n 
A 1 43  GLY 43  346 346 GLY GLY A . n 
A 1 44  ILE 44  347 ?   ?   ?   A . n 
A 1 45  GLU 45  348 ?   ?   ?   A . n 
A 1 46  VAL 46  349 ?   ?   ?   A . n 
A 1 47  PRO 47  350 ?   ?   ?   A . n 
A 1 48  SER 48  351 ?   ?   ?   A . n 
A 1 49  LEU 49  352 ?   ?   ?   A . n 
A 1 50  PHE 50  353 ?   ?   ?   A . n 
A 1 51  LYS 51  354 354 LYS LYS A . n 
A 1 52  ASP 52  355 355 ASP ASP A . n 
A 1 53  GLN 53  356 356 GLN GLN A . n 
A 1 54  CYS 54  357 357 CYS CYS A . n 
A 1 55  ASP 55  358 358 ASP ASP A . n 
A 1 56  ILE 56  359 359 ILE ILE A . n 
A 1 57  LEU 57  360 360 LEU LEU A . n 
A 1 58  ARG 58  361 361 ARG ARG A . n 
A 1 59  LEU 59  362 362 LEU LEU A . n 
A 1 60  ASP 60  363 363 ASP ASP A . n 
A 1 61  ILE 61  364 364 ILE ILE A . n 
A 1 62  VAL 62  365 365 VAL VAL A . n 
A 1 63  SER 63  366 366 SER SER A . n 
A 1 64  GLU 64  367 367 GLU GLU A . n 
A 1 65  GLU 65  368 368 GLU GLU A . n 
A 1 66  GLY 66  369 369 GLY GLY A . n 
A 1 67  HIS 67  370 370 HIS HIS A . n 
A 1 68  GLN 68  371 371 GLN GLN A . n 
A 1 69  LEU 69  372 372 LEU LEU A . n 
A 1 70  TYR 70  373 373 TYR TYR A . n 
A 1 71  ASP 71  374 374 ASP ASP A . n 
A 1 72  SER 72  375 375 SER SER A . n 
A 1 73  ILE 73  376 376 ILE ILE A . n 
A 1 74  PRO 74  377 377 PRO PRO A . n 
A 1 75  ASN 75  378 378 ASN ASN A . n 
A 1 76  ALA 76  379 379 ALA ALA A . n 
A 1 77  ILE 77  380 380 ILE ILE A . n 
A 1 78  LYS 78  381 381 LYS LYS A . n 
A 1 79  PHE 79  382 382 PHE PHE A . n 
A 1 80  ILE 80  383 383 ILE ILE A . n 
A 1 81  ILE 81  384 384 ILE ILE A . n 
A 1 82  ARG 82  385 385 ARG ARG A . n 
A 1 83  SER 83  386 386 SER SER A . n 
A 1 84  ILE 84  387 387 ILE ILE A . n 
A 1 85  GLN 85  388 388 GLN GLN A . n 
A 1 86  ARG 86  389 389 ARG ARG A . n 
A 1 87  LYS 87  390 390 LYS LYS A . n 
A 1 88  GLU 88  391 391 GLU GLU A . n 
A 1 89  GLY 89  392 392 GLY GLY A . n 
A 1 90  VAL 90  393 393 VAL VAL A . n 
A 1 91  LEU 91  394 394 LEU LEU A . n 
A 1 92  ILE 92  395 395 ILE ILE A . n 
A 1 93  ILE 93  396 396 ILE ILE A . n 
A 1 94  SER 94  397 397 SER SER A . n 
A 1 95  GLY 95  398 398 GLY GLY A . n 
A 1 96  THR 96  399 399 THR THR A . n 
A 1 97  GLY 97  400 400 GLY GLY A . n 
A 1 98  VAL 98  401 401 VAL VAL A . n 
A 1 99  ASN 99  402 402 ASN ASN A . n 
A 1 100 LYS 100 403 403 LYS LYS A . n 
A 1 101 ALA 101 404 404 ALA ALA A . n 
A 1 102 PRO 102 405 405 PRO PRO A . n 
A 1 103 ALA 103 406 406 ALA ALA A . n 
A 1 104 ILE 104 407 407 ILE ILE A . n 
A 1 105 VAL 105 408 408 VAL VAL A . n 
A 1 106 ILE 106 409 409 ILE ILE A . n 
A 1 107 ALA 107 410 410 ALA ALA A . n 
A 1 108 PHE 108 411 411 PHE PHE A . n 
A 1 109 LEU 109 412 412 LEU LEU A . n 
A 1 110 MET 110 413 413 MET MET A . n 
A 1 111 TYR 111 414 414 TYR TYR A . n 
A 1 112 TYR 112 415 415 TYR TYR A . n 
A 1 113 GLN 113 416 416 GLN GLN A . n 
A 1 114 ARG 114 417 417 ARG ARG A . n 
A 1 115 LEU 115 418 418 LEU LEU A . n 
A 1 116 SER 116 419 419 SER SER A . n 
A 1 117 PHE 117 420 420 PHE PHE A . n 
A 1 118 ILE 118 421 421 ILE ILE A . n 
A 1 119 ASN 119 422 422 ASN ASN A . n 
A 1 120 ALA 120 423 423 ALA ALA A . n 
A 1 121 PHE 121 424 424 PHE PHE A . n 
A 1 122 ASN 122 425 425 ASN ASN A . n 
A 1 123 LYS 123 426 426 LYS LYS A . n 
A 1 124 VAL 124 427 427 VAL VAL A . n 
A 1 125 GLN 125 428 428 GLN GLN A . n 
A 1 126 GLY 126 429 429 GLY GLY A . n 
A 1 127 LEU 127 430 430 LEU LEU A . n 
A 1 128 TYR 128 431 431 TYR TYR A . n 
A 1 129 PRO 129 432 432 PRO PRO A . n 
A 1 130 LEU 130 433 433 LEU LEU A . n 
A 1 131 ILE 131 434 434 ILE ILE A . n 
A 1 132 ASP 132 435 435 ASP ASP A . n 
A 1 133 ILE 133 436 436 ILE ILE A . n 
A 1 134 GLU 134 437 437 GLU GLU A . n 
A 1 135 SER 135 438 438 SER SER A . n 
A 1 136 GLY 136 439 439 GLY GLY A . n 
A 1 137 PHE 137 440 440 PHE PHE A . n 
A 1 138 ILE 138 441 441 ILE ILE A . n 
A 1 139 LEU 139 442 442 LEU LEU A . n 
A 1 140 GLN 140 443 443 GLN GLN A . n 
A 1 141 LEU 141 444 444 LEU LEU A . n 
A 1 142 LYS 142 445 445 LYS LYS A . n 
A 1 143 LEU 143 446 446 LEU LEU A . n 
A 1 144 PHE 144 447 447 PHE PHE A . n 
A 1 145 GLU 145 448 448 GLU GLU A . n 
A 1 146 LYS 146 449 449 LYS LYS A . n 
A 1 147 LYS 147 450 450 LYS LYS A . n 
A 1 148 LEU 148 451 451 LEU LEU A . n 
A 1 149 GLU 149 452 452 GLU GLU A . n 
A 1 150 LYS 150 453 453 LYS LYS A . n 
A 1 151 MET 151 454 454 MET MET A . n 
A 1 152 ASN 152 455 455 ASN ASN A . n 
A 1 153 SER 153 456 456 SER SER A . n 
A 1 154 GLU 154 457 457 GLU GLU A . n 
A 1 155 GLY 155 458 ?   ?   ?   A . n 
A 1 156 HIS 156 459 ?   ?   ?   A . n 
A 1 157 HIS 157 460 ?   ?   ?   A . n 
A 1 158 HIS 158 461 ?   ?   ?   A . n 
A 1 159 HIS 159 462 ?   ?   ?   A . n 
A 1 160 HIS 160 463 ?   ?   ?   A . n 
A 1 161 HIS 161 464 ?   ?   ?   A . n 
# 
loop_
_pdbx_nonpoly_scheme.asym_id 
_pdbx_nonpoly_scheme.entity_id 
_pdbx_nonpoly_scheme.mon_id 
_pdbx_nonpoly_scheme.ndb_seq_num 
_pdbx_nonpoly_scheme.pdb_seq_num 
_pdbx_nonpoly_scheme.auth_seq_num 
_pdbx_nonpoly_scheme.pdb_mon_id 
_pdbx_nonpoly_scheme.auth_mon_id 
_pdbx_nonpoly_scheme.pdb_strand_id 
_pdbx_nonpoly_scheme.pdb_ins_code 
B 2 SO4 1  1   1  SO4 SO4 A . 
C 3 HOH 1  465 1  HOH HOH A . 
C 3 HOH 2  466 2  HOH HOH A . 
C 3 HOH 3  467 3  HOH HOH A . 
C 3 HOH 4  468 5  HOH HOH A . 
C 3 HOH 5  469 6  HOH HOH A . 
C 3 HOH 6  470 7  HOH HOH A . 
C 3 HOH 7  471 8  HOH HOH A . 
C 3 HOH 8  472 10 HOH HOH A . 
C 3 HOH 9  473 13 HOH HOH A . 
C 3 HOH 10 474 15 HOH HOH A . 
C 3 HOH 11 475 17 HOH HOH A . 
C 3 HOH 12 476 18 HOH HOH A . 
C 3 HOH 13 477 19 HOH HOH A . 
C 3 HOH 14 478 20 HOH HOH A . 
C 3 HOH 15 479 22 HOH HOH A . 
C 3 HOH 16 480 24 HOH HOH A . 
C 3 HOH 17 481 25 HOH HOH A . 
C 3 HOH 18 482 26 HOH HOH A . 
C 3 HOH 19 483 27 HOH HOH A . 
C 3 HOH 20 484 28 HOH HOH A . 
C 3 HOH 21 485 29 HOH HOH A . 
C 3 HOH 22 486 32 HOH HOH A . 
C 3 HOH 23 487 34 HOH HOH A . 
C 3 HOH 24 488 36 HOH HOH A . 
C 3 HOH 25 489 37 HOH HOH A . 
C 3 HOH 26 490 39 HOH HOH A . 
C 3 HOH 27 491 41 HOH HOH A . 
C 3 HOH 28 492 58 HOH HOH A . 
C 3 HOH 29 493 69 HOH HOH A . 
C 3 HOH 30 494 72 HOH HOH A . 
C 3 HOH 31 495 73 HOH HOH A . 
C 3 HOH 32 496 74 HOH HOH A . 
C 3 HOH 33 497 75 HOH HOH A . 
# 
loop_
_pdbx_unobs_or_zero_occ_atoms.id 
_pdbx_unobs_or_zero_occ_atoms.PDB_model_num 
_pdbx_unobs_or_zero_occ_atoms.polymer_flag 
_pdbx_unobs_or_zero_occ_atoms.occupancy_flag 
_pdbx_unobs_or_zero_occ_atoms.auth_asym_id 
_pdbx_unobs_or_zero_occ_atoms.auth_comp_id 
_pdbx_unobs_or_zero_occ_atoms.auth_seq_id 
_pdbx_unobs_or_zero_occ_atoms.PDB_ins_code 
_pdbx_unobs_or_zero_occ_atoms.auth_atom_id 
_pdbx_unobs_or_zero_occ_atoms.label_alt_id 
_pdbx_unobs_or_zero_occ_atoms.label_asym_id 
_pdbx_unobs_or_zero_occ_atoms.label_comp_id 
_pdbx_unobs_or_zero_occ_atoms.label_seq_id 
_pdbx_unobs_or_zero_occ_atoms.label_atom_id 
1  1 Y 1 A LYS 354 ? CG  ? A LYS 51  CG  
2  1 Y 1 A LYS 354 ? CD  ? A LYS 51  CD  
3  1 Y 1 A LYS 354 ? CE  ? A LYS 51  CE  
4  1 Y 1 A LYS 354 ? NZ  ? A LYS 51  NZ  
5  1 Y 1 A ASP 355 ? CG  ? A ASP 52  CG  
6  1 Y 1 A ASP 355 ? OD1 ? A ASP 52  OD1 
7  1 Y 1 A ASP 355 ? OD2 ? A ASP 52  OD2 
8  1 Y 1 A GLN 356 ? CG  ? A GLN 53  CG  
9  1 Y 1 A GLN 356 ? CD  ? A GLN 53  CD  
10 1 Y 1 A GLN 356 ? OE1 ? A GLN 53  OE1 
11 1 Y 1 A GLN 356 ? NE2 ? A GLN 53  NE2 
12 1 Y 1 A ARG 361 ? CG  ? A ARG 58  CG  
13 1 Y 1 A ARG 361 ? CD  ? A ARG 58  CD  
14 1 Y 1 A ARG 361 ? NE  ? A ARG 58  NE  
15 1 Y 1 A ARG 361 ? CZ  ? A ARG 58  CZ  
16 1 Y 1 A ARG 361 ? NH1 ? A ARG 58  NH1 
17 1 Y 1 A ARG 361 ? NH2 ? A ARG 58  NH2 
18 1 Y 1 A GLU 457 ? CG  ? A GLU 154 CG  
19 1 Y 1 A GLU 457 ? CD  ? A GLU 154 CD  
20 1 Y 1 A GLU 457 ? OE1 ? A GLU 154 OE1 
21 1 Y 1 A GLU 457 ? OE2 ? A GLU 154 OE2 
# 
loop_
_software.name 
_software.version 
_software.date 
_software.type 
_software.contact_author 
_software.contact_author_email 
_software.classification 
_software.location 
_software.language 
_software.citation_id 
_software.pdbx_ordinal 
SCALA       3.2.25 21/9/2006       other   'Phil R. Evans'      pre@mrc-lmb.cam.ac.uk 'data scaling'    
http://www.ccp4.ac.uk/dist/html/scala.html   Fortran_77 ? 1 
REFMAC      .      ?               program 'Garib N. Murshudov' garib@ysbl.york.ac.uk refinement        
http://www.ccp4.ac.uk/dist/html/refmac5.html Fortran_77 ? 2 
PDB_EXTRACT 3.006  'June 11, 2008' package PDB                  help@deposit.rcsb.org 'data extraction' 
http://sw-tools.pdb.org/apps/PDB_EXTRACT/    C++        ? 3 
MA          .      ?               ?       ?                    ?                     'data collection' ? ?          ? 4 
MOSFLM      .      ?               ?       ?                    ?                     'data reduction'  ? ?          ? 5 
SHELXCD     .      ?               ?       ?                    ?                     phasing           ? ?          ? 6 
SHELXE      .      ?               ?       ?                    ?                     'model building'  ? ?          ? 7 
# 
_cell.length_a           80.985 
_cell.length_b           80.985 
_cell.length_c           90.556 
_cell.angle_alpha        90.000 
_cell.angle_beta         90.000 
_cell.angle_gamma        120.000 
_cell.entry_id           3EMU 
_cell.pdbx_unique_axis   ? 
_cell.Z_PDB              6 
_cell.length_a_esd       ? 
_cell.length_b_esd       ? 
_cell.length_c_esd       ? 
_cell.angle_alpha_esd    ? 
_cell.angle_beta_esd     ? 
_cell.angle_gamma_esd    ? 
# 
_symmetry.space_group_name_H-M             'P 31 2 1' 
_symmetry.entry_id                         3EMU 
_symmetry.Int_Tables_number                152 
_symmetry.pdbx_full_space_group_name_H-M   ? 
_symmetry.cell_setting                     ? 
_symmetry.space_group_name_Hall            ? 
# 
_exptl.crystals_number   1 
_exptl.entry_id          3EMU 
_exptl.method            'X-RAY DIFFRACTION' 
# 
_exptl_crystal.id                    1 
_exptl_crystal.density_Matthews      4.67 
_exptl_crystal.density_meas          ? 
_exptl_crystal.density_percent_sol   73.64 
_exptl_crystal.description           ? 
_exptl_crystal.F_000                 ? 
_exptl_crystal.preparation           ? 
# 
_exptl_crystal_grow.crystal_id      1 
_exptl_crystal_grow.method          'VAPOR DIFFUSION' 
_exptl_crystal_grow.pH              7.0 
_exptl_crystal_grow.temp            294 
_exptl_crystal_grow.pdbx_details    
;500mM ammonium sulfate, 1M lithium sulfate, 100mM tri-sodium citrate dihydrate, pH 7.0, Vapor diffusion, temperature 294K, VAPOR DIFFUSION
;
_exptl_crystal_grow.temp_details    ? 
_exptl_crystal_grow.pdbx_pH_range   ? 
# 
_diffrn.id                     1 
_diffrn.ambient_temp           100 
_diffrn.ambient_temp_details   ? 
_diffrn.crystal_id             1 
# 
_diffrn_detector.diffrn_id              1 
_diffrn_detector.detector               CCD 
_diffrn_detector.type                   'MARMOSAIC 225 mm CCD' 
_diffrn_detector.pdbx_collection_date   2008-09-12 
_diffrn_detector.details                ? 
# 
_diffrn_radiation.diffrn_id                        1 
_diffrn_radiation.pdbx_diffrn_protocol             'SINGLE WAVELENGTH' 
_diffrn_radiation.monochromator                    'Si(111)' 
_diffrn_radiation.wavelength_id                    1 
_diffrn_radiation.pdbx_monochromatic_or_laue_m_l   M 
_diffrn_radiation.pdbx_scattering_type             x-ray 
# 
_diffrn_radiation_wavelength.id           1 
_diffrn_radiation_wavelength.wavelength   0.97958 
_diffrn_radiation_wavelength.wt           1.0 
# 
_diffrn_source.diffrn_id                   1 
_diffrn_source.source                      SYNCHROTRON 
_diffrn_source.type                        'CLSI BEAMLINE 08ID-1' 
_diffrn_source.pdbx_wavelength_list        0.97958 
_diffrn_source.pdbx_wavelength             ? 
_diffrn_source.pdbx_synchrotron_site       CLSI 
_diffrn_source.pdbx_synchrotron_beamline   08ID-1 
# 
_reflns.entry_id                     3EMU 
_reflns.d_resolution_high            2.300 
_reflns.d_resolution_low             38.042 
_reflns.number_all                   15704 
_reflns.number_obs                   15704 
_reflns.pdbx_Rmerge_I_obs            0.077 
_reflns.pdbx_netI_over_sigmaI        15.2 
_reflns.pdbx_Rsym_value              0.077 
_reflns.pdbx_redundancy              9.800 
_reflns.percent_possible_obs         100.000 
_reflns.observed_criterion_sigma_F   0 
_reflns.observed_criterion_sigma_I   0 
_reflns.B_iso_Wilson_estimate        57.6 
_reflns.R_free_details               ? 
_reflns.limit_h_max                  ? 
_reflns.limit_h_min                  ? 
_reflns.limit_k_max                  ? 
_reflns.limit_k_min                  ? 
_reflns.limit_l_max                  ? 
_reflns.limit_l_min                  ? 
_reflns.observed_criterion_F_max     ? 
_reflns.observed_criterion_F_min     ? 
_reflns.pdbx_chi_squared             ? 
_reflns.pdbx_scaling_rejects         ? 
_reflns.pdbx_diffrn_id               1 
_reflns.pdbx_ordinal                 1 
# 
_reflns_shell.d_res_high             2.30 
_reflns_shell.d_res_low              2.42 
_reflns_shell.number_measured_obs    ? 
_reflns_shell.number_measured_all    22302 
_reflns_shell.number_unique_obs      ? 
_reflns_shell.Rmerge_I_obs           0.453 
_reflns_shell.meanI_over_sigI_obs    3.7 
_reflns_shell.pdbx_Rsym_value        0.453 
_reflns_shell.pdbx_chi_squared       ? 
_reflns_shell.pdbx_redundancy        9.90 
_reflns_shell.percent_possible_obs   ? 
_reflns_shell.number_unique_all      2252 
_reflns_shell.percent_possible_all   100.00 
_reflns_shell.pdbx_diffrn_id         ? 
_reflns_shell.pdbx_ordinal           1 
# 
_refine.entry_id                                 3EMU 
_refine.ls_d_res_high                            2.300 
_refine.ls_d_res_low                             20.000 
_refine.pdbx_ls_sigma_F                          0.00 
_refine.ls_percent_reflns_obs                    100.000 
_refine.ls_number_reflns_obs                     15641 
_refine.pdbx_ls_cross_valid_method               THROUGHOUT 
_refine.pdbx_R_Free_selection_details            RANDOM 
_refine.details                                  'HYDROGENS HAVE BEEN ADDED IN THE RIDING POSITIONS' 
_refine.ls_R_factor_obs                          0.230 
_refine.ls_R_factor_R_work                       0.230 
_refine.ls_wR_factor_R_work                      0.263 
_refine.ls_R_factor_R_free                       0.236 
_refine.ls_wR_factor_R_free                      0.274 
_refine.ls_percent_reflns_R_free                 4.800 
_refine.ls_number_reflns_R_free                  748 
_refine.B_iso_mean                               65.638 
_refine.aniso_B[1][1]                            0.930 
_refine.aniso_B[2][2]                            0.930 
_refine.aniso_B[3][3]                            -1.390 
_refine.aniso_B[1][2]                            0.460 
_refine.aniso_B[1][3]                            0.000 
_refine.aniso_B[2][3]                            0.000 
_refine.correlation_coeff_Fo_to_Fc               0.948 
_refine.correlation_coeff_Fo_to_Fc_free          0.947 
_refine.overall_SU_R_Cruickshank_DPI             0.184 
_refine.overall_SU_R_free                        0.156 
_refine.pdbx_overall_ESU_R                       0.184 
_refine.pdbx_overall_ESU_R_Free                  0.156 
_refine.overall_SU_ML                            0.122 
_refine.overall_SU_B                             5.107 
_refine.solvent_model_details                    'BABINET MODEL WITH MASK' 
_refine.pdbx_solvent_vdw_probe_radii             1.200 
_refine.pdbx_solvent_ion_probe_radii             0.800 
_refine.pdbx_solvent_shrinkage_radii             0.800 
_refine.pdbx_method_to_determine_struct          SAD 
_refine.pdbx_stereochemistry_target_values       'MAXIMUM LIKELIHOOD' 
_refine.overall_FOM_work_R_set                   0.785 
_refine.B_iso_max                                109.45 
_refine.B_iso_min                                44.43 
_refine.occupancy_max                            1.00 
_refine.occupancy_min                            0.50 
_refine.pdbx_ls_sigma_I                          0 
_refine.ls_number_reflns_all                     15641 
_refine.ls_R_factor_all                          ? 
_refine.ls_redundancy_reflns_obs                 ? 
_refine.pdbx_data_cutoff_high_absF               ? 
_refine.pdbx_data_cutoff_low_absF                ? 
_refine.ls_number_parameters                     ? 
_refine.ls_number_restraints                     ? 
_refine.ls_R_factor_R_free_error                 ? 
_refine.ls_R_factor_R_free_error_details         ? 
_refine.pdbx_starting_model                      ? 
_refine.pdbx_stereochem_target_val_spec_case     ? 
_refine.solvent_model_param_bsol                 ? 
_refine.solvent_model_param_ksol                 ? 
_refine.pdbx_isotropic_thermal_model             ? 
_refine.pdbx_data_cutoff_high_rms_absF           ? 
_refine.overall_FOM_free_R_set                   ? 
_refine.pdbx_overall_phase_error                 ? 
_refine.pdbx_refine_id                           'X-RAY DIFFRACTION' 
_refine.pdbx_diffrn_id                           1 
_refine.pdbx_TLS_residual_ADP_flag               ? 
_refine.pdbx_overall_SU_R_free_Cruickshank_DPI   ? 
_refine.pdbx_overall_SU_R_Blow_DPI               ? 
_refine.pdbx_overall_SU_R_free_Blow_DPI          ? 
# 
_refine_hist.pdbx_refine_id                   'X-RAY DIFFRACTION' 
_refine_hist.cycle_id                         LAST 
_refine_hist.pdbx_number_atoms_protein        1148 
_refine_hist.pdbx_number_atoms_nucleic_acid   0 
_refine_hist.pdbx_number_atoms_ligand         5 
_refine_hist.number_atoms_solvent             33 
_refine_hist.number_atoms_total               1186 
_refine_hist.d_res_high                       2.300 
_refine_hist.d_res_low                        20.000 
# 
loop_
_refine_ls_restr.type 
_refine_ls_restr.number 
_refine_ls_restr.dev_ideal 
_refine_ls_restr.dev_ideal_target 
_refine_ls_restr.weight 
_refine_ls_restr.pdbx_refine_id 
_refine_ls_restr.pdbx_restraint_function 
r_bond_refined_d       1176 0.018  0.022  ? 'X-RAY DIFFRACTION' ? 
r_angle_refined_deg    1595 1.553  1.968  ? 'X-RAY DIFFRACTION' ? 
r_dihedral_angle_1_deg 146  6.266  5.000  ? 'X-RAY DIFFRACTION' ? 
r_dihedral_angle_2_deg 51   35.943 24.706 ? 'X-RAY DIFFRACTION' ? 
r_dihedral_angle_3_deg 209  16.369 15.000 ? 'X-RAY DIFFRACTION' ? 
r_dihedral_angle_4_deg 4    19.429 15.000 ? 'X-RAY DIFFRACTION' ? 
r_chiral_restr         187  0.109  0.200  ? 'X-RAY DIFFRACTION' ? 
r_gen_planes_refined   862  0.009  0.021  ? 'X-RAY DIFFRACTION' ? 
r_mcbond_it            721  0.979  1.500  ? 'X-RAY DIFFRACTION' ? 
r_mcangle_it           1170 1.885  2.000  ? 'X-RAY DIFFRACTION' ? 
r_scbond_it            455  2.849  3.000  ? 'X-RAY DIFFRACTION' ? 
r_scangle_it           423  4.635  4.500  ? 'X-RAY DIFFRACTION' ? 
# 
_refine_ls_shell.d_res_high                       2.300 
_refine_ls_shell.d_res_low                        2.361 
_refine_ls_shell.pdbx_total_number_of_bins_used   20 
_refine_ls_shell.percent_reflns_obs               100.000 
_refine_ls_shell.number_reflns_R_work             1063 
_refine_ls_shell.R_factor_all                     ? 
_refine_ls_shell.R_factor_R_work                  0.374 
_refine_ls_shell.R_factor_R_free                  0.317 
_refine_ls_shell.percent_reflns_R_free            ? 
_refine_ls_shell.number_reflns_R_free             57 
_refine_ls_shell.R_factor_R_free_error            ? 
_refine_ls_shell.number_reflns_all                1120 
_refine_ls_shell.number_reflns_obs                1063 
_refine_ls_shell.redundancy_reflns_obs            ? 
_refine_ls_shell.pdbx_refine_id                   'X-RAY DIFFRACTION' 
# 
_struct.entry_id                  3EMU 
_struct.title                     
'Crystal structure of a leucine rich repeat and phosphatase domain containing protein from Entamoeba histolytica' 
_struct.pdbx_model_details        ? 
_struct.pdbx_CASP_flag            ? 
_struct.pdbx_model_type_details   ? 
# 
_struct_keywords.entry_id        3EMU 
_struct_keywords.text            
'STRUCTURAL GENOMICS, HYDROLASE, PSI-2, Protein Structure Initiative, New York SGX Research Center for Structural Genomics, NYSGXRC' 
_struct_keywords.pdbx_keywords   HYDROLASE 
# 
loop_
_struct_asym.id 
_struct_asym.pdbx_blank_PDB_chainid_flag 
_struct_asym.pdbx_modified 
_struct_asym.entity_id 
_struct_asym.details 
A N N 1 ? 
B N N 2 ? 
C N N 3 ? 
# 
_struct_ref.id                         1 
_struct_ref.db_name                    PDB 
_struct_ref.db_code                    3EMU 
_struct_ref.pdbx_db_accession          3EMU 
_struct_ref.entity_id                  1 
_struct_ref.pdbx_seq_one_letter_code   
;MSLTFPTLSPTQIIQYIHLGSFLNAHNVDYIHNNNISSILLVGIEVPSLFKDQCDILRLDIVSEEGHQLYDSIPNAIKFI
IRSIQRKEGVLIISGTGVNKAPAIVIAFLMYYQRLSFINAFNKVQGLYPLIDIESGFILQLKLFEKKLEKMNSEGHHHHH
H
;
_struct_ref.pdbx_align_begin           1 
_struct_ref.pdbx_db_isoform            ? 
# 
_struct_ref_seq.align_id                      1 
_struct_ref_seq.ref_id                        1 
_struct_ref_seq.pdbx_PDB_id_code              3EMU 
_struct_ref_seq.pdbx_strand_id                A 
_struct_ref_seq.seq_align_beg                 1 
_struct_ref_seq.pdbx_seq_align_beg_ins_code   ? 
_struct_ref_seq.seq_align_end                 161 
_struct_ref_seq.pdbx_seq_align_end_ins_code   ? 
_struct_ref_seq.pdbx_db_accession             3EMU 
_struct_ref_seq.db_align_beg                  304 
_struct_ref_seq.pdbx_db_align_beg_ins_code    ? 
_struct_ref_seq.db_align_end                  464 
_struct_ref_seq.pdbx_db_align_end_ins_code    ? 
_struct_ref_seq.pdbx_auth_seq_align_beg       304 
_struct_ref_seq.pdbx_auth_seq_align_end       464 
# 
_pdbx_struct_assembly.id                   1 
_pdbx_struct_assembly.details              author_defined_assembly 
_pdbx_struct_assembly.method_details       ? 
_pdbx_struct_assembly.oligomeric_details   monomeric 
_pdbx_struct_assembly.oligomeric_count     1 
# 
_pdbx_struct_assembly_gen.assembly_id       1 
_pdbx_struct_assembly_gen.oper_expression   1 
_pdbx_struct_assembly_gen.asym_id_list      A,B,C 
# 
_pdbx_struct_oper_list.id                   1 
_pdbx_struct_oper_list.type                 'identity operation' 
_pdbx_struct_oper_list.name                 1_555 
_pdbx_struct_oper_list.symmetry_operation   x,y,z 
_pdbx_struct_oper_list.matrix[1][1]         1.0000000000 
_pdbx_struct_oper_list.matrix[1][2]         0.0000000000 
_pdbx_struct_oper_list.matrix[1][3]         0.0000000000 
_pdbx_struct_oper_list.vector[1]            0.0000000000 
_pdbx_struct_oper_list.matrix[2][1]         0.0000000000 
_pdbx_struct_oper_list.matrix[2][2]         1.0000000000 
_pdbx_struct_oper_list.matrix[2][3]         0.0000000000 
_pdbx_struct_oper_list.vector[2]            0.0000000000 
_pdbx_struct_oper_list.matrix[3][1]         0.0000000000 
_pdbx_struct_oper_list.matrix[3][2]         0.0000000000 
_pdbx_struct_oper_list.matrix[3][3]         1.0000000000 
_pdbx_struct_oper_list.vector[3]            0.0000000000 
# 
loop_
_struct_conf.conf_type_id 
_struct_conf.id 
_struct_conf.pdbx_PDB_helix_id 
_struct_conf.beg_label_comp_id 
_struct_conf.beg_label_asym_id 
_struct_conf.beg_label_seq_id 
_struct_conf.pdbx_beg_PDB_ins_code 
_struct_conf.end_label_comp_id 
_struct_conf.end_label_asym_id 
_struct_conf.end_label_seq_id 
_struct_conf.pdbx_end_PDB_ins_code 
_struct_conf.beg_auth_comp_id 
_struct_conf.beg_auth_asym_id 
_struct_conf.beg_auth_seq_id 
_struct_conf.end_auth_comp_id 
_struct_conf.end_auth_asym_id 
_struct_conf.end_auth_seq_id 
_struct_conf.pdbx_PDB_helix_class 
_struct_conf.details 
_struct_conf.pdbx_PDB_helix_length 
HELX_P HELX_P1 1 PHE A 5   ? SER A 9   ? PHE A 308 SER A 312 5 ? 5  
HELX_P HELX_P2 2 LEU A 23  ? HIS A 26  ? LEU A 326 HIS A 329 5 ? 4  
HELX_P HELX_P3 3 ASN A 27  ? ASN A 34  ? ASN A 330 ASN A 337 1 ? 8  
HELX_P HELX_P4 4 HIS A 67  ? ARG A 86  ? HIS A 370 ARG A 389 1 ? 20 
HELX_P HELX_P5 5 ASN A 99  ? GLN A 113 ? ASN A 402 GLN A 416 1 ? 15 
HELX_P HELX_P6 6 SER A 116 ? TYR A 128 ? SER A 419 TYR A 431 1 ? 13 
HELX_P HELX_P7 7 GLU A 134 ? ASN A 152 ? GLU A 437 ASN A 455 1 ? 19 
# 
_struct_conf_type.id          HELX_P 
_struct_conf_type.criteria    ? 
_struct_conf_type.reference   ? 
# 
_struct_sheet.id               A 
_struct_sheet.type             ? 
_struct_sheet.number_strands   5 
_struct_sheet.details          ? 
# 
loop_
_struct_sheet_order.sheet_id 
_struct_sheet_order.range_id_1 
_struct_sheet_order.range_id_2 
_struct_sheet_order.offset 
_struct_sheet_order.sense 
A 1 2 ? anti-parallel 
A 2 3 ? parallel      
A 3 4 ? parallel      
A 4 5 ? parallel      
# 
loop_
_struct_sheet_range.sheet_id 
_struct_sheet_range.id 
_struct_sheet_range.beg_label_comp_id 
_struct_sheet_range.beg_label_asym_id 
_struct_sheet_range.beg_label_seq_id 
_struct_sheet_range.pdbx_beg_PDB_ins_code 
_struct_sheet_range.end_label_comp_id 
_struct_sheet_range.end_label_asym_id 
_struct_sheet_range.end_label_seq_id 
_struct_sheet_range.pdbx_end_PDB_ins_code 
_struct_sheet_range.beg_auth_comp_id 
_struct_sheet_range.beg_auth_asym_id 
_struct_sheet_range.beg_auth_seq_id 
_struct_sheet_range.end_auth_comp_id 
_struct_sheet_range.end_auth_asym_id 
_struct_sheet_range.end_auth_seq_id 
A 1 THR A 11 ? ILE A 14 ? THR A 314 ILE A 317 
A 2 ILE A 17 ? SER A 21 ? ILE A 320 SER A 324 
A 3 GLY A 89 ? SER A 94 ? GLY A 392 SER A 397 
A 4 ILE A 36 ? VAL A 42 ? ILE A 339 VAL A 345 
A 5 ASP A 55 ? LEU A 59 ? ASP A 358 LEU A 362 
# 
loop_
_pdbx_struct_sheet_hbond.sheet_id 
_pdbx_struct_sheet_hbond.range_id_1 
_pdbx_struct_sheet_hbond.range_id_2 
_pdbx_struct_sheet_hbond.range_1_label_atom_id 
_pdbx_struct_sheet_hbond.range_1_label_comp_id 
_pdbx_struct_sheet_hbond.range_1_label_asym_id 
_pdbx_struct_sheet_hbond.range_1_label_seq_id 
_pdbx_struct_sheet_hbond.range_1_PDB_ins_code 
_pdbx_struct_sheet_hbond.range_1_auth_atom_id 
_pdbx_struct_sheet_hbond.range_1_auth_comp_id 
_pdbx_struct_sheet_hbond.range_1_auth_asym_id 
_pdbx_struct_sheet_hbond.range_1_auth_seq_id 
_pdbx_struct_sheet_hbond.range_2_label_atom_id 
_pdbx_struct_sheet_hbond.range_2_label_comp_id 
_pdbx_struct_sheet_hbond.range_2_label_asym_id 
_pdbx_struct_sheet_hbond.range_2_label_seq_id 
_pdbx_struct_sheet_hbond.range_2_PDB_ins_code 
_pdbx_struct_sheet_hbond.range_2_auth_atom_id 
_pdbx_struct_sheet_hbond.range_2_auth_comp_id 
_pdbx_struct_sheet_hbond.range_2_auth_asym_id 
_pdbx_struct_sheet_hbond.range_2_auth_seq_id 
A 1 2 N ILE A 13 ? N ILE A 316 O ILE A 17 ? O ILE A 320 
A 2 3 N HIS A 18 ? N HIS A 321 O ILE A 92 ? O ILE A 395 
A 3 4 O ILE A 93 ? O ILE A 396 N VAL A 42 ? N VAL A 345 
A 4 5 N LEU A 41 ? N LEU A 344 O LEU A 59 ? O LEU A 362 
# 
_struct_site.id                   AC1 
_struct_site.pdbx_evidence_code   Software 
_struct_site.pdbx_auth_asym_id    A 
_struct_site.pdbx_auth_comp_id    SO4 
_struct_site.pdbx_auth_seq_id     1 
_struct_site.pdbx_auth_ins_code   ? 
_struct_site.pdbx_num_residues    7 
_struct_site.details              'BINDING SITE FOR RESIDUE SO4 A 1' 
# 
loop_
_struct_site_gen.id 
_struct_site_gen.site_id 
_struct_site_gen.pdbx_num_res 
_struct_site_gen.label_comp_id 
_struct_site_gen.label_asym_id 
_struct_site_gen.label_seq_id 
_struct_site_gen.pdbx_auth_ins_code 
_struct_site_gen.auth_comp_id 
_struct_site_gen.auth_asym_id 
_struct_site_gen.auth_seq_id 
_struct_site_gen.label_atom_id 
_struct_site_gen.label_alt_id 
_struct_site_gen.symmetry 
_struct_site_gen.details 
1 AC1 7 SER A 94  ? SER A 397 . ? 1_555 ? 
2 AC1 7 GLY A 95  ? GLY A 398 . ? 1_555 ? 
3 AC1 7 THR A 96  ? THR A 399 . ? 1_555 ? 
4 AC1 7 GLY A 97  ? GLY A 400 . ? 1_555 ? 
5 AC1 7 VAL A 98  ? VAL A 401 . ? 1_555 ? 
6 AC1 7 ASN A 99  ? ASN A 402 . ? 1_555 ? 
7 AC1 7 LYS A 100 ? LYS A 403 . ? 1_555 ? 
# 
loop_
_pdbx_validate_torsion.id 
_pdbx_validate_torsion.PDB_model_num 
_pdbx_validate_torsion.auth_comp_id 
_pdbx_validate_torsion.auth_asym_id 
_pdbx_validate_torsion.auth_seq_id 
_pdbx_validate_torsion.PDB_ins_code 
_pdbx_validate_torsion.label_alt_id 
_pdbx_validate_torsion.phi 
_pdbx_validate_torsion.psi 
1 1 TYR A 319 ? ? 74.94   -8.05  
2 1 ASP A 355 ? ? -57.84  40.21  
3 1 HIS A 370 ? ? -140.79 33.45  
4 1 ASN A 402 ? ? -120.68 -77.49 
5 1 TYR A 431 ? ? -151.67 76.06  
6 1 ASP A 435 ? ? -154.07 83.86  
# 
_pdbx_SG_project.id                    1 
_pdbx_SG_project.project_name          'PSI, Protein Structure Initiative' 
_pdbx_SG_project.full_name_of_center   'New York SGX Research Center for Structural Genomics' 
_pdbx_SG_project.initial_of_center     NYSGXRC 
# 
loop_
_pdbx_unobs_or_zero_occ_residues.id 
_pdbx_unobs_or_zero_occ_residues.PDB_model_num 
_pdbx_unobs_or_zero_occ_residues.polymer_flag 
_pdbx_unobs_or_zero_occ_residues.occupancy_flag 
_pdbx_unobs_or_zero_occ_residues.auth_asym_id 
_pdbx_unobs_or_zero_occ_residues.auth_comp_id 
_pdbx_unobs_or_zero_occ_residues.auth_seq_id 
_pdbx_unobs_or_zero_occ_residues.PDB_ins_code 
_pdbx_unobs_or_zero_occ_residues.label_asym_id 
_pdbx_unobs_or_zero_occ_residues.label_comp_id 
_pdbx_unobs_or_zero_occ_residues.label_seq_id 
1  1 Y 1 A MET 304 ? A MET 1   
2  1 Y 1 A SER 305 ? A SER 2   
3  1 Y 1 A LEU 306 ? A LEU 3   
4  1 Y 1 A ILE 347 ? A ILE 44  
5  1 Y 1 A GLU 348 ? A GLU 45  
6  1 Y 1 A VAL 349 ? A VAL 46  
7  1 Y 1 A PRO 350 ? A PRO 47  
8  1 Y 1 A SER 351 ? A SER 48  
9  1 Y 1 A LEU 352 ? A LEU 49  
10 1 Y 1 A PHE 353 ? A PHE 50  
11 1 Y 1 A GLY 458 ? A GLY 155 
12 1 Y 1 A HIS 459 ? A HIS 156 
13 1 Y 1 A HIS 460 ? A HIS 157 
14 1 Y 1 A HIS 461 ? A HIS 158 
15 1 Y 1 A HIS 462 ? A HIS 159 
16 1 Y 1 A HIS 463 ? A HIS 160 
17 1 Y 1 A HIS 464 ? A HIS 161 
# 
loop_
_chem_comp_atom.comp_id 
_chem_comp_atom.atom_id 
_chem_comp_atom.type_symbol 
_chem_comp_atom.pdbx_aromatic_flag 
_chem_comp_atom.pdbx_stereo_config 
_chem_comp_atom.pdbx_ordinal 
ALA N    N N N 1   
ALA CA   C N S 2   
ALA C    C N N 3   
ALA O    O N N 4   
ALA CB   C N N 5   
ALA OXT  O N N 6   
ALA H    H N N 7   
ALA H2   H N N 8   
ALA HA   H N N 9   
ALA HB1  H N N 10  
ALA HB2  H N N 11  
ALA HB3  H N N 12  
ALA HXT  H N N 13  
ARG N    N N N 14  
ARG CA   C N S 15  
ARG C    C N N 16  
ARG O    O N N 17  
ARG CB   C N N 18  
ARG CG   C N N 19  
ARG CD   C N N 20  
ARG NE   N N N 21  
ARG CZ   C N N 22  
ARG NH1  N N N 23  
ARG NH2  N N N 24  
ARG OXT  O N N 25  
ARG H    H N N 26  
ARG H2   H N N 27  
ARG HA   H N N 28  
ARG HB2  H N N 29  
ARG HB3  H N N 30  
ARG HG2  H N N 31  
ARG HG3  H N N 32  
ARG HD2  H N N 33  
ARG HD3  H N N 34  
ARG HE   H N N 35  
ARG HH11 H N N 36  
ARG HH12 H N N 37  
ARG HH21 H N N 38  
ARG HH22 H N N 39  
ARG HXT  H N N 40  
ASN N    N N N 41  
ASN CA   C N S 42  
ASN C    C N N 43  
ASN O    O N N 44  
ASN CB   C N N 45  
ASN CG   C N N 46  
ASN OD1  O N N 47  
ASN ND2  N N N 48  
ASN OXT  O N N 49  
ASN H    H N N 50  
ASN H2   H N N 51  
ASN HA   H N N 52  
ASN HB2  H N N 53  
ASN HB3  H N N 54  
ASN HD21 H N N 55  
ASN HD22 H N N 56  
ASN HXT  H N N 57  
ASP N    N N N 58  
ASP CA   C N S 59  
ASP C    C N N 60  
ASP O    O N N 61  
ASP CB   C N N 62  
ASP CG   C N N 63  
ASP OD1  O N N 64  
ASP OD2  O N N 65  
ASP OXT  O N N 66  
ASP H    H N N 67  
ASP H2   H N N 68  
ASP HA   H N N 69  
ASP HB2  H N N 70  
ASP HB3  H N N 71  
ASP HD2  H N N 72  
ASP HXT  H N N 73  
CYS N    N N N 74  
CYS CA   C N R 75  
CYS C    C N N 76  
CYS O    O N N 77  
CYS CB   C N N 78  
CYS SG   S N N 79  
CYS OXT  O N N 80  
CYS H    H N N 81  
CYS H2   H N N 82  
CYS HA   H N N 83  
CYS HB2  H N N 84  
CYS HB3  H N N 85  
CYS HG   H N N 86  
CYS HXT  H N N 87  
GLN N    N N N 88  
GLN CA   C N S 89  
GLN C    C N N 90  
GLN O    O N N 91  
GLN CB   C N N 92  
GLN CG   C N N 93  
GLN CD   C N N 94  
GLN OE1  O N N 95  
GLN NE2  N N N 96  
GLN OXT  O N N 97  
GLN H    H N N 98  
GLN H2   H N N 99  
GLN HA   H N N 100 
GLN HB2  H N N 101 
GLN HB3  H N N 102 
GLN HG2  H N N 103 
GLN HG3  H N N 104 
GLN HE21 H N N 105 
GLN HE22 H N N 106 
GLN HXT  H N N 107 
GLU N    N N N 108 
GLU CA   C N S 109 
GLU C    C N N 110 
GLU O    O N N 111 
GLU CB   C N N 112 
GLU CG   C N N 113 
GLU CD   C N N 114 
GLU OE1  O N N 115 
GLU OE2  O N N 116 
GLU OXT  O N N 117 
GLU H    H N N 118 
GLU H2   H N N 119 
GLU HA   H N N 120 
GLU HB2  H N N 121 
GLU HB3  H N N 122 
GLU HG2  H N N 123 
GLU HG3  H N N 124 
GLU HE2  H N N 125 
GLU HXT  H N N 126 
GLY N    N N N 127 
GLY CA   C N N 128 
GLY C    C N N 129 
GLY O    O N N 130 
GLY OXT  O N N 131 
GLY H    H N N 132 
GLY H2   H N N 133 
GLY HA2  H N N 134 
GLY HA3  H N N 135 
GLY HXT  H N N 136 
HIS N    N N N 137 
HIS CA   C N S 138 
HIS C    C N N 139 
HIS O    O N N 140 
HIS CB   C N N 141 
HIS CG   C Y N 142 
HIS ND1  N Y N 143 
HIS CD2  C Y N 144 
HIS CE1  C Y N 145 
HIS NE2  N Y N 146 
HIS OXT  O N N 147 
HIS H    H N N 148 
HIS H2   H N N 149 
HIS HA   H N N 150 
HIS HB2  H N N 151 
HIS HB3  H N N 152 
HIS HD1  H N N 153 
HIS HD2  H N N 154 
HIS HE1  H N N 155 
HIS HE2  H N N 156 
HIS HXT  H N N 157 
HOH O    O N N 158 
HOH H1   H N N 159 
HOH H2   H N N 160 
ILE N    N N N 161 
ILE CA   C N S 162 
ILE C    C N N 163 
ILE O    O N N 164 
ILE CB   C N S 165 
ILE CG1  C N N 166 
ILE CG2  C N N 167 
ILE CD1  C N N 168 
ILE OXT  O N N 169 
ILE H    H N N 170 
ILE H2   H N N 171 
ILE HA   H N N 172 
ILE HB   H N N 173 
ILE HG12 H N N 174 
ILE HG13 H N N 175 
ILE HG21 H N N 176 
ILE HG22 H N N 177 
ILE HG23 H N N 178 
ILE HD11 H N N 179 
ILE HD12 H N N 180 
ILE HD13 H N N 181 
ILE HXT  H N N 182 
LEU N    N N N 183 
LEU CA   C N S 184 
LEU C    C N N 185 
LEU O    O N N 186 
LEU CB   C N N 187 
LEU CG   C N N 188 
LEU CD1  C N N 189 
LEU CD2  C N N 190 
LEU OXT  O N N 191 
LEU H    H N N 192 
LEU H2   H N N 193 
LEU HA   H N N 194 
LEU HB2  H N N 195 
LEU HB3  H N N 196 
LEU HG   H N N 197 
LEU HD11 H N N 198 
LEU HD12 H N N 199 
LEU HD13 H N N 200 
LEU HD21 H N N 201 
LEU HD22 H N N 202 
LEU HD23 H N N 203 
LEU HXT  H N N 204 
LYS N    N N N 205 
LYS CA   C N S 206 
LYS C    C N N 207 
LYS O    O N N 208 
LYS CB   C N N 209 
LYS CG   C N N 210 
LYS CD   C N N 211 
LYS CE   C N N 212 
LYS NZ   N N N 213 
LYS OXT  O N N 214 
LYS H    H N N 215 
LYS H2   H N N 216 
LYS HA   H N N 217 
LYS HB2  H N N 218 
LYS HB3  H N N 219 
LYS HG2  H N N 220 
LYS HG3  H N N 221 
LYS HD2  H N N 222 
LYS HD3  H N N 223 
LYS HE2  H N N 224 
LYS HE3  H N N 225 
LYS HZ1  H N N 226 
LYS HZ2  H N N 227 
LYS HZ3  H N N 228 
LYS HXT  H N N 229 
MET N    N N N 230 
MET CA   C N S 231 
MET C    C N N 232 
MET O    O N N 233 
MET CB   C N N 234 
MET CG   C N N 235 
MET SD   S N N 236 
MET CE   C N N 237 
MET OXT  O N N 238 
MET H    H N N 239 
MET H2   H N N 240 
MET HA   H N N 241 
MET HB2  H N N 242 
MET HB3  H N N 243 
MET HG2  H N N 244 
MET HG3  H N N 245 
MET HE1  H N N 246 
MET HE2  H N N 247 
MET HE3  H N N 248 
MET HXT  H N N 249 
PHE N    N N N 250 
PHE CA   C N S 251 
PHE C    C N N 252 
PHE O    O N N 253 
PHE CB   C N N 254 
PHE CG   C Y N 255 
PHE CD1  C Y N 256 
PHE CD2  C Y N 257 
PHE CE1  C Y N 258 
PHE CE2  C Y N 259 
PHE CZ   C Y N 260 
PHE OXT  O N N 261 
PHE H    H N N 262 
PHE H2   H N N 263 
PHE HA   H N N 264 
PHE HB2  H N N 265 
PHE HB3  H N N 266 
PHE HD1  H N N 267 
PHE HD2  H N N 268 
PHE HE1  H N N 269 
PHE HE2  H N N 270 
PHE HZ   H N N 271 
PHE HXT  H N N 272 
PRO N    N N N 273 
PRO CA   C N S 274 
PRO C    C N N 275 
PRO O    O N N 276 
PRO CB   C N N 277 
PRO CG   C N N 278 
PRO CD   C N N 279 
PRO OXT  O N N 280 
PRO H    H N N 281 
PRO HA   H N N 282 
PRO HB2  H N N 283 
PRO HB3  H N N 284 
PRO HG2  H N N 285 
PRO HG3  H N N 286 
PRO HD2  H N N 287 
PRO HD3  H N N 288 
PRO HXT  H N N 289 
SER N    N N N 290 
SER CA   C N S 291 
SER C    C N N 292 
SER O    O N N 293 
SER CB   C N N 294 
SER OG   O N N 295 
SER OXT  O N N 296 
SER H    H N N 297 
SER H2   H N N 298 
SER HA   H N N 299 
SER HB2  H N N 300 
SER HB3  H N N 301 
SER HG   H N N 302 
SER HXT  H N N 303 
SO4 S    S N N 304 
SO4 O1   O N N 305 
SO4 O2   O N N 306 
SO4 O3   O N N 307 
SO4 O4   O N N 308 
THR N    N N N 309 
THR CA   C N S 310 
THR C    C N N 311 
THR O    O N N 312 
THR CB   C N R 313 
THR OG1  O N N 314 
THR CG2  C N N 315 
THR OXT  O N N 316 
THR H    H N N 317 
THR H2   H N N 318 
THR HA   H N N 319 
THR HB   H N N 320 
THR HG1  H N N 321 
THR HG21 H N N 322 
THR HG22 H N N 323 
THR HG23 H N N 324 
THR HXT  H N N 325 
TYR N    N N N 326 
TYR CA   C N S 327 
TYR C    C N N 328 
TYR O    O N N 329 
TYR CB   C N N 330 
TYR CG   C Y N 331 
TYR CD1  C Y N 332 
TYR CD2  C Y N 333 
TYR CE1  C Y N 334 
TYR CE2  C Y N 335 
TYR CZ   C Y N 336 
TYR OH   O N N 337 
TYR OXT  O N N 338 
TYR H    H N N 339 
TYR H2   H N N 340 
TYR HA   H N N 341 
TYR HB2  H N N 342 
TYR HB3  H N N 343 
TYR HD1  H N N 344 
TYR HD2  H N N 345 
TYR HE1  H N N 346 
TYR HE2  H N N 347 
TYR HH   H N N 348 
TYR HXT  H N N 349 
VAL N    N N N 350 
VAL CA   C N S 351 
VAL C    C N N 352 
VAL O    O N N 353 
VAL CB   C N N 354 
VAL CG1  C N N 355 
VAL CG2  C N N 356 
VAL OXT  O N N 357 
VAL H    H N N 358 
VAL H2   H N N 359 
VAL HA   H N N 360 
VAL HB   H N N 361 
VAL HG11 H N N 362 
VAL HG12 H N N 363 
VAL HG13 H N N 364 
VAL HG21 H N N 365 
VAL HG22 H N N 366 
VAL HG23 H N N 367 
VAL HXT  H N N 368 
# 
loop_
_chem_comp_bond.comp_id 
_chem_comp_bond.atom_id_1 
_chem_comp_bond.atom_id_2 
_chem_comp_bond.value_order 
_chem_comp_bond.pdbx_aromatic_flag 
_chem_comp_bond.pdbx_stereo_config 
_chem_comp_bond.pdbx_ordinal 
ALA N   CA   sing N N 1   
ALA N   H    sing N N 2   
ALA N   H2   sing N N 3   
ALA CA  C    sing N N 4   
ALA CA  CB   sing N N 5   
ALA CA  HA   sing N N 6   
ALA C   O    doub N N 7   
ALA C   OXT  sing N N 8   
ALA CB  HB1  sing N N 9   
ALA CB  HB2  sing N N 10  
ALA CB  HB3  sing N N 11  
ALA OXT HXT  sing N N 12  
ARG N   CA   sing N N 13  
ARG N   H    sing N N 14  
ARG N   H2   sing N N 15  
ARG CA  C    sing N N 16  
ARG CA  CB   sing N N 17  
ARG CA  HA   sing N N 18  
ARG C   O    doub N N 19  
ARG C   OXT  sing N N 20  
ARG CB  CG   sing N N 21  
ARG CB  HB2  sing N N 22  
ARG CB  HB3  sing N N 23  
ARG CG  CD   sing N N 24  
ARG CG  HG2  sing N N 25  
ARG CG  HG3  sing N N 26  
ARG CD  NE   sing N N 27  
ARG CD  HD2  sing N N 28  
ARG CD  HD3  sing N N 29  
ARG NE  CZ   sing N N 30  
ARG NE  HE   sing N N 31  
ARG CZ  NH1  sing N N 32  
ARG CZ  NH2  doub N N 33  
ARG NH1 HH11 sing N N 34  
ARG NH1 HH12 sing N N 35  
ARG NH2 HH21 sing N N 36  
ARG NH2 HH22 sing N N 37  
ARG OXT HXT  sing N N 38  
ASN N   CA   sing N N 39  
ASN N   H    sing N N 40  
ASN N   H2   sing N N 41  
ASN CA  C    sing N N 42  
ASN CA  CB   sing N N 43  
ASN CA  HA   sing N N 44  
ASN C   O    doub N N 45  
ASN C   OXT  sing N N 46  
ASN CB  CG   sing N N 47  
ASN CB  HB2  sing N N 48  
ASN CB  HB3  sing N N 49  
ASN CG  OD1  doub N N 50  
ASN CG  ND2  sing N N 51  
ASN ND2 HD21 sing N N 52  
ASN ND2 HD22 sing N N 53  
ASN OXT HXT  sing N N 54  
ASP N   CA   sing N N 55  
ASP N   H    sing N N 56  
ASP N   H2   sing N N 57  
ASP CA  C    sing N N 58  
ASP CA  CB   sing N N 59  
ASP CA  HA   sing N N 60  
ASP C   O    doub N N 61  
ASP C   OXT  sing N N 62  
ASP CB  CG   sing N N 63  
ASP CB  HB2  sing N N 64  
ASP CB  HB3  sing N N 65  
ASP CG  OD1  doub N N 66  
ASP CG  OD2  sing N N 67  
ASP OD2 HD2  sing N N 68  
ASP OXT HXT  sing N N 69  
CYS N   CA   sing N N 70  
CYS N   H    sing N N 71  
CYS N   H2   sing N N 72  
CYS CA  C    sing N N 73  
CYS CA  CB   sing N N 74  
CYS CA  HA   sing N N 75  
CYS C   O    doub N N 76  
CYS C   OXT  sing N N 77  
CYS CB  SG   sing N N 78  
CYS CB  HB2  sing N N 79  
CYS CB  HB3  sing N N 80  
CYS SG  HG   sing N N 81  
CYS OXT HXT  sing N N 82  
GLN N   CA   sing N N 83  
GLN N   H    sing N N 84  
GLN N   H2   sing N N 85  
GLN CA  C    sing N N 86  
GLN CA  CB   sing N N 87  
GLN CA  HA   sing N N 88  
GLN C   O    doub N N 89  
GLN C   OXT  sing N N 90  
GLN CB  CG   sing N N 91  
GLN CB  HB2  sing N N 92  
GLN CB  HB3  sing N N 93  
GLN CG  CD   sing N N 94  
GLN CG  HG2  sing N N 95  
GLN CG  HG3  sing N N 96  
GLN CD  OE1  doub N N 97  
GLN CD  NE2  sing N N 98  
GLN NE2 HE21 sing N N 99  
GLN NE2 HE22 sing N N 100 
GLN OXT HXT  sing N N 101 
GLU N   CA   sing N N 102 
GLU N   H    sing N N 103 
GLU N   H2   sing N N 104 
GLU CA  C    sing N N 105 
GLU CA  CB   sing N N 106 
GLU CA  HA   sing N N 107 
GLU C   O    doub N N 108 
GLU C   OXT  sing N N 109 
GLU CB  CG   sing N N 110 
GLU CB  HB2  sing N N 111 
GLU CB  HB3  sing N N 112 
GLU CG  CD   sing N N 113 
GLU CG  HG2  sing N N 114 
GLU CG  HG3  sing N N 115 
GLU CD  OE1  doub N N 116 
GLU CD  OE2  sing N N 117 
GLU OE2 HE2  sing N N 118 
GLU OXT HXT  sing N N 119 
GLY N   CA   sing N N 120 
GLY N   H    sing N N 121 
GLY N   H2   sing N N 122 
GLY CA  C    sing N N 123 
GLY CA  HA2  sing N N 124 
GLY CA  HA3  sing N N 125 
GLY C   O    doub N N 126 
GLY C   OXT  sing N N 127 
GLY OXT HXT  sing N N 128 
HIS N   CA   sing N N 129 
HIS N   H    sing N N 130 
HIS N   H2   sing N N 131 
HIS CA  C    sing N N 132 
HIS CA  CB   sing N N 133 
HIS CA  HA   sing N N 134 
HIS C   O    doub N N 135 
HIS C   OXT  sing N N 136 
HIS CB  CG   sing N N 137 
HIS CB  HB2  sing N N 138 
HIS CB  HB3  sing N N 139 
HIS CG  ND1  sing Y N 140 
HIS CG  CD2  doub Y N 141 
HIS ND1 CE1  doub Y N 142 
HIS ND1 HD1  sing N N 143 
HIS CD2 NE2  sing Y N 144 
HIS CD2 HD2  sing N N 145 
HIS CE1 NE2  sing Y N 146 
HIS CE1 HE1  sing N N 147 
HIS NE2 HE2  sing N N 148 
HIS OXT HXT  sing N N 149 
HOH O   H1   sing N N 150 
HOH O   H2   sing N N 151 
ILE N   CA   sing N N 152 
ILE N   H    sing N N 153 
ILE N   H2   sing N N 154 
ILE CA  C    sing N N 155 
ILE CA  CB   sing N N 156 
ILE CA  HA   sing N N 157 
ILE C   O    doub N N 158 
ILE C   OXT  sing N N 159 
ILE CB  CG1  sing N N 160 
ILE CB  CG2  sing N N 161 
ILE CB  HB   sing N N 162 
ILE CG1 CD1  sing N N 163 
ILE CG1 HG12 sing N N 164 
ILE CG1 HG13 sing N N 165 
ILE CG2 HG21 sing N N 166 
ILE CG2 HG22 sing N N 167 
ILE CG2 HG23 sing N N 168 
ILE CD1 HD11 sing N N 169 
ILE CD1 HD12 sing N N 170 
ILE CD1 HD13 sing N N 171 
ILE OXT HXT  sing N N 172 
LEU N   CA   sing N N 173 
LEU N   H    sing N N 174 
LEU N   H2   sing N N 175 
LEU CA  C    sing N N 176 
LEU CA  CB   sing N N 177 
LEU CA  HA   sing N N 178 
LEU C   O    doub N N 179 
LEU C   OXT  sing N N 180 
LEU CB  CG   sing N N 181 
LEU CB  HB2  sing N N 182 
LEU CB  HB3  sing N N 183 
LEU CG  CD1  sing N N 184 
LEU CG  CD2  sing N N 185 
LEU CG  HG   sing N N 186 
LEU CD1 HD11 sing N N 187 
LEU CD1 HD12 sing N N 188 
LEU CD1 HD13 sing N N 189 
LEU CD2 HD21 sing N N 190 
LEU CD2 HD22 sing N N 191 
LEU CD2 HD23 sing N N 192 
LEU OXT HXT  sing N N 193 
LYS N   CA   sing N N 194 
LYS N   H    sing N N 195 
LYS N   H2   sing N N 196 
LYS CA  C    sing N N 197 
LYS CA  CB   sing N N 198 
LYS CA  HA   sing N N 199 
LYS C   O    doub N N 200 
LYS C   OXT  sing N N 201 
LYS CB  CG   sing N N 202 
LYS CB  HB2  sing N N 203 
LYS CB  HB3  sing N N 204 
LYS CG  CD   sing N N 205 
LYS CG  HG2  sing N N 206 
LYS CG  HG3  sing N N 207 
LYS CD  CE   sing N N 208 
LYS CD  HD2  sing N N 209 
LYS CD  HD3  sing N N 210 
LYS CE  NZ   sing N N 211 
LYS CE  HE2  sing N N 212 
LYS CE  HE3  sing N N 213 
LYS NZ  HZ1  sing N N 214 
LYS NZ  HZ2  sing N N 215 
LYS NZ  HZ3  sing N N 216 
LYS OXT HXT  sing N N 217 
MET N   CA   sing N N 218 
MET N   H    sing N N 219 
MET N   H2   sing N N 220 
MET CA  C    sing N N 221 
MET CA  CB   sing N N 222 
MET CA  HA   sing N N 223 
MET C   O    doub N N 224 
MET C   OXT  sing N N 225 
MET CB  CG   sing N N 226 
MET CB  HB2  sing N N 227 
MET CB  HB3  sing N N 228 
MET CG  SD   sing N N 229 
MET CG  HG2  sing N N 230 
MET CG  HG3  sing N N 231 
MET SD  CE   sing N N 232 
MET CE  HE1  sing N N 233 
MET CE  HE2  sing N N 234 
MET CE  HE3  sing N N 235 
MET OXT HXT  sing N N 236 
PHE N   CA   sing N N 237 
PHE N   H    sing N N 238 
PHE N   H2   sing N N 239 
PHE CA  C    sing N N 240 
PHE CA  CB   sing N N 241 
PHE CA  HA   sing N N 242 
PHE C   O    doub N N 243 
PHE C   OXT  sing N N 244 
PHE CB  CG   sing N N 245 
PHE CB  HB2  sing N N 246 
PHE CB  HB3  sing N N 247 
PHE CG  CD1  doub Y N 248 
PHE CG  CD2  sing Y N 249 
PHE CD1 CE1  sing Y N 250 
PHE CD1 HD1  sing N N 251 
PHE CD2 CE2  doub Y N 252 
PHE CD2 HD2  sing N N 253 
PHE CE1 CZ   doub Y N 254 
PHE CE1 HE1  sing N N 255 
PHE CE2 CZ   sing Y N 256 
PHE CE2 HE2  sing N N 257 
PHE CZ  HZ   sing N N 258 
PHE OXT HXT  sing N N 259 
PRO N   CA   sing N N 260 
PRO N   CD   sing N N 261 
PRO N   H    sing N N 262 
PRO CA  C    sing N N 263 
PRO CA  CB   sing N N 264 
PRO CA  HA   sing N N 265 
PRO C   O    doub N N 266 
PRO C   OXT  sing N N 267 
PRO CB  CG   sing N N 268 
PRO CB  HB2  sing N N 269 
PRO CB  HB3  sing N N 270 
PRO CG  CD   sing N N 271 
PRO CG  HG2  sing N N 272 
PRO CG  HG3  sing N N 273 
PRO CD  HD2  sing N N 274 
PRO CD  HD3  sing N N 275 
PRO OXT HXT  sing N N 276 
SER N   CA   sing N N 277 
SER N   H    sing N N 278 
SER N   H2   sing N N 279 
SER CA  C    sing N N 280 
SER CA  CB   sing N N 281 
SER CA  HA   sing N N 282 
SER C   O    doub N N 283 
SER C   OXT  sing N N 284 
SER CB  OG   sing N N 285 
SER CB  HB2  sing N N 286 
SER CB  HB3  sing N N 287 
SER OG  HG   sing N N 288 
SER OXT HXT  sing N N 289 
SO4 S   O1   doub N N 290 
SO4 S   O2   doub N N 291 
SO4 S   O3   sing N N 292 
SO4 S   O4   sing N N 293 
THR N   CA   sing N N 294 
THR N   H    sing N N 295 
THR N   H2   sing N N 296 
THR CA  C    sing N N 297 
THR CA  CB   sing N N 298 
THR CA  HA   sing N N 299 
THR C   O    doub N N 300 
THR C   OXT  sing N N 301 
THR CB  OG1  sing N N 302 
THR CB  CG2  sing N N 303 
THR CB  HB   sing N N 304 
THR OG1 HG1  sing N N 305 
THR CG2 HG21 sing N N 306 
THR CG2 HG22 sing N N 307 
THR CG2 HG23 sing N N 308 
THR OXT HXT  sing N N 309 
TYR N   CA   sing N N 310 
TYR N   H    sing N N 311 
TYR N   H2   sing N N 312 
TYR CA  C    sing N N 313 
TYR CA  CB   sing N N 314 
TYR CA  HA   sing N N 315 
TYR C   O    doub N N 316 
TYR C   OXT  sing N N 317 
TYR CB  CG   sing N N 318 
TYR CB  HB2  sing N N 319 
TYR CB  HB3  sing N N 320 
TYR CG  CD1  doub Y N 321 
TYR CG  CD2  sing Y N 322 
TYR CD1 CE1  sing Y N 323 
TYR CD1 HD1  sing N N 324 
TYR CD2 CE2  doub Y N 325 
TYR CD2 HD2  sing N N 326 
TYR CE1 CZ   doub Y N 327 
TYR CE1 HE1  sing N N 328 
TYR CE2 CZ   sing Y N 329 
TYR CE2 HE2  sing N N 330 
TYR CZ  OH   sing N N 331 
TYR OH  HH   sing N N 332 
TYR OXT HXT  sing N N 333 
VAL N   CA   sing N N 334 
VAL N   H    sing N N 335 
VAL N   H2   sing N N 336 
VAL CA  C    sing N N 337 
VAL CA  CB   sing N N 338 
VAL CA  HA   sing N N 339 
VAL C   O    doub N N 340 
VAL C   OXT  sing N N 341 
VAL CB  CG1  sing N N 342 
VAL CB  CG2  sing N N 343 
VAL CB  HB   sing N N 344 
VAL CG1 HG11 sing N N 345 
VAL CG1 HG12 sing N N 346 
VAL CG1 HG13 sing N N 347 
VAL CG2 HG21 sing N N 348 
VAL CG2 HG22 sing N N 349 
VAL CG2 HG23 sing N N 350 
VAL OXT HXT  sing N N 351 
# 
_atom_sites.entry_id                    3EMU 
_atom_sites.fract_transf_matrix[1][1]   0.00086720 
_atom_sites.fract_transf_matrix[1][2]   0.00884406 
_atom_sites.fract_transf_matrix[1][3]   -0.01115017 
_atom_sites.fract_transf_matrix[2][1]   0.00638056 
_atom_sites.fract_transf_matrix[2][2]   -0.00427676 
_atom_sites.fract_transf_matrix[2][3]   -0.01201201 
_atom_sites.fract_transf_matrix[3][1]   -0.00965453 
_atom_sites.fract_transf_matrix[3][2]   -0.00380906 
_atom_sites.fract_transf_matrix[3][3]   -0.00377214 
_atom_sites.fract_transf_vector[1]      0.569181 
_atom_sites.fract_transf_vector[2]      0.312473 
_atom_sites.fract_transf_vector[3]      0.059683 
# 
loop_
_atom_type.symbol 
C 
N 
O 
S 
# 
loop_
_atom_site.group_PDB 
_atom_site.id 
_atom_site.type_symbol 
_atom_site.label_atom_id 
_atom_site.label_alt_id 
_atom_site.label_comp_id 
_atom_site.label_asym_id 
_atom_site.label_entity_id 
_atom_site.label_seq_id 
_atom_site.pdbx_PDB_ins_code 
_atom_site.Cartn_x 
_atom_site.Cartn_y 
_atom_site.Cartn_z 
_atom_site.occupancy 
_atom_site.B_iso_or_equiv 
_atom_site.pdbx_formal_charge 
_atom_site.auth_seq_id 
_atom_site.auth_comp_id 
_atom_site.auth_asym_id 
_atom_site.auth_atom_id 
_atom_site.pdbx_PDB_model_num 
ATOM   1    N N   . THR A 1 4   ? -22.101 -1.821  5.368   1.00 72.48  ? 307 THR A N   1 
ATOM   2    C CA  . THR A 1 4   ? -22.055 -1.961  3.860   1.00 72.01  ? 307 THR A CA  1 
ATOM   3    C C   . THR A 1 4   ? -21.607 -0.664  3.121   1.00 69.23  ? 307 THR A C   1 
ATOM   4    O O   . THR A 1 4   ? -20.963 -0.700  2.088   1.00 67.97  ? 307 THR A O   1 
ATOM   5    C CB  . THR A 1 4   ? -23.400 -2.583  3.333   1.00 73.21  ? 307 THR A CB  1 
ATOM   6    O OG1 . THR A 1 4   ? -23.154 -3.421  2.185   1.00 78.40  ? 307 THR A OG1 1 
ATOM   7    C CG2 . THR A 1 4   ? -24.447 -1.515  3.013   1.00 73.96  ? 307 THR A CG2 1 
ATOM   8    N N   . PHE A 1 5   ? -21.915 0.493   3.691   1.00 67.71  ? 308 PHE A N   1 
ATOM   9    C CA  . PHE A 1 5   ? -21.418 1.747   3.121   1.00 65.93  ? 308 PHE A CA  1 
ATOM   10   C C   . PHE A 1 5   ? -19.883 1.909   3.115   1.00 65.31  ? 308 PHE A C   1 
ATOM   11   O O   . PHE A 1 5   ? -19.321 2.425   2.143   1.00 64.49  ? 308 PHE A O   1 
ATOM   12   C CB  . PHE A 1 5   ? -22.122 2.976   3.739   1.00 65.80  ? 308 PHE A CB  1 
ATOM   13   C CG  . PHE A 1 5   ? -23.491 3.246   3.151   1.00 65.03  ? 308 PHE A CG  1 
ATOM   14   C CD1 . PHE A 1 5   ? -23.623 4.037   2.017   1.00 63.40  ? 308 PHE A CD1 1 
ATOM   15   C CD2 . PHE A 1 5   ? -24.643 2.659   3.686   1.00 63.84  ? 308 PHE A CD2 1 
ATOM   16   C CE1 . PHE A 1 5   ? -24.870 4.267   1.433   1.00 62.64  ? 308 PHE A CE1 1 
ATOM   17   C CE2 . PHE A 1 5   ? -25.917 2.877   3.088   1.00 63.45  ? 308 PHE A CE2 1 
ATOM   18   C CZ  . PHE A 1 5   ? -26.028 3.696   1.974   1.00 61.35  ? 308 PHE A CZ  1 
ATOM   19   N N   . PRO A 1 6   ? -19.187 1.472   4.191   1.00 65.13  ? 309 PRO A N   1 
ATOM   20   C CA  . PRO A 1 6   ? -17.719 1.651   4.261   1.00 64.50  ? 309 PRO A CA  1 
ATOM   21   C C   . PRO A 1 6   ? -16.985 1.091   3.051   1.00 64.10  ? 309 PRO A C   1 
ATOM   22   O O   . PRO A 1 6   ? -16.011 1.691   2.613   1.00 63.49  ? 309 PRO A O   1 
ATOM   23   C CB  . PRO A 1 6   ? -17.329 0.864   5.517   1.00 64.60  ? 309 PRO A CB  1 
ATOM   24   C CG  . PRO A 1 6   ? -18.525 1.036   6.403   1.00 65.76  ? 309 PRO A CG  1 
ATOM   25   C CD  . PRO A 1 6   ? -19.719 0.927   5.450   1.00 64.71  ? 309 PRO A CD  1 
ATOM   26   N N   . THR A 1 7   ? -17.464 -0.029  2.502   1.00 63.37  ? 310 THR A N   1 
ATOM   27   C CA  . THR A 1 7   ? -16.858 -0.622  1.324   1.00 63.20  ? 310 THR A CA  1 
ATOM   28   C C   . THR A 1 7   ? -16.763 0.344   0.138   1.00 62.20  ? 310 THR A C   1 
ATOM   29   O O   . THR A 1 7   ? -15.977 0.123   -0.780  1.00 63.13  ? 310 THR A O   1 
ATOM   30   C CB  . THR A 1 7   ? -17.630 -1.910  0.877   1.00 64.07  ? 310 THR A CB  1 
ATOM   31   O OG1 . THR A 1 7   ? -18.957 -1.549  0.427   1.00 66.25  ? 310 THR A OG1 1 
ATOM   32   C CG2 . THR A 1 7   ? -17.797 -2.830  2.046   1.00 65.25  ? 310 THR A CG2 1 
ATOM   33   N N   . LEU A 1 8   ? -17.563 1.395   0.124   1.00 61.59  ? 311 LEU A N   1 
ATOM   34   C CA  . LEU A 1 8   ? -17.598 2.297   -1.023  1.00 61.93  ? 311 LEU A CA  1 
ATOM   35   C C   . LEU A 1 8   ? -16.491 3.389   -0.989  1.00 61.98  ? 311 LEU A C   1 
ATOM   36   O O   . LEU A 1 8   ? -16.347 4.151   -1.926  1.00 61.41  ? 311 LEU A O   1 
ATOM   37   C CB  . LEU A 1 8   ? -18.976 2.984   -1.120  1.00 62.29  ? 311 LEU A CB  1 
ATOM   38   C CG  . LEU A 1 8   ? -20.234 2.140   -1.352  1.00 61.78  ? 311 LEU A CG  1 
ATOM   39   C CD1 . LEU A 1 8   ? -21.405 3.079   -1.534  1.00 62.36  ? 311 LEU A CD1 1 
ATOM   40   C CD2 . LEU A 1 8   ? -20.055 1.314   -2.591  1.00 59.55  ? 311 LEU A CD2 1 
ATOM   41   N N   . SER A 1 9   ? -15.763 3.486   0.110   1.00 62.10  ? 312 SER A N   1 
ATOM   42   C CA  . SER A 1 9   ? -14.704 4.495   0.236   1.00 63.27  ? 312 SER A CA  1 
ATOM   43   C C   . SER A 1 9   ? -13.360 3.898   0.583   1.00 61.66  ? 312 SER A C   1 
ATOM   44   O O   . SER A 1 9   ? -13.281 3.051   1.471   1.00 60.36  ? 312 SER A O   1 
ATOM   45   C CB  . SER A 1 9   ? -15.045 5.490   1.343   1.00 63.27  ? 312 SER A CB  1 
ATOM   46   O OG  . SER A 1 9   ? -16.013 6.368   0.821   1.00 69.85  ? 312 SER A OG  1 
ATOM   47   N N   . PRO A 1 10  ? -12.297 4.380   -0.080  1.00 61.60  ? 313 PRO A N   1 
ATOM   48   C CA  . PRO A 1 10  ? -10.958 4.075   0.469   1.00 60.77  ? 313 PRO A CA  1 
ATOM   49   C C   . PRO A 1 10  ? -10.740 4.608   1.909   1.00 59.80  ? 313 PRO A C   1 
ATOM   50   O O   . PRO A 1 10  ? -11.519 5.438   2.416   1.00 57.83  ? 313 PRO A O   1 
ATOM   51   C CB  . PRO A 1 10  ? -10.002 4.739   -0.522  1.00 60.50  ? 313 PRO A CB  1 
ATOM   52   C CG  . PRO A 1 10  ? -10.811 5.038   -1.764  1.00 60.91  ? 313 PRO A CG  1 
ATOM   53   C CD  . PRO A 1 10  ? -12.226 5.271   -1.261  1.00 61.50  ? 313 PRO A CD  1 
ATOM   54   N N   . THR A 1 11  ? -9.710  4.077   2.563   1.00 59.80  ? 314 THR A N   1 
ATOM   55   C CA  . THR A 1 11  ? -9.300  4.502   3.898   1.00 60.79  ? 314 THR A CA  1 
ATOM   56   C C   . THR A 1 11  ? -7.954  5.268   3.884   1.00 61.56  ? 314 THR A C   1 
ATOM   57   O O   . THR A 1 11  ? -6.935  4.830   3.284   1.00 62.44  ? 314 THR A O   1 
ATOM   58   C CB  . THR A 1 11  ? -9.217  3.294   4.863   1.00 60.97  ? 314 THR A CB  1 
ATOM   59   O OG1 . THR A 1 11  ? -10.476 2.618   4.849   1.00 62.52  ? 314 THR A OG1 1 
ATOM   60   C CG2 . THR A 1 11  ? -8.904  3.724   6.318   1.00 60.42  ? 314 THR A CG2 1 
ATOM   61   N N   . GLN A 1 12  ? -7.955  6.426   4.519   1.00 62.05  ? 315 GLN A N   1 
ATOM   62   C CA  . GLN A 1 12  ? -6.728  7.217   4.602   1.00 62.59  ? 315 GLN A CA  1 
ATOM   63   C C   . GLN A 1 12  ? -5.850  6.616   5.695   1.00 62.40  ? 315 GLN A C   1 
ATOM   64   O O   . GLN A 1 12  ? -6.321  6.376   6.837   1.00 61.34  ? 315 GLN A O   1 
ATOM   65   C CB  . GLN A 1 12  ? -6.998  8.682   4.951   1.00 62.67  ? 315 GLN A CB  1 
ATOM   66   C CG  . GLN A 1 12  ? -5.653  9.415   5.013   1.00 66.66  ? 315 GLN A CG  1 
ATOM   67   C CD  . GLN A 1 12  ? -5.737  10.911  5.137   1.00 69.14  ? 315 GLN A CD  1 
ATOM   68   O OE1 . GLN A 1 12  ? -6.154  11.605  4.216   1.00 68.28  ? 315 GLN A OE1 1 
ATOM   69   N NE2 . GLN A 1 12  ? -5.259  11.426  6.258   1.00 68.58  ? 315 GLN A NE2 1 
ATOM   70   N N   . ILE A 1 13  ? -4.591  6.351   5.357   1.00 61.52  ? 316 ILE A N   1 
ATOM   71   C CA  . ILE A 1 13  ? -3.755  5.634   6.338   1.00 62.09  ? 316 ILE A CA  1 
ATOM   72   C C   . ILE A 1 13  ? -2.896  6.636   7.178   1.00 62.48  ? 316 ILE A C   1 
ATOM   73   O O   . ILE A 1 13  ? -2.948  6.633   8.390   1.00 61.43  ? 316 ILE A O   1 
ATOM   74   C CB  . ILE A 1 13  ? -2.917  4.505   5.686   1.00 62.15  ? 316 ILE A CB  1 
ATOM   75   C CG1 . ILE A 1 13  ? -3.858  3.400   5.096   1.00 61.85  ? 316 ILE A CG1 1 
ATOM   76   C CG2 . ILE A 1 13  ? -1.892  3.945   6.687   1.00 59.95  ? 316 ILE A CG2 1 
ATOM   77   C CD1 . ILE A 1 13  ? -4.864  2.780   6.134   1.00 62.77  ? 316 ILE A CD1 1 
ATOM   78   N N   . ILE A 1 14  ? -2.184  7.508   6.471   1.00 62.72  ? 317 ILE A N   1 
ATOM   79   C CA  . ILE A 1 14  ? -1.497  8.669   7.005   1.00 64.14  ? 317 ILE A CA  1 
ATOM   80   C C   . ILE A 1 14  ? -1.709  9.631   5.846   1.00 64.79  ? 317 ILE A C   1 
ATOM   81   O O   . ILE A 1 14  ? -2.236  9.248   4.801   1.00 64.11  ? 317 ILE A O   1 
ATOM   82   C CB  . ILE A 1 14  ? 0.069   8.436   7.218   1.00 63.50  ? 317 ILE A CB  1 
ATOM   83   C CG1 . ILE A 1 14  ? 0.760   8.187   5.878   1.00 65.09  ? 317 ILE A CG1 1 
ATOM   84   C CG2 . ILE A 1 14  ? 0.360   7.301   8.241   1.00 61.31  ? 317 ILE A CG2 1 
ATOM   85   C CD1 . ILE A 1 14  ? 2.283   8.106   5.941   1.00 67.83  ? 317 ILE A CD1 1 
ATOM   86   N N   . GLN A 1 15  ? -1.279  10.860  6.016   1.00 65.83  ? 318 GLN A N   1 
ATOM   87   C CA  . GLN A 1 15  ? -1.521  11.884  5.025   1.00 67.28  ? 318 GLN A CA  1 
ATOM   88   C C   . GLN A 1 15  ? -0.931  11.524  3.674   1.00 66.53  ? 318 GLN A C   1 
ATOM   89   O O   . GLN A 1 15  ? 0.185   11.015  3.589   1.00 65.67  ? 318 GLN A O   1 
ATOM   90   C CB  . GLN A 1 15  ? -0.972  13.226  5.520   1.00 68.28  ? 318 GLN A CB  1 
ATOM   91   C CG  . GLN A 1 15  ? -1.105  14.333  4.503   1.00 73.33  ? 318 GLN A CG  1 
ATOM   92   C CD  . GLN A 1 15  ? -0.328  15.590  4.911   1.00 82.14  ? 318 GLN A CD  1 
ATOM   93   O OE1 . GLN A 1 15  ? 0.847   15.514  5.353   1.00 82.74  ? 318 GLN A OE1 1 
ATOM   94   N NE2 . GLN A 1 15  ? -0.979  16.762  4.759   1.00 81.63  ? 318 GLN A NE2 1 
ATOM   95   N N   . TYR A 1 16  ? -1.709  11.776  2.614   1.00 66.63  ? 319 TYR A N   1 
ATOM   96   C CA  . TYR A 1 16  ? -1.354  11.394  1.221   1.00 66.34  ? 319 TYR A CA  1 
ATOM   97   C C   . TYR A 1 16  ? -1.483  9.896   0.840   1.00 64.52  ? 319 TYR A C   1 
ATOM   98   O O   . TYR A 1 16  ? -1.329  9.549   -0.322  1.00 65.00  ? 319 TYR A O   1 
ATOM   99   C CB  . TYR A 1 16  ? 0.057   11.886  0.859   1.00 67.19  ? 319 TYR A CB  1 
ATOM   100  C CG  . TYR A 1 16  ? 0.269   13.357  1.090   1.00 72.21  ? 319 TYR A CG  1 
ATOM   101  C CD1 . TYR A 1 16  ? -0.638  14.300  0.590   1.00 77.70  ? 319 TYR A CD1 1 
ATOM   102  C CD2 . TYR A 1 16  ? 1.363   13.811  1.828   1.00 75.74  ? 319 TYR A CD2 1 
ATOM   103  C CE1 . TYR A 1 16  ? -0.462  15.657  0.812   1.00 80.74  ? 319 TYR A CE1 1 
ATOM   104  C CE2 . TYR A 1 16  ? 1.555   15.149  2.053   1.00 80.05  ? 319 TYR A CE2 1 
ATOM   105  C CZ  . TYR A 1 16  ? 0.644   16.075  1.546   1.00 83.28  ? 319 TYR A CZ  1 
ATOM   106  O OH  . TYR A 1 16  ? 0.851   17.423  1.769   1.00 87.57  ? 319 TYR A OH  1 
ATOM   107  N N   . ILE A 1 17  ? -1.742  9.025   1.812   1.00 63.25  ? 320 ILE A N   1 
ATOM   108  C CA  . ILE A 1 17  ? -1.749  7.580   1.597   1.00 61.74  ? 320 ILE A CA  1 
ATOM   109  C C   . ILE A 1 17  ? -3.145  7.005   1.866   1.00 60.69  ? 320 ILE A C   1 
ATOM   110  O O   . ILE A 1 17  ? -3.691  7.086   2.996   1.00 59.09  ? 320 ILE A O   1 
ATOM   111  C CB  . ILE A 1 17  ? -0.766  6.864   2.571   1.00 62.81  ? 320 ILE A CB  1 
ATOM   112  C CG1 . ILE A 1 17  ? 0.654   7.460   2.491   1.00 62.21  ? 320 ILE A CG1 1 
ATOM   113  C CG2 . ILE A 1 17  ? -0.790  5.321   2.381   1.00 61.28  ? 320 ILE A CG2 1 
ATOM   114  C CD1 . ILE A 1 17  ? 1.384   7.241   1.180   1.00 62.32  ? 320 ILE A CD1 1 
ATOM   115  N N   . HIS A 1 18  ? -3.698  6.377   0.823   1.00 60.37  ? 321 HIS A N   1 
ATOM   116  C CA  . HIS A 1 18  ? -5.047  5.816   0.909   1.00 58.81  ? 321 HIS A CA  1 
ATOM   117  C C   . HIS A 1 18  ? -5.020  4.364   0.461   1.00 58.17  ? 321 HIS A C   1 
ATOM   118  O O   . HIS A 1 18  ? -4.346  3.986   -0.500  1.00 57.94  ? 321 HIS A O   1 
ATOM   119  C CB  . HIS A 1 18  ? -6.022  6.664   0.092   1.00 58.48  ? 321 HIS A CB  1 
ATOM   120  C CG  . HIS A 1 18  ? -6.050  8.123   0.479   1.00 59.15  ? 321 HIS A CG  1 
ATOM   121  N ND1 . HIS A 1 18  ? -7.078  8.686   1.222   1.00 58.08  ? 321 HIS A ND1 1 
ATOM   122  C CD2 . HIS A 1 18  ? -5.208  9.146   0.176   1.00 58.38  ? 321 HIS A CD2 1 
ATOM   123  C CE1 . HIS A 1 18  ? -6.867  9.985   1.359   1.00 57.28  ? 321 HIS A CE1 1 
ATOM   124  N NE2 . HIS A 1 18  ? -5.732  10.288  0.750   1.00 58.90  ? 321 HIS A NE2 1 
ATOM   125  N N   . LEU A 1 19  ? -5.750  3.560   1.208   1.00 57.46  ? 322 LEU A N   1 
ATOM   126  C CA  . LEU A 1 19  ? -5.850  2.136   0.987   1.00 57.31  ? 322 LEU A CA  1 
ATOM   127  C C   . LEU A 1 19  ? -7.284  1.767   0.482   1.00 57.13  ? 322 LEU A C   1 
ATOM   128  O O   . LEU A 1 19  ? -8.292  2.137   1.113   1.00 55.81  ? 322 LEU A O   1 
ATOM   129  C CB  . LEU A 1 19  ? -5.563  1.440   2.300   1.00 55.98  ? 322 LEU A CB  1 
ATOM   130  C CG  . LEU A 1 19  ? -5.481  -0.069  2.279   1.00 56.11  ? 322 LEU A CG  1 
ATOM   131  C CD1 . LEU A 1 19  ? -4.507  -0.545  1.203   1.00 56.64  ? 322 LEU A CD1 1 
ATOM   132  C CD2 . LEU A 1 19  ? -5.099  -0.543  3.679   1.00 55.81  ? 322 LEU A CD2 1 
ATOM   133  N N   . GLY A 1 20  ? -7.359  1.086   -0.658  1.00 56.92  ? 323 GLY A N   1 
ATOM   134  C CA  . GLY A 1 20  ? -8.660  0.719   -1.227  1.00 58.23  ? 323 GLY A CA  1 
ATOM   135  C C   . GLY A 1 20  ? -8.730  -0.558  -2.085  1.00 59.16  ? 323 GLY A C   1 
ATOM   136  O O   . GLY A 1 20  ? -7.769  -1.349  -2.163  1.00 59.10  ? 323 GLY A O   1 
ATOM   137  N N   . SER A 1 21  ? -9.876  -0.735  -2.746  1.00 59.42  ? 324 SER A N   1 
ATOM   138  C CA  . SER A 1 21  ? -10.147 -1.889  -3.601  1.00 59.98  ? 324 SER A CA  1 
ATOM   139  C C   . SER A 1 21  ? -10.475 -1.394  -5.017  1.00 61.03  ? 324 SER A C   1 
ATOM   140  O O   . SER A 1 21  ? -10.790 -0.204  -5.208  1.00 60.83  ? 324 SER A O   1 
ATOM   141  C CB  . SER A 1 21  ? -11.352 -2.656  -3.052  1.00 59.87  ? 324 SER A CB  1 
ATOM   142  O OG  . SER A 1 21  ? -12.505 -1.817  -3.054  1.00 58.38  ? 324 SER A OG  1 
ATOM   143  N N   . PHE A 1 22  ? -10.411 -2.296  -6.000  1.00 61.73  ? 325 PHE A N   1 
ATOM   144  C CA  . PHE A 1 22  ? -10.986 -2.018  -7.324  1.00 63.37  ? 325 PHE A CA  1 
ATOM   145  C C   . PHE A 1 22  ? -12.348 -1.319  -7.249  1.00 62.34  ? 325 PHE A C   1 
ATOM   146  O O   . PHE A 1 22  ? -12.587 -0.328  -7.954  1.00 62.54  ? 325 PHE A O   1 
ATOM   147  C CB  . PHE A 1 22  ? -11.147 -3.312  -8.140  1.00 65.51  ? 325 PHE A CB  1 
ATOM   148  C CG  . PHE A 1 22  ? -11.770 -3.078  -9.510  1.00 71.22  ? 325 PHE A CG  1 
ATOM   149  C CD1 . PHE A 1 22  ? -10.981 -2.642  -10.582 1.00 75.18  ? 325 PHE A CD1 1 
ATOM   150  C CD2 . PHE A 1 22  ? -13.153 -3.263  -9.720  1.00 74.79  ? 325 PHE A CD2 1 
ATOM   151  C CE1 . PHE A 1 22  ? -11.557 -2.415  -11.823 1.00 77.85  ? 325 PHE A CE1 1 
ATOM   152  C CE2 . PHE A 1 22  ? -13.728 -3.032  -10.957 1.00 74.57  ? 325 PHE A CE2 1 
ATOM   153  C CZ  . PHE A 1 22  ? -12.950 -2.617  -12.006 1.00 77.20  ? 325 PHE A CZ  1 
ATOM   154  N N   . LEU A 1 23  ? -13.229 -1.844  -6.399  1.00 60.73  ? 326 LEU A N   1 
ATOM   155  C CA  . LEU A 1 23  ? -14.504 -1.218  -6.138  1.00 60.60  ? 326 LEU A CA  1 
ATOM   156  C C   . LEU A 1 23  ? -14.427 0.276   -5.755  1.00 60.16  ? 326 LEU A C   1 
ATOM   157  O O   . LEU A 1 23  ? -14.891 1.141   -6.523  1.00 61.11  ? 326 LEU A O   1 
ATOM   158  C CB  . LEU A 1 23  ? -15.335 -2.026  -5.105  1.00 60.25  ? 326 LEU A CB  1 
ATOM   159  C CG  . LEU A 1 23  ? -16.581 -1.328  -4.484  1.00 62.90  ? 326 LEU A CG  1 
ATOM   160  C CD1 . LEU A 1 23  ? -17.443 -0.771  -5.576  1.00 65.67  ? 326 LEU A CD1 1 
ATOM   161  C CD2 . LEU A 1 23  ? -17.445 -2.187  -3.534  1.00 59.71  ? 326 LEU A CD2 1 
ATOM   162  N N   . ASN A 1 24  ? -13.909 0.604   -4.575  1.00 58.66  ? 327 ASN A N   1 
ATOM   163  C CA  . ASN A 1 24  ? -13.922 2.005   -4.167  1.00 58.21  ? 327 ASN A CA  1 
ATOM   164  C C   . ASN A 1 24  ? -12.920 2.891   -4.915  1.00 58.76  ? 327 ASN A C   1 
ATOM   165  O O   . ASN A 1 24  ? -12.999 4.098   -4.819  1.00 58.18  ? 327 ASN A O   1 
ATOM   166  C CB  . ASN A 1 24  ? -13.849 2.191   -2.639  1.00 58.64  ? 327 ASN A CB  1 
ATOM   167  C CG  . ASN A 1 24  ? -12.662 1.445   -2.010  1.00 55.82  ? 327 ASN A CG  1 
ATOM   168  O OD1 . ASN A 1 24  ? -11.546 1.471   -2.536  1.00 56.07  ? 327 ASN A OD1 1 
ATOM   169  N ND2 . ASN A 1 24  ? -12.925 0.734   -0.948  1.00 48.91  ? 327 ASN A ND2 1 
ATOM   170  N N   . ALA A 1 25  ? -12.038 2.313   -5.730  1.00 59.32  ? 328 ALA A N   1 
ATOM   171  C CA  . ALA A 1 25  ? -11.256 3.167   -6.634  1.00 60.62  ? 328 ALA A CA  1 
ATOM   172  C C   . ALA A 1 25  ? -12.172 3.996   -7.553  1.00 62.02  ? 328 ALA A C   1 
ATOM   173  O O   . ALA A 1 25  ? -11.728 4.914   -8.272  1.00 62.15  ? 328 ALA A O   1 
ATOM   174  C CB  . ALA A 1 25  ? -10.313 2.335   -7.457  1.00 60.10  ? 328 ALA A CB  1 
ATOM   175  N N   . HIS A 1 26  ? -13.460 3.665   -7.554  1.00 61.87  ? 329 HIS A N   1 
ATOM   176  C CA  . HIS A 1 26  ? -14.383 4.279   -8.505  1.00 61.96  ? 329 HIS A CA  1 
ATOM   177  C C   . HIS A 1 26  ? -15.069 5.441   -7.837  1.00 62.62  ? 329 HIS A C   1 
ATOM   178  O O   . HIS A 1 26  ? -15.840 6.166   -8.458  1.00 63.72  ? 329 HIS A O   1 
ATOM   179  C CB  . HIS A 1 26  ? -15.403 3.233   -9.045  1.00 61.92  ? 329 HIS A CB  1 
ATOM   180  C CG  . HIS A 1 26  ? -14.809 2.275   -10.037 1.00 58.72  ? 329 HIS A CG  1 
ATOM   181  N ND1 . HIS A 1 26  ? -14.220 1.088   -9.661  1.00 59.66  ? 329 HIS A ND1 1 
ATOM   182  C CD2 . HIS A 1 26  ? -14.683 2.348   -11.385 1.00 57.63  ? 329 HIS A CD2 1 
ATOM   183  C CE1 . HIS A 1 26  ? -13.781 0.455   -10.742 1.00 58.13  ? 329 HIS A CE1 1 
ATOM   184  N NE2 . HIS A 1 26  ? -14.040 1.207   -11.800 1.00 57.24  ? 329 HIS A NE2 1 
ATOM   185  N N   . ASN A 1 27  ? -14.804 5.602   -6.548  1.00 63.12  ? 330 ASN A N   1 
ATOM   186  C CA  . ASN A 1 27  ? -15.302 6.737   -5.818  1.00 63.35  ? 330 ASN A CA  1 
ATOM   187  C C   . ASN A 1 27  ? -14.558 8.025   -6.242  1.00 65.17  ? 330 ASN A C   1 
ATOM   188  O O   . ASN A 1 27  ? -13.672 8.520   -5.537  1.00 66.34  ? 330 ASN A O   1 
ATOM   189  C CB  . ASN A 1 27  ? -15.238 6.462   -4.317  1.00 62.21  ? 330 ASN A CB  1 
ATOM   190  C CG  . ASN A 1 27  ? -16.008 7.478   -3.524  1.00 60.66  ? 330 ASN A CG  1 
ATOM   191  O OD1 . ASN A 1 27  ? -16.284 8.569   -4.024  1.00 61.78  ? 330 ASN A OD1 1 
ATOM   192  N ND2 . ASN A 1 27  ? -16.369 7.144   -2.301  1.00 57.41  ? 330 ASN A ND2 1 
ATOM   193  N N   . VAL A 1 28  ? -14.948 8.570   -7.399  1.00 66.09  ? 331 VAL A N   1 
ATOM   194  C CA  . VAL A 1 28  ? -14.252 9.674   -8.040  1.00 66.90  ? 331 VAL A CA  1 
ATOM   195  C C   . VAL A 1 28  ? -14.292 10.983  -7.267  1.00 66.94  ? 331 VAL A C   1 
ATOM   196  O O   . VAL A 1 28  ? -13.366 11.793  -7.363  1.00 67.47  ? 331 VAL A O   1 
ATOM   197  C CB  . VAL A 1 28  ? -14.752 9.904   -9.483  1.00 66.83  ? 331 VAL A CB  1 
ATOM   198  C CG1 . VAL A 1 28  ? -14.227 8.806   -10.376 1.00 67.89  ? 331 VAL A CG1 1 
ATOM   199  C CG2 . VAL A 1 28  ? -16.294 9.937   -9.513  1.00 68.59  ? 331 VAL A CG2 1 
ATOM   200  N N   . ASP A 1 29  ? -15.351 11.185  -6.494  1.00 66.71  ? 332 ASP A N   1 
ATOM   201  C CA  . ASP A 1 29  ? -15.411 12.355  -5.662  1.00 65.95  ? 332 ASP A CA  1 
ATOM   202  C C   . ASP A 1 29  ? -14.429 12.243  -4.471  1.00 65.68  ? 332 ASP A C   1 
ATOM   203  O O   . ASP A 1 29  ? -13.832 13.225  -4.074  1.00 65.11  ? 332 ASP A O   1 
ATOM   204  C CB  . ASP A 1 29  ? -16.828 12.593  -5.158  1.00 65.40  ? 332 ASP A CB  1 
ATOM   205  C CG  . ASP A 1 29  ? -17.066 14.037  -4.768  1.00 66.61  ? 332 ASP A CG  1 
ATOM   206  O OD1 . ASP A 1 29  ? -16.609 14.935  -5.524  1.00 69.23  ? 332 ASP A OD1 1 
ATOM   207  O OD2 . ASP A 1 29  ? -17.699 14.276  -3.710  1.00 68.26  ? 332 ASP A OD2 1 
ATOM   208  N N   . TYR A 1 30  ? -14.332 11.062  -3.873  1.00 64.91  ? 333 TYR A N   1 
ATOM   209  C CA  . TYR A 1 30  ? -13.340 10.820  -2.846  1.00 65.05  ? 333 TYR A CA  1 
ATOM   210  C C   . TYR A 1 30  ? -11.929 11.127  -3.362  1.00 65.80  ? 333 TYR A C   1 
ATOM   211  O O   . TYR A 1 30  ? -11.138 11.751  -2.681  1.00 65.47  ? 333 TYR A O   1 
ATOM   212  C CB  . TYR A 1 30  ? -13.392 9.362   -2.371  1.00 64.75  ? 333 TYR A CB  1 
ATOM   213  C CG  . TYR A 1 30  ? -12.383 9.022   -1.281  1.00 61.99  ? 333 TYR A CG  1 
ATOM   214  C CD1 . TYR A 1 30  ? -12.765 8.960   0.050   1.00 59.12  ? 333 TYR A CD1 1 
ATOM   215  C CD2 . TYR A 1 30  ? -11.059 8.788   -1.601  1.00 58.62  ? 333 TYR A CD2 1 
ATOM   216  C CE1 . TYR A 1 30  ? -11.847 8.657   1.034   1.00 60.95  ? 333 TYR A CE1 1 
ATOM   217  C CE2 . TYR A 1 30  ? -10.128 8.487   -0.627  1.00 61.58  ? 333 TYR A CE2 1 
ATOM   218  C CZ  . TYR A 1 30  ? -10.515 8.425   0.680   1.00 60.54  ? 333 TYR A CZ  1 
ATOM   219  O OH  . TYR A 1 30  ? -9.583  8.094   1.631   1.00 59.65  ? 333 TYR A OH  1 
ATOM   220  N N   . ILE A 1 31  ? -11.634 10.649  -4.564  1.00 66.42  ? 334 ILE A N   1 
ATOM   221  C CA  . ILE A 1 31  ? -10.384 10.893  -5.210  1.00 67.22  ? 334 ILE A CA  1 
ATOM   222  C C   . ILE A 1 31  ? -10.173 12.405  -5.390  1.00 68.47  ? 334 ILE A C   1 
ATOM   223  O O   . ILE A 1 31  ? -9.140  12.962  -4.999  1.00 68.50  ? 334 ILE A O   1 
ATOM   224  C CB  . ILE A 1 31  ? -10.372 10.123  -6.558  1.00 67.43  ? 334 ILE A CB  1 
ATOM   225  C CG1 . ILE A 1 31  ? -10.218 8.621   -6.284  1.00 67.38  ? 334 ILE A CG1 1 
ATOM   226  C CG2 . ILE A 1 31  ? -9.297  10.624  -7.514  1.00 66.72  ? 334 ILE A CG2 1 
ATOM   227  C CD1 . ILE A 1 31  ? -10.173 7.768   -7.553  1.00 68.43  ? 334 ILE A CD1 1 
ATOM   228  N N   . HIS A 1 32  ? -11.166 13.085  -5.959  1.00 69.04  ? 335 HIS A N   1 
ATOM   229  C CA  A HIS A 1 32  ? -11.101 14.533  -6.216  0.50 68.82  ? 335 HIS A CA  1 
ATOM   230  C CA  B HIS A 1 32  ? -10.994 14.503  -6.210  0.50 69.36  ? 335 HIS A CA  1 
ATOM   231  C C   . HIS A 1 32  ? -10.901 15.328  -4.930  1.00 68.88  ? 335 HIS A C   1 
ATOM   232  O O   . HIS A 1 32  ? -10.076 16.206  -4.854  1.00 68.77  ? 335 HIS A O   1 
ATOM   233  C CB  A HIS A 1 32  ? -12.374 15.030  -6.944  0.50 69.03  ? 335 HIS A CB  1 
ATOM   234  C CB  B HIS A 1 32  ? -12.041 15.045  -7.193  0.50 69.98  ? 335 HIS A CB  1 
ATOM   235  C CG  A HIS A 1 32  ? -12.432 16.522  -7.126  0.50 68.36  ? 335 HIS A CG  1 
ATOM   236  C CG  B HIS A 1 32  ? -11.625 14.928  -8.629  0.50 71.84  ? 335 HIS A CG  1 
ATOM   237  N ND1 A HIS A 1 32  ? -13.052 17.360  -6.224  0.50 68.76  ? 335 HIS A ND1 1 
ATOM   238  N ND1 B HIS A 1 32  ? -11.700 13.742  -9.334  0.50 73.38  ? 335 HIS A ND1 1 
ATOM   239  C CD2 A HIS A 1 32  ? -11.932 17.324  -8.098  0.50 68.96  ? 335 HIS A CD2 1 
ATOM   240  C CD2 B HIS A 1 32  ? -11.117 15.847  -9.485  0.50 71.80  ? 335 HIS A CD2 1 
ATOM   241  C CE1 A HIS A 1 32  ? -12.927 18.615  -6.629  0.50 68.55  ? 335 HIS A CE1 1 
ATOM   242  C CE1 B HIS A 1 32  ? -11.261 13.938  -10.565 0.50 74.43  ? 335 HIS A CE1 1 
ATOM   243  N NE2 A HIS A 1 32  ? -12.254 18.620  -7.766  0.50 67.94  ? 335 HIS A NE2 1 
ATOM   244  N NE2 B HIS A 1 32  ? -10.908 15.208  -10.683 0.50 73.81  ? 335 HIS A NE2 1 
ATOM   245  N N   . ASN A 1 33  ? -11.688 15.015  -3.917  1.00 68.41  ? 336 ASN A N   1 
ATOM   246  C CA  . ASN A 1 33  ? -11.610 15.782  -2.669  1.00 68.76  ? 336 ASN A CA  1 
ATOM   247  C C   . ASN A 1 33  ? -10.346 15.534  -1.813  1.00 68.70  ? 336 ASN A C   1 
ATOM   248  O O   . ASN A 1 33  ? -10.047 16.306  -0.917  1.00 69.46  ? 336 ASN A O   1 
ATOM   249  C CB  . ASN A 1 33  ? -12.874 15.568  -1.803  1.00 68.27  ? 336 ASN A CB  1 
ATOM   250  C CG  . ASN A 1 33  ? -14.163 16.165  -2.434  1.00 70.38  ? 336 ASN A CG  1 
ATOM   251  O OD1 . ASN A 1 33  ? -14.138 16.830  -3.493  1.00 70.57  ? 336 ASN A OD1 1 
ATOM   252  N ND2 . ASN A 1 33  ? -15.301 15.916  -1.769  1.00 70.71  ? 336 ASN A ND2 1 
ATOM   253  N N   . ASN A 1 34  ? -9.651  14.429  -2.032  1.00 68.59  ? 337 ASN A N   1 
ATOM   254  C CA  . ASN A 1 34  ? -8.443  14.115  -1.283  1.00 68.68  ? 337 ASN A CA  1 
ATOM   255  C C   . ASN A 1 34  ? -7.207  14.326  -2.136  1.00 68.99  ? 337 ASN A C   1 
ATOM   256  O O   . ASN A 1 34  ? -6.145  13.835  -1.801  1.00 68.87  ? 337 ASN A O   1 
ATOM   257  C CB  . ASN A 1 34  ? -8.484  12.667  -0.822  1.00 68.01  ? 337 ASN A CB  1 
ATOM   258  C CG  . ASN A 1 34  ? -9.428  12.465  0.312   1.00 68.44  ? 337 ASN A CG  1 
ATOM   259  O OD1 . ASN A 1 34  ? -9.081  12.754  1.457   1.00 69.19  ? 337 ASN A OD1 1 
ATOM   260  N ND2 . ASN A 1 34  ? -10.637 11.969  0.024   1.00 67.80  ? 337 ASN A ND2 1 
ATOM   261  N N   . ASN A 1 35  ? -7.393  15.008  -3.265  1.00 69.71  ? 338 ASN A N   1 
ATOM   262  C CA  . ASN A 1 35  ? -6.317  15.366  -4.173  1.00 70.99  ? 338 ASN A CA  1 
ATOM   263  C C   . ASN A 1 35  ? -5.425  14.225  -4.608  1.00 70.15  ? 338 ASN A C   1 
ATOM   264  O O   . ASN A 1 35  ? -4.200  14.395  -4.705  1.00 70.12  ? 338 ASN A O   1 
ATOM   265  C CB  . ASN A 1 35  ? -5.432  16.461  -3.551  1.00 72.51  ? 338 ASN A CB  1 
ATOM   266  C CG  . ASN A 1 35  ? -6.231  17.675  -3.146  1.00 75.38  ? 338 ASN A CG  1 
ATOM   267  O OD1 . ASN A 1 35  ? -6.530  17.873  -1.957  1.00 78.33  ? 338 ASN A OD1 1 
ATOM   268  N ND2 . ASN A 1 35  ? -6.605  18.495  -4.135  1.00 77.15  ? 338 ASN A ND2 1 
ATOM   269  N N   . ILE A 1 36  ? -6.033  13.082  -4.906  1.00 68.37  ? 339 ILE A N   1 
ATOM   270  C CA  . ILE A 1 36  ? -5.290  11.926  -5.320  1.00 66.49  ? 339 ILE A CA  1 
ATOM   271  C C   . ILE A 1 36  ? -4.965  11.997  -6.805  1.00 66.53  ? 339 ILE A C   1 
ATOM   272  O O   . ILE A 1 36  ? -5.833  12.217  -7.646  1.00 66.86  ? 339 ILE A O   1 
ATOM   273  C CB  . ILE A 1 36  ? -6.074  10.648  -4.937  1.00 66.42  ? 339 ILE A CB  1 
ATOM   274  C CG1 . ILE A 1 36  ? -6.070  10.475  -3.410  1.00 63.29  ? 339 ILE A CG1 1 
ATOM   275  C CG2 . ILE A 1 36  ? -5.539  9.437   -5.699  1.00 64.57  ? 339 ILE A CG2 1 
ATOM   276  C CD1 . ILE A 1 36  ? -7.175  9.519   -2.863  1.00 59.30  ? 339 ILE A CD1 1 
ATOM   277  N N   . SER A 1 37  ? -3.700  11.803  -7.151  1.00 66.46  ? 340 SER A N   1 
ATOM   278  C CA  . SER A 1 37  ? -3.283  11.939  -8.537  1.00 66.24  ? 340 SER A CA  1 
ATOM   279  C C   . SER A 1 37  ? -2.466  10.754  -8.925  1.00 65.93  ? 340 SER A C   1 
ATOM   280  O O   . SER A 1 37  ? -1.940  10.707  -10.034 1.00 66.91  ? 340 SER A O   1 
ATOM   281  C CB  . SER A 1 37  ? -2.442  13.214  -8.758  1.00 66.52  ? 340 SER A CB  1 
ATOM   282  O OG  . SER A 1 37  ? -1.434  13.323  -7.756  1.00 68.43  ? 340 SER A OG  1 
ATOM   283  N N   . SER A 1 38  ? -2.329  9.801   -8.010  1.00 65.02  ? 341 SER A N   1 
ATOM   284  C CA  . SER A 1 38  ? -1.589  8.596   -8.331  1.00 64.51  ? 341 SER A CA  1 
ATOM   285  C C   . SER A 1 38  ? -2.346  7.396   -7.848  1.00 63.18  ? 341 SER A C   1 
ATOM   286  O O   . SER A 1 38  ? -2.965  7.432   -6.789  1.00 61.86  ? 341 SER A O   1 
ATOM   287  C CB  . SER A 1 38  ? -0.219  8.556   -7.635  1.00 64.64  ? 341 SER A CB  1 
ATOM   288  O OG  . SER A 1 38  ? 0.703   9.384   -8.272  1.00 67.67  ? 341 SER A OG  1 
ATOM   289  N N   . ILE A 1 39  ? -2.208  6.317   -8.605  1.00 62.85  ? 342 ILE A N   1 
ATOM   290  C CA  . ILE A 1 39  ? -2.801  5.069   -8.237  1.00 62.76  ? 342 ILE A CA  1 
ATOM   291  C C   . ILE A 1 39  ? -1.792  3.946   -8.389  1.00 61.37  ? 342 ILE A C   1 
ATOM   292  O O   . ILE A 1 39  ? -1.151  3.797   -9.420  1.00 60.09  ? 342 ILE A O   1 
ATOM   293  C CB  . ILE A 1 39  ? -4.138  4.814   -9.019  1.00 64.46  ? 342 ILE A CB  1 
ATOM   294  C CG1 . ILE A 1 39  ? -5.069  6.013   -8.759  1.00 65.42  ? 342 ILE A CG1 1 
ATOM   295  C CG2 . ILE A 1 39  ? -4.815  3.493   -8.568  1.00 61.68  ? 342 ILE A CG2 1 
ATOM   296  C CD1 . ILE A 1 39  ? -6.535  5.739   -9.064  1.00 72.65  ? 342 ILE A CD1 1 
ATOM   297  N N   . LEU A 1 40  ? -1.660  3.169   -7.316  1.00 60.49  ? 343 LEU A N   1 
ATOM   298  C CA  . LEU A 1 40  ? -0.765  2.027   -7.303  1.00 59.43  ? 343 LEU A CA  1 
ATOM   299  C C   . LEU A 1 40  ? -1.634  0.786   -7.333  1.00 59.11  ? 343 LEU A C   1 
ATOM   300  O O   . LEU A 1 40  ? -2.364  0.493   -6.396  1.00 58.73  ? 343 LEU A O   1 
ATOM   301  C CB  . LEU A 1 40  ? 0.121   2.040   -6.041  1.00 59.02  ? 343 LEU A CB  1 
ATOM   302  C CG  . LEU A 1 40  ? 1.229   0.997   -5.934  1.00 59.53  ? 343 LEU A CG  1 
ATOM   303  C CD1 . LEU A 1 40  ? 2.063   1.014   -7.209  1.00 56.63  ? 343 LEU A CD1 1 
ATOM   304  C CD2 . LEU A 1 40  ? 2.102   1.291   -4.709  1.00 61.63  ? 343 LEU A CD2 1 
ATOM   305  N N   . LEU A 1 41  ? -1.540  0.067   -8.426  1.00 60.23  ? 344 LEU A N   1 
ATOM   306  C CA  . LEU A 1 41  ? -2.329  -1.120  -8.631  1.00 62.09  ? 344 LEU A CA  1 
ATOM   307  C C   . LEU A 1 41  ? -1.509  -2.298  -8.224  1.00 61.87  ? 344 LEU A C   1 
ATOM   308  O O   . LEU A 1 41  ? -0.498  -2.579  -8.838  1.00 61.53  ? 344 LEU A O   1 
ATOM   309  C CB  . LEU A 1 41  ? -2.725  -1.262  -10.109 1.00 61.80  ? 344 LEU A CB  1 
ATOM   310  C CG  . LEU A 1 41  ? -3.500  -0.058  -10.699 1.00 64.32  ? 344 LEU A CG  1 
ATOM   311  C CD1 . LEU A 1 41  ? -3.712  -0.189  -12.221 1.00 67.02  ? 344 LEU A CD1 1 
ATOM   312  C CD2 . LEU A 1 41  ? -4.851  0.075   -10.043 1.00 63.42  ? 344 LEU A CD2 1 
ATOM   313  N N   . VAL A 1 42  ? -1.972  -3.019  -7.205  1.00 62.78  ? 345 VAL A N   1 
ATOM   314  C CA  . VAL A 1 42  ? -1.217  -4.160  -6.733  1.00 63.14  ? 345 VAL A CA  1 
ATOM   315  C C   . VAL A 1 42  ? -1.838  -5.457  -7.230  1.00 65.13  ? 345 VAL A C   1 
ATOM   316  O O   . VAL A 1 42  ? -2.779  -5.971  -6.638  1.00 64.82  ? 345 VAL A O   1 
ATOM   317  C CB  . VAL A 1 42  ? -1.120  -4.179  -5.183  1.00 62.35  ? 345 VAL A CB  1 
ATOM   318  C CG1 . VAL A 1 42  ? -0.141  -5.276  -4.736  1.00 59.76  ? 345 VAL A CG1 1 
ATOM   319  C CG2 . VAL A 1 42  ? -0.764  -2.784  -4.640  1.00 59.26  ? 345 VAL A CG2 1 
ATOM   320  N N   . GLY A 1 43  ? -1.290  -6.008  -8.303  1.00 68.06  ? 346 GLY A N   1 
ATOM   321  C CA  . GLY A 1 43  ? -1.813  -7.257  -8.841  1.00 71.43  ? 346 GLY A CA  1 
ATOM   322  C C   . GLY A 1 43  ? -2.301  -7.166  -10.269 1.00 74.43  ? 346 GLY A C   1 
ATOM   323  O O   . GLY A 1 43  ? -1.718  -7.842  -11.170 1.00 78.39  ? 346 GLY A O   1 
ATOM   324  N N   . LYS A 1 51  ? -7.749  4.580   -14.374 1.00 109.19 ? 354 LYS A N   1 
ATOM   325  C CA  . LYS A 1 51  ? -8.133  5.361   -15.548 1.00 109.35 ? 354 LYS A CA  1 
ATOM   326  C C   . LYS A 1 51  ? -6.926  6.143   -16.097 1.00 109.15 ? 354 LYS A C   1 
ATOM   327  O O   . LYS A 1 51  ? -6.268  6.877   -15.350 1.00 109.27 ? 354 LYS A O   1 
ATOM   328  C CB  . LYS A 1 51  ? -9.275  6.323   -15.194 1.00 109.45 ? 354 LYS A CB  1 
ATOM   329  N N   . ASP A 1 52  ? -6.631  5.979   -17.388 1.00 108.59 ? 355 ASP A N   1 
ATOM   330  C CA  . ASP A 1 52  ? -5.518  6.717   -18.009 1.00 107.89 ? 355 ASP A CA  1 
ATOM   331  C C   . ASP A 1 52  ? -5.642  8.267   -17.903 1.00 107.13 ? 355 ASP A C   1 
ATOM   332  O O   . ASP A 1 52  ? -5.321  8.997   -18.857 1.00 107.47 ? 355 ASP A O   1 
ATOM   333  C CB  . ASP A 1 52  ? -5.314  6.269   -19.465 1.00 107.96 ? 355 ASP A CB  1 
ATOM   334  N N   . GLN A 1 53  ? -6.095  8.757   -16.741 1.00 105.62 ? 356 GLN A N   1 
ATOM   335  C CA  . GLN A 1 53  ? -6.125  10.200  -16.413 1.00 103.38 ? 356 GLN A CA  1 
ATOM   336  C C   . GLN A 1 53  ? -5.197  10.510  -15.205 1.00 101.85 ? 356 GLN A C   1 
ATOM   337  O O   . GLN A 1 53  ? -4.896  11.679  -14.914 1.00 101.95 ? 356 GLN A O   1 
ATOM   338  C CB  . GLN A 1 53  ? -7.564  10.644  -16.095 1.00 103.57 ? 356 GLN A CB  1 
ATOM   339  N N   . CYS A 1 54  ? -4.754  9.446   -14.516 1.00 99.00  ? 357 CYS A N   1 
ATOM   340  C CA  . CYS A 1 54  ? -3.920  9.529   -13.303 1.00 95.32  ? 357 CYS A CA  1 
ATOM   341  C C   . CYS A 1 54  ? -2.483  9.045   -13.546 1.00 92.68  ? 357 CYS A C   1 
ATOM   342  O O   . CYS A 1 54  ? -2.205  8.380   -14.548 1.00 91.81  ? 357 CYS A O   1 
ATOM   343  C CB  . CYS A 1 54  ? -4.547  8.662   -12.195 1.00 95.64  ? 357 CYS A CB  1 
ATOM   344  S SG  . CYS A 1 54  ? -5.895  9.439   -11.250 1.00 95.45  ? 357 CYS A SG  1 
ATOM   345  N N   . ASP A 1 55  ? -1.569  9.366   -12.628 1.00 89.65  ? 358 ASP A N   1 
ATOM   346  C CA  . ASP A 1 55  ? -0.282  8.643   -12.567 1.00 86.80  ? 358 ASP A CA  1 
ATOM   347  C C   . ASP A 1 55  ? -0.536  7.205   -12.115 1.00 83.63  ? 358 ASP A C   1 
ATOM   348  O O   . ASP A 1 55  ? -1.150  6.985   -11.084 1.00 82.46  ? 358 ASP A O   1 
ATOM   349  C CB  . ASP A 1 55  ? 0.675   9.296   -11.563 1.00 87.67  ? 358 ASP A CB  1 
ATOM   350  C CG  . ASP A 1 55  ? 1.704   10.202  -12.217 1.00 89.84  ? 358 ASP A CG  1 
ATOM   351  O OD1 . ASP A 1 55  ? 2.498   9.684   -13.038 1.00 92.25  ? 358 ASP A OD1 1 
ATOM   352  O OD2 . ASP A 1 55  ? 1.756   11.409  -11.854 1.00 90.78  ? 358 ASP A OD2 1 
ATOM   353  N N   . ILE A 1 56  ? -0.055  6.232   -12.868 1.00 80.51  ? 359 ILE A N   1 
ATOM   354  C CA  . ILE A 1 56  ? -0.352  4.854   -12.531 1.00 78.63  ? 359 ILE A CA  1 
ATOM   355  C C   . ILE A 1 56  ? 0.868   3.955   -12.549 1.00 76.46  ? 359 ILE A C   1 
ATOM   356  O O   . ILE A 1 56  ? 1.682   4.040   -13.445 1.00 76.43  ? 359 ILE A O   1 
ATOM   357  C CB  . ILE A 1 56  ? -1.418  4.242   -13.475 1.00 79.30  ? 359 ILE A CB  1 
ATOM   358  C CG1 . ILE A 1 56  ? -2.760  4.934   -13.248 1.00 80.31  ? 359 ILE A CG1 1 
ATOM   359  C CG2 . ILE A 1 56  ? -1.583  2.748   -13.212 1.00 78.79  ? 359 ILE A CG2 1 
ATOM   360  C CD1 . ILE A 1 56  ? -3.911  4.281   -13.949 1.00 84.89  ? 359 ILE A CD1 1 
ATOM   361  N N   . LEU A 1 57  ? 0.981   3.092   -11.551 1.00 73.48  ? 360 LEU A N   1 
ATOM   362  C CA  . LEU A 1 57  ? 1.990   2.063   -11.568 1.00 70.96  ? 360 LEU A CA  1 
ATOM   363  C C   . LEU A 1 57  ? 1.331   0.747   -11.173 1.00 69.71  ? 360 LEU A C   1 
ATOM   364  O O   . LEU A 1 57  ? 0.607   0.666   -10.188 1.00 68.26  ? 360 LEU A O   1 
ATOM   365  C CB  . LEU A 1 57  ? 3.119   2.397   -10.603 1.00 71.08  ? 360 LEU A CB  1 
ATOM   366  C CG  . LEU A 1 57  ? 4.161   1.293   -10.458 1.00 71.84  ? 360 LEU A CG  1 
ATOM   367  C CD1 . LEU A 1 57  ? 4.805   1.050   -11.788 1.00 71.98  ? 360 LEU A CD1 1 
ATOM   368  C CD2 . LEU A 1 57  ? 5.208   1.604   -9.414  1.00 72.63  ? 360 LEU A CD2 1 
ATOM   369  N N   . ARG A 1 58  ? 1.586   -0.290  -11.957 1.00 69.07  ? 361 ARG A N   1 
ATOM   370  C CA  . ARG A 1 58  ? 1.068   -1.621  -11.672 1.00 68.44  ? 361 ARG A CA  1 
ATOM   371  C C   . ARG A 1 58  ? 2.198   -2.506  -11.173 1.00 67.72  ? 361 ARG A C   1 
ATOM   372  O O   . ARG A 1 58  ? 3.234   -2.605  -11.832 1.00 66.96  ? 361 ARG A O   1 
ATOM   373  C CB  . ARG A 1 58  ? 0.448   -2.269  -12.936 1.00 68.40  ? 361 ARG A CB  1 
ATOM   374  N N   . LEU A 1 59  ? 1.978   -3.167  -10.040 1.00 66.94  ? 362 LEU A N   1 
ATOM   375  C CA  . LEU A 1 59  ? 2.904   -4.180  -9.560  1.00 67.62  ? 362 LEU A CA  1 
ATOM   376  C C   . LEU A 1 59  ? 2.383   -5.538  -9.950  1.00 69.36  ? 362 LEU A C   1 
ATOM   377  O O   . LEU A 1 59  ? 1.224   -5.882  -9.712  1.00 69.15  ? 362 LEU A O   1 
ATOM   378  C CB  . LEU A 1 59  ? 3.038   -4.132  -8.041  1.00 65.79  ? 362 LEU A CB  1 
ATOM   379  C CG  . LEU A 1 59  ? 3.276   -2.754  -7.460  1.00 64.72  ? 362 LEU A CG  1 
ATOM   380  C CD1 . LEU A 1 59  ? 3.432   -2.857  -5.959  1.00 61.04  ? 362 LEU A CD1 1 
ATOM   381  C CD2 . LEU A 1 59  ? 4.525   -2.105  -8.143  1.00 62.65  ? 362 LEU A CD2 1 
ATOM   382  N N   . ASP A 1 60  ? 3.264   -6.345  -10.483 1.00 71.83  ? 363 ASP A N   1 
ATOM   383  C CA  . ASP A 1 60  ? 2.823   -7.568  -11.080 1.00 74.78  ? 363 ASP A CA  1 
ATOM   384  C C   . ASP A 1 60  ? 2.850   -8.730  -10.114 1.00 74.36  ? 363 ASP A C   1 
ATOM   385  O O   . ASP A 1 60  ? 3.620   -9.662  -10.283 1.00 75.49  ? 363 ASP A O   1 
ATOM   386  C CB  . ASP A 1 60  ? 3.734   -7.895  -12.247 1.00 76.75  ? 363 ASP A CB  1 
ATOM   387  C CG  . ASP A 1 60  ? 2.961   -8.112  -13.487 1.00 82.37  ? 363 ASP A CG  1 
ATOM   388  O OD1 . ASP A 1 60  ? 2.561   -9.290  -13.671 1.00 87.21  ? 363 ASP A OD1 1 
ATOM   389  O OD2 . ASP A 1 60  ? 2.706   -7.091  -14.211 1.00 86.47  ? 363 ASP A OD2 1 
ATOM   390  N N   . ILE A 1 61  ? 2.014   -8.682  -9.098  1.00 73.02  ? 364 ILE A N   1 
ATOM   391  C CA  . ILE A 1 61  ? 2.046   -9.725  -8.123  1.00 71.58  ? 364 ILE A CA  1 
ATOM   392  C C   . ILE A 1 61  ? 0.873   -10.672 -8.372  1.00 73.11  ? 364 ILE A C   1 
ATOM   393  O O   . ILE A 1 61  ? -0.289  -10.292 -8.208  1.00 71.78  ? 364 ILE A O   1 
ATOM   394  C CB  . ILE A 1 61  ? 2.060   -9.148  -6.704  1.00 70.53  ? 364 ILE A CB  1 
ATOM   395  C CG1 . ILE A 1 61  ? 3.219   -8.147  -6.581  1.00 65.92  ? 364 ILE A CG1 1 
ATOM   396  C CG2 . ILE A 1 61  ? 2.167   -10.271 -5.708  1.00 67.26  ? 364 ILE A CG2 1 
ATOM   397  C CD1 . ILE A 1 61  ? 3.077   -7.190  -5.473  1.00 61.01  ? 364 ILE A CD1 1 
ATOM   398  N N   . VAL A 1 62  ? 1.198   -11.895 -8.799  1.00 74.61  ? 365 VAL A N   1 
ATOM   399  C CA  . VAL A 1 62  ? 0.173   -12.897 -9.067  1.00 76.23  ? 365 VAL A CA  1 
ATOM   400  C C   . VAL A 1 62  ? 0.029   -14.018 -8.059  1.00 76.60  ? 365 VAL A C   1 
ATOM   401  O O   . VAL A 1 62  ? -0.980  -14.721 -8.116  1.00 78.45  ? 365 VAL A O   1 
ATOM   402  C CB  . VAL A 1 62  ? 0.237   -13.520 -10.513 1.00 76.80  ? 365 VAL A CB  1 
ATOM   403  C CG1 . VAL A 1 62  ? -0.295  -12.506 -11.565 1.00 77.58  ? 365 VAL A CG1 1 
ATOM   404  C CG2 . VAL A 1 62  ? 1.663   -14.061 -10.876 1.00 77.11  ? 365 VAL A CG2 1 
ATOM   405  N N   . SER A 1 63  ? 0.998   -14.228 -7.167  1.00 76.12  ? 366 SER A N   1 
ATOM   406  C CA  . SER A 1 63  ? 0.819   -15.264 -6.130  1.00 75.23  ? 366 SER A CA  1 
ATOM   407  C C   . SER A 1 63  ? 1.485   -14.931 -4.803  1.00 73.90  ? 366 SER A C   1 
ATOM   408  O O   . SER A 1 63  ? 2.311   -14.022 -4.740  1.00 74.60  ? 366 SER A O   1 
ATOM   409  C CB  . SER A 1 63  ? 1.251   -16.655 -6.629  1.00 76.08  ? 366 SER A CB  1 
ATOM   410  O OG  . SER A 1 63  ? 2.671   -16.805 -6.766  1.00 76.33  ? 366 SER A OG  1 
ATOM   411  N N   . GLU A 1 64  ? 1.115   -15.659 -3.752  1.00 71.93  ? 367 GLU A N   1 
ATOM   412  C CA  . GLU A 1 64  ? 1.654   -15.437 -2.412  1.00 69.96  ? 367 GLU A CA  1 
ATOM   413  C C   . GLU A 1 64  ? 2.976   -16.204 -2.185  1.00 68.18  ? 367 GLU A C   1 
ATOM   414  O O   . GLU A 1 64  ? 3.660   -15.960 -1.219  1.00 66.76  ? 367 GLU A O   1 
ATOM   415  C CB  . GLU A 1 64  ? 0.607   -15.771 -1.325  1.00 70.07  ? 367 GLU A CB  1 
ATOM   416  C CG  . GLU A 1 64  ? 0.773   -17.147 -0.711  1.00 72.80  ? 367 GLU A CG  1 
ATOM   417  C CD  . GLU A 1 64  ? -0.344  -17.566 0.258   1.00 75.48  ? 367 GLU A CD  1 
ATOM   418  O OE1 . GLU A 1 64  ? -1.533  -17.691 -0.173  1.00 77.70  ? 367 GLU A OE1 1 
ATOM   419  O OE2 . GLU A 1 64  ? -0.018  -17.791 1.441   1.00 70.46  ? 367 GLU A OE2 1 
ATOM   420  N N   . GLU A 1 65  ? 3.331   -17.099 -3.100  1.00 66.98  ? 368 GLU A N   1 
ATOM   421  C CA  . GLU A 1 65  ? 4.556   -17.883 -3.016  1.00 66.88  ? 368 GLU A CA  1 
ATOM   422  C C   . GLU A 1 65  ? 5.749   -17.109 -3.596  1.00 65.49  ? 368 GLU A C   1 
ATOM   423  O O   . GLU A 1 65  ? 5.574   -16.150 -4.379  1.00 64.64  ? 368 GLU A O   1 
ATOM   424  C CB  . GLU A 1 65  ? 4.449   -19.237 -3.768  1.00 66.96  ? 368 GLU A CB  1 
ATOM   425  C CG  . GLU A 1 65  ? 3.289   -20.102 -3.399  1.00 72.76  ? 368 GLU A CG  1 
ATOM   426  C CD  . GLU A 1 65  ? 2.061   -19.850 -4.318  1.00 77.86  ? 368 GLU A CD  1 
ATOM   427  O OE1 . GLU A 1 65  ? 2.131   -20.180 -5.541  1.00 81.70  ? 368 GLU A OE1 1 
ATOM   428  O OE2 . GLU A 1 65  ? 1.025   -19.354 -3.808  1.00 79.15  ? 368 GLU A OE2 1 
ATOM   429  N N   . GLY A 1 66  ? 6.957   -17.556 -3.235  1.00 63.51  ? 369 GLY A N   1 
ATOM   430  C CA  . GLY A 1 66  ? 8.167   -16.898 -3.717  1.00 62.69  ? 369 GLY A CA  1 
ATOM   431  C C   . GLY A 1 66  ? 8.309   -15.471 -3.224  1.00 61.11  ? 369 GLY A C   1 
ATOM   432  O O   . GLY A 1 66  ? 8.009   -15.179 -2.075  1.00 60.58  ? 369 GLY A O   1 
ATOM   433  N N   . HIS A 1 67  ? 8.740   -14.575 -4.112  1.00 61.33  ? 370 HIS A N   1 
ATOM   434  C CA  . HIS A 1 67  ? 9.205   -13.241 -3.712  1.00 61.03  ? 370 HIS A CA  1 
ATOM   435  C C   . HIS A 1 67  ? 8.798   -12.116 -4.634  1.00 61.33  ? 370 HIS A C   1 
ATOM   436  O O   . HIS A 1 67  ? 9.539   -11.144 -4.769  1.00 61.99  ? 370 HIS A O   1 
ATOM   437  C CB  . HIS A 1 67  ? 10.738  -13.196 -3.543  1.00 60.22  ? 370 HIS A CB  1 
ATOM   438  C CG  . HIS A 1 67  ? 11.483  -13.947 -4.599  1.00 60.08  ? 370 HIS A CG  1 
ATOM   439  N ND1 . HIS A 1 67  ? 11.812  -13.389 -5.819  1.00 60.19  ? 370 HIS A ND1 1 
ATOM   440  C CD2 . HIS A 1 67  ? 11.944  -15.219 -4.628  1.00 59.77  ? 370 HIS A CD2 1 
ATOM   441  C CE1 . HIS A 1 67  ? 12.426  -14.295 -6.560  1.00 61.78  ? 370 HIS A CE1 1 
ATOM   442  N NE2 . HIS A 1 67  ? 12.521  -15.414 -5.863  1.00 61.16  ? 370 HIS A NE2 1 
ATOM   443  N N   . GLN A 1 68  ? 7.622   -12.214 -5.241  1.00 61.54  ? 371 GLN A N   1 
ATOM   444  C CA  . GLN A 1 68  ? 7.185   -11.161 -6.158  1.00 61.49  ? 371 GLN A CA  1 
ATOM   445  C C   . GLN A 1 68  ? 6.796   -9.936  -5.400  1.00 60.11  ? 371 GLN A C   1 
ATOM   446  O O   . GLN A 1 68  ? 6.980   -8.834  -5.869  1.00 60.16  ? 371 GLN A O   1 
ATOM   447  C CB  . GLN A 1 68  ? 5.998   -11.604 -7.012  1.00 61.64  ? 371 GLN A CB  1 
ATOM   448  C CG  . GLN A 1 68  ? 6.240   -12.838 -7.839  1.00 66.84  ? 371 GLN A CG  1 
ATOM   449  C CD  . GLN A 1 68  ? 4.933   -13.393 -8.488  1.00 72.84  ? 371 GLN A CD  1 
ATOM   450  O OE1 . GLN A 1 68  ? 3.835   -13.251 -7.953  1.00 75.23  ? 371 GLN A OE1 1 
ATOM   451  N NE2 . GLN A 1 68  ? 5.081   -14.048 -9.622  1.00 74.79  ? 371 GLN A NE2 1 
ATOM   452  N N   . LEU A 1 69  ? 6.214   -10.123 -4.232  1.00 59.27  ? 372 LEU A N   1 
ATOM   453  C CA  . LEU A 1 69  ? 5.872   -8.960  -3.459  1.00 59.20  ? 372 LEU A CA  1 
ATOM   454  C C   . LEU A 1 69  ? 7.150   -8.235  -2.927  1.00 58.71  ? 372 LEU A C   1 
ATOM   455  O O   . LEU A 1 69  ? 7.332   -7.036  -3.149  1.00 58.51  ? 372 LEU A O   1 
ATOM   456  C CB  . LEU A 1 69  ? 4.853   -9.299  -2.365  1.00 58.13  ? 372 LEU A CB  1 
ATOM   457  C CG  . LEU A 1 69  ? 4.431   -8.016  -1.623  1.00 61.59  ? 372 LEU A CG  1 
ATOM   458  C CD1 . LEU A 1 69  ? 2.907   -7.793  -1.616  1.00 59.93  ? 372 LEU A CD1 1 
ATOM   459  C CD2 . LEU A 1 69  ? 5.049   -7.982  -0.193  1.00 60.31  ? 372 LEU A CD2 1 
ATOM   460  N N   . TYR A 1 70  ? 8.012   -8.984  -2.251  1.00 58.62  ? 373 TYR A N   1 
ATOM   461  C CA  . TYR A 1 70  ? 9.304   -8.513  -1.815  1.00 59.74  ? 373 TYR A CA  1 
ATOM   462  C C   . TYR A 1 70  ? 10.004  -7.712  -2.947  1.00 60.70  ? 373 TYR A C   1 
ATOM   463  O O   . TYR A 1 70  ? 10.402  -6.550  -2.737  1.00 60.36  ? 373 TYR A O   1 
ATOM   464  C CB  . TYR A 1 70  ? 10.153  -9.736  -1.470  1.00 60.08  ? 373 TYR A CB  1 
ATOM   465  C CG  . TYR A 1 70  ? 11.549  -9.414  -1.062  1.00 60.54  ? 373 TYR A CG  1 
ATOM   466  C CD1 . TYR A 1 70  ? 11.813  -8.972  0.245   1.00 61.01  ? 373 TYR A CD1 1 
ATOM   467  C CD2 . TYR A 1 70  ? 12.619  -9.521  -1.967  1.00 60.88  ? 373 TYR A CD2 1 
ATOM   468  C CE1 . TYR A 1 70  ? 13.108  -8.652  0.657   1.00 63.41  ? 373 TYR A CE1 1 
ATOM   469  C CE2 . TYR A 1 70  ? 13.937  -9.227  -1.571  1.00 61.89  ? 373 TYR A CE2 1 
ATOM   470  C CZ  . TYR A 1 70  ? 14.183  -8.792  -0.238  1.00 64.64  ? 373 TYR A CZ  1 
ATOM   471  O OH  . TYR A 1 70  ? 15.447  -8.462  0.232   1.00 63.93  ? 373 TYR A OH  1 
ATOM   472  N N   . ASP A 1 71  ? 10.109  -8.324  -4.135  1.00 59.77  ? 374 ASP A N   1 
ATOM   473  C CA  . ASP A 1 71  ? 10.838  -7.753  -5.250  1.00 60.18  ? 374 ASP A CA  1 
ATOM   474  C C   . ASP A 1 71  ? 10.241  -6.422  -5.681  1.00 60.38  ? 374 ASP A C   1 
ATOM   475  O O   . ASP A 1 71  ? 10.948  -5.507  -6.164  1.00 60.52  ? 374 ASP A O   1 
ATOM   476  C CB  . ASP A 1 71  ? 10.901  -8.755  -6.424  1.00 59.86  ? 374 ASP A CB  1 
ATOM   477  C CG  . ASP A 1 71  ? 11.896  -9.897  -6.169  1.00 62.18  ? 374 ASP A CG  1 
ATOM   478  O OD1 . ASP A 1 71  ? 12.821  -9.726  -5.301  1.00 61.60  ? 374 ASP A OD1 1 
ATOM   479  O OD2 . ASP A 1 71  ? 11.764  -10.967 -6.830  1.00 62.81  ? 374 ASP A OD2 1 
ATOM   480  N N   . SER A 1 72  ? 8.943   -6.269  -5.466  1.00 60.11  ? 375 SER A N   1 
ATOM   481  C CA  . SER A 1 72  ? 8.274   -5.068  -5.965  1.00 60.09  ? 375 SER A CA  1 
ATOM   482  C C   . SER A 1 72  ? 8.356   -3.935  -4.918  1.00 59.02  ? 375 SER A C   1 
ATOM   483  O O   . SER A 1 72  ? 7.926   -2.806  -5.148  1.00 59.57  ? 375 SER A O   1 
ATOM   484  C CB  . SER A 1 72  ? 6.791   -5.405  -6.323  1.00 60.03  ? 375 SER A CB  1 
ATOM   485  O OG  . SER A 1 72  ? 6.011   -5.433  -5.117  1.00 63.65  ? 375 SER A OG  1 
ATOM   486  N N   . ILE A 1 73  ? 8.913   -4.220  -3.753  1.00 58.99  ? 376 ILE A N   1 
ATOM   487  C CA  . ILE A 1 73  ? 8.853   -3.216  -2.686  1.00 59.00  ? 376 ILE A CA  1 
ATOM   488  C C   . ILE A 1 73  ? 9.516   -1.863  -2.996  1.00 58.92  ? 376 ILE A C   1 
ATOM   489  O O   . ILE A 1 73  ? 8.923   -0.773  -2.729  1.00 58.87  ? 376 ILE A O   1 
ATOM   490  C CB  . ILE A 1 73  ? 9.302   -3.821  -1.338  1.00 59.42  ? 376 ILE A CB  1 
ATOM   491  C CG1 . ILE A 1 73  ? 8.212   -4.798  -0.861  1.00 58.34  ? 376 ILE A CG1 1 
ATOM   492  C CG2 . ILE A 1 73  ? 9.544   -2.701  -0.298  1.00 59.27  ? 376 ILE A CG2 1 
ATOM   493  C CD1 . ILE A 1 73  ? 8.514   -5.565  0.459   1.00 57.34  ? 376 ILE A CD1 1 
ATOM   494  N N   . PRO A 1 74  ? 10.733  -1.915  -3.572  1.00 58.66  ? 377 PRO A N   1 
ATOM   495  C CA  . PRO A 1 74  ? 11.439  -0.637  -3.798  1.00 59.26  ? 377 PRO A CA  1 
ATOM   496  C C   . PRO A 1 74  ? 10.745  0.217   -4.862  1.00 59.58  ? 377 PRO A C   1 
ATOM   497  O O   . PRO A 1 74  ? 10.581  1.424   -4.667  1.00 58.66  ? 377 PRO A O   1 
ATOM   498  C CB  . PRO A 1 74  ? 12.877  -1.055  -4.213  1.00 58.33  ? 377 PRO A CB  1 
ATOM   499  C CG  . PRO A 1 74  ? 13.033  -2.465  -3.722  1.00 58.30  ? 377 PRO A CG  1 
ATOM   500  C CD  . PRO A 1 74  ? 11.613  -3.094  -3.704  1.00 58.20  ? 377 PRO A CD  1 
ATOM   501  N N   . ASN A 1 75  ? 10.284  -0.403  -5.955  1.00 60.93  ? 378 ASN A N   1 
ATOM   502  C CA  . ASN A 1 75  ? 9.426   0.351   -6.911  1.00 60.76  ? 378 ASN A CA  1 
ATOM   503  C C   . ASN A 1 75  ? 8.190   0.964   -6.292  1.00 58.62  ? 378 ASN A C   1 
ATOM   504  O O   . ASN A 1 75  ? 7.858   2.089   -6.565  1.00 58.46  ? 378 ASN A O   1 
ATOM   505  C CB  . ASN A 1 75  ? 9.053   -0.497  -8.131  1.00 61.84  ? 378 ASN A CB  1 
ATOM   506  C CG  . ASN A 1 75  ? 10.208  -0.608  -9.146  1.00 69.04  ? 378 ASN A CG  1 
ATOM   507  O OD1 . ASN A 1 75  ? 10.342  -1.621  -9.837  1.00 76.88  ? 378 ASN A OD1 1 
ATOM   508  N ND2 . ASN A 1 75  ? 11.057  0.426   -9.220  1.00 73.38  ? 378 ASN A ND2 1 
ATOM   509  N N   . ALA A 1 76  ? 7.510   0.243   -5.413  1.00 58.98  ? 379 ALA A N   1 
ATOM   510  C CA  . ALA A 1 76  ? 6.312   0.824   -4.742  1.00 57.77  ? 379 ALA A CA  1 
ATOM   511  C C   . ALA A 1 76  ? 6.662   2.001   -3.851  1.00 57.36  ? 379 ALA A C   1 
ATOM   512  O O   . ALA A 1 76  ? 5.976   3.054   -3.839  1.00 56.85  ? 379 ALA A O   1 
ATOM   513  C CB  . ALA A 1 76  ? 5.589   -0.263  -3.908  1.00 57.15  ? 379 ALA A CB  1 
ATOM   514  N N   . ILE A 1 77  ? 7.705   1.822   -3.037  1.00 57.56  ? 380 ILE A N   1 
ATOM   515  C CA  . ILE A 1 77  ? 8.062   2.899   -2.084  1.00 57.83  ? 380 ILE A CA  1 
ATOM   516  C C   . ILE A 1 77  ? 8.398   4.209   -2.843  1.00 58.24  ? 380 ILE A C   1 
ATOM   517  O O   . ILE A 1 77  ? 7.949   5.316   -2.491  1.00 57.53  ? 380 ILE A O   1 
ATOM   518  C CB  . ILE A 1 77  ? 9.214   2.423   -1.179  1.00 58.12  ? 380 ILE A CB  1 
ATOM   519  C CG1 . ILE A 1 77  ? 8.624   1.401   -0.191  1.00 58.58  ? 380 ILE A CG1 1 
ATOM   520  C CG2 . ILE A 1 77  ? 9.886   3.606   -0.483  1.00 55.56  ? 380 ILE A CG2 1 
ATOM   521  C CD1 . ILE A 1 77  ? 9.621   0.818   0.786   1.00 60.89  ? 380 ILE A CD1 1 
ATOM   522  N N   . LYS A 1 78  ? 9.093   4.029   -3.955  1.00 59.41  ? 381 LYS A N   1 
ATOM   523  C CA  . LYS A 1 78  ? 9.495   5.119   -4.816  1.00 61.87  ? 381 LYS A CA  1 
ATOM   524  C C   . LYS A 1 78  ? 8.313   5.915   -5.403  1.00 62.55  ? 381 LYS A C   1 
ATOM   525  O O   . LYS A 1 78  ? 8.275   7.179   -5.337  1.00 63.59  ? 381 LYS A O   1 
ATOM   526  C CB  . LYS A 1 78  ? 10.366  4.548   -5.945  1.00 61.92  ? 381 LYS A CB  1 
ATOM   527  C CG  . LYS A 1 78  ? 10.986  5.669   -6.749  1.00 67.54  ? 381 LYS A CG  1 
ATOM   528  C CD  . LYS A 1 78  ? 11.379  5.254   -8.163  1.00 74.57  ? 381 LYS A CD  1 
ATOM   529  C CE  . LYS A 1 78  ? 12.272  6.355   -8.818  1.00 80.91  ? 381 LYS A CE  1 
ATOM   530  N NZ  . LYS A 1 78  ? 12.719  5.937   -10.221 1.00 83.60  ? 381 LYS A NZ  1 
ATOM   531  N N   . PHE A 1 79  ? 7.351   5.178   -5.982  1.00 61.64  ? 382 PHE A N   1 
ATOM   532  C CA  . PHE A 1 79  ? 6.145   5.773   -6.578  1.00 60.38  ? 382 PHE A CA  1 
ATOM   533  C C   . PHE A 1 79  ? 5.405   6.445   -5.465  1.00 59.35  ? 382 PHE A C   1 
ATOM   534  O O   . PHE A 1 79  ? 4.980   7.587   -5.584  1.00 58.55  ? 382 PHE A O   1 
ATOM   535  C CB  . PHE A 1 79  ? 5.326   4.628   -7.222  1.00 62.21  ? 382 PHE A CB  1 
ATOM   536  C CG  . PHE A 1 79  ? 4.026   5.054   -7.883  1.00 64.29  ? 382 PHE A CG  1 
ATOM   537  C CD1 . PHE A 1 79  ? 4.017   5.577   -9.194  1.00 64.47  ? 382 PHE A CD1 1 
ATOM   538  C CD2 . PHE A 1 79  ? 2.806   4.851   -7.232  1.00 63.56  ? 382 PHE A CD2 1 
ATOM   539  C CE1 . PHE A 1 79  ? 2.806   5.924   -9.829  1.00 65.14  ? 382 PHE A CE1 1 
ATOM   540  C CE2 . PHE A 1 79  ? 1.591   5.186   -7.862  1.00 63.40  ? 382 PHE A CE2 1 
ATOM   541  C CZ  . PHE A 1 79  ? 1.594   5.733   -9.157  1.00 63.89  ? 382 PHE A CZ  1 
ATOM   542  N N   . ILE A 1 80  ? 5.331   5.793   -4.303  1.00 59.27  ? 383 ILE A N   1 
ATOM   543  C CA  . ILE A 1 80  ? 4.666   6.457   -3.163  1.00 58.85  ? 383 ILE A CA  1 
ATOM   544  C C   . ILE A 1 80  ? 5.367   7.752   -2.701  1.00 59.92  ? 383 ILE A C   1 
ATOM   545  O O   . ILE A 1 80  ? 4.738   8.772   -2.440  1.00 59.07  ? 383 ILE A O   1 
ATOM   546  C CB  . ILE A 1 80  ? 4.504   5.497   -1.977  1.00 58.83  ? 383 ILE A CB  1 
ATOM   547  C CG1 . ILE A 1 80  ? 3.573   4.338   -2.370  1.00 58.84  ? 383 ILE A CG1 1 
ATOM   548  C CG2 . ILE A 1 80  ? 3.965   6.222   -0.747  1.00 56.50  ? 383 ILE A CG2 1 
ATOM   549  C CD1 . ILE A 1 80  ? 3.460   3.237   -1.329  1.00 56.74  ? 383 ILE A CD1 1 
ATOM   550  N N   . ILE A 1 81  ? 6.684   7.711   -2.565  1.00 61.66  ? 384 ILE A N   1 
ATOM   551  C CA  . ILE A 1 81  ? 7.370   8.903   -2.066  1.00 62.28  ? 384 ILE A CA  1 
ATOM   552  C C   . ILE A 1 81  ? 7.316   9.999   -3.131  1.00 62.98  ? 384 ILE A C   1 
ATOM   553  O O   . ILE A 1 81  ? 7.152   11.165  -2.802  1.00 62.88  ? 384 ILE A O   1 
ATOM   554  C CB  . ILE A 1 81  ? 8.828   8.585   -1.542  1.00 62.15  ? 384 ILE A CB  1 
ATOM   555  C CG1 . ILE A 1 81  ? 8.708   8.025   -0.145  1.00 62.10  ? 384 ILE A CG1 1 
ATOM   556  C CG2 . ILE A 1 81  ? 9.650   9.863   -1.445  1.00 60.83  ? 384 ILE A CG2 1 
ATOM   557  C CD1 . ILE A 1 81  ? 9.835   7.212   0.284   1.00 63.41  ? 384 ILE A CD1 1 
ATOM   558  N N   . ARG A 1 82  ? 7.411   9.632   -4.408  1.00 64.56  ? 385 ARG A N   1 
ATOM   559  C CA  A ARG A 1 82  ? 7.174   10.607  -5.487  0.50 66.07  ? 385 ARG A CA  1 
ATOM   560  C CA  B ARG A 1 82  ? 7.210   10.617  -5.477  0.50 66.13  ? 385 ARG A CA  1 
ATOM   561  C C   . ARG A 1 82  ? 5.874   11.378  -5.315  1.00 66.93  ? 385 ARG A C   1 
ATOM   562  O O   . ARG A 1 82  ? 5.767   12.531  -5.715  1.00 68.09  ? 385 ARG A O   1 
ATOM   563  C CB  A ARG A 1 82  ? 7.162   9.941   -6.866  0.50 66.57  ? 385 ARG A CB  1 
ATOM   564  C CB  B ARG A 1 82  ? 7.367   9.993   -6.895  0.50 66.62  ? 385 ARG A CB  1 
ATOM   565  C CG  A ARG A 1 82  ? 6.817   10.893  -8.008  0.50 67.33  ? 385 ARG A CG  1 
ATOM   566  C CG  B ARG A 1 82  ? 8.856   9.769   -7.379  0.50 67.74  ? 385 ARG A CG  1 
ATOM   567  C CD  A ARG A 1 82  ? 6.910   10.203  -9.368  0.50 71.76  ? 385 ARG A CD  1 
ATOM   568  C CD  B ARG A 1 82  ? 9.015   9.271   -8.869  0.50 69.29  ? 385 ARG A CD  1 
ATOM   569  N NE  A ARG A 1 82  ? 5.631   9.747   -9.925  0.50 74.46  ? 385 ARG A NE  1 
ATOM   570  N NE  B ARG A 1 82  ? 9.200   7.812   -9.011  0.50 71.93  ? 385 ARG A NE  1 
ATOM   571  C CZ  A ARG A 1 82  ? 5.521   8.780   -10.843 0.50 76.46  ? 385 ARG A CZ  1 
ATOM   572  C CZ  B ARG A 1 82  ? 8.277   6.973   -9.505  0.50 70.62  ? 385 ARG A CZ  1 
ATOM   573  N NH1 A ARG A 1 82  ? 6.594   8.151   -11.294 0.50 76.74  ? 385 ARG A NH1 1 
ATOM   574  N NH1 B ARG A 1 82  ? 7.117   7.443   -9.933  0.50 71.53  ? 385 ARG A NH1 1 
ATOM   575  N NH2 A ARG A 1 82  ? 4.338   8.426   -11.316 0.50 78.46  ? 385 ARG A NH2 1 
ATOM   576  N NH2 B ARG A 1 82  ? 8.508   5.666   -9.578  0.50 68.74  ? 385 ARG A NH2 1 
ATOM   577  N N   . SER A 1 83  ? 4.866   10.759  -4.703  1.00 67.45  ? 386 SER A N   1 
ATOM   578  C CA  . SER A 1 83  ? 3.572   11.412  -4.601  1.00 67.84  ? 386 SER A CA  1 
ATOM   579  C C   . SER A 1 83  ? 3.525   12.297  -3.357  1.00 68.40  ? 386 SER A C   1 
ATOM   580  O O   . SER A 1 83  ? 2.895   13.365  -3.353  1.00 67.41  ? 386 SER A O   1 
ATOM   581  C CB  . SER A 1 83  ? 2.409   10.362  -4.643  1.00 67.52  ? 386 SER A CB  1 
ATOM   582  O OG  . SER A 1 83  ? 1.145   10.904  -4.266  1.00 66.43  ? 386 SER A OG  1 
ATOM   583  N N   . ILE A 1 84  ? 4.133   11.816  -2.280  1.00 69.93  ? 387 ILE A N   1 
ATOM   584  C CA  . ILE A 1 84  ? 4.274   12.624  -1.069  1.00 71.75  ? 387 ILE A CA  1 
ATOM   585  C C   . ILE A 1 84  ? 5.052   13.939  -1.398  1.00 73.67  ? 387 ILE A C   1 
ATOM   586  O O   . ILE A 1 84  ? 4.679   15.037  -0.982  1.00 73.83  ? 387 ILE A O   1 
ATOM   587  C CB  . ILE A 1 84  ? 5.018   11.839  0.020   1.00 71.57  ? 387 ILE A CB  1 
ATOM   588  C CG1 . ILE A 1 84  ? 4.095   10.754  0.622   1.00 70.07  ? 387 ILE A CG1 1 
ATOM   589  C CG2 . ILE A 1 84  ? 5.527   12.809  1.084   1.00 71.26  ? 387 ILE A CG2 1 
ATOM   590  C CD1 . ILE A 1 84  ? 4.772   9.717   1.501   1.00 64.36  ? 387 ILE A CD1 1 
ATOM   591  N N   . GLN A 1 85  ? 6.103   13.793  -2.193  1.00 75.44  ? 388 GLN A N   1 
ATOM   592  C CA  . GLN A 1 85  ? 6.891   14.896  -2.679  1.00 78.18  ? 388 GLN A CA  1 
ATOM   593  C C   . GLN A 1 85  ? 6.086   15.990  -3.420  1.00 78.59  ? 388 GLN A C   1 
ATOM   594  O O   . GLN A 1 85  ? 6.368   17.182  -3.257  1.00 78.56  ? 388 GLN A O   1 
ATOM   595  C CB  . GLN A 1 85  ? 7.957   14.334  -3.603  1.00 78.53  ? 388 GLN A CB  1 
ATOM   596  C CG  . GLN A 1 85  ? 8.803   15.379  -4.233  1.00 83.23  ? 388 GLN A CG  1 
ATOM   597  C CD  . GLN A 1 85  ? 9.953   14.765  -5.039  1.00 88.56  ? 388 GLN A CD  1 
ATOM   598  O OE1 . GLN A 1 85  ? 10.796  15.483  -5.577  1.00 92.64  ? 388 GLN A OE1 1 
ATOM   599  N NE2 . GLN A 1 85  ? 9.996   13.432  -5.113  1.00 90.91  ? 388 GLN A NE2 1 
ATOM   600  N N   . ARG A 1 86  ? 5.104   15.583  -4.235  1.00 78.51  ? 389 ARG A N   1 
ATOM   601  C CA  . ARG A 1 86  ? 4.236   16.512  -4.946  1.00 78.12  ? 389 ARG A CA  1 
ATOM   602  C C   . ARG A 1 86  ? 3.201   17.066  -4.016  1.00 78.10  ? 389 ARG A C   1 
ATOM   603  O O   . ARG A 1 86  ? 2.426   17.932  -4.403  1.00 78.23  ? 389 ARG A O   1 
ATOM   604  C CB  . ARG A 1 86  ? 3.507   15.804  -6.085  1.00 78.76  ? 389 ARG A CB  1 
ATOM   605  C CG  . ARG A 1 86  ? 4.433   15.325  -7.196  1.00 81.32  ? 389 ARG A CG  1 
ATOM   606  C CD  . ARG A 1 86  ? 3.655   14.891  -8.460  1.00 85.87  ? 389 ARG A CD  1 
ATOM   607  N NE  . ARG A 1 86  ? 3.256   13.495  -8.377  1.00 88.02  ? 389 ARG A NE  1 
ATOM   608  C CZ  . ARG A 1 86  ? 3.763   12.522  -9.115  1.00 89.77  ? 389 ARG A CZ  1 
ATOM   609  N NH1 . ARG A 1 86  ? 4.676   12.789  -10.030 1.00 90.34  ? 389 ARG A NH1 1 
ATOM   610  N NH2 . ARG A 1 86  ? 3.351   11.274  -8.932  1.00 92.98  ? 389 ARG A NH2 1 
ATOM   611  N N   . LYS A 1 87  ? 3.168   16.561  -2.787  1.00 78.12  ? 390 LYS A N   1 
ATOM   612  C CA  . LYS A 1 87  ? 2.098   16.908  -1.863  1.00 78.35  ? 390 LYS A CA  1 
ATOM   613  C C   . LYS A 1 87  ? 0.711   16.532  -2.438  1.00 77.17  ? 390 LYS A C   1 
ATOM   614  O O   . LYS A 1 87  ? -0.276  17.274  -2.307  1.00 76.53  ? 390 LYS A O   1 
ATOM   615  C CB  . LYS A 1 87  ? 2.182   18.379  -1.487  1.00 79.31  ? 390 LYS A CB  1 
ATOM   616  C CG  . LYS A 1 87  ? 2.938   18.614  -0.179  1.00 83.79  ? 390 LYS A CG  1 
ATOM   617  C CD  . LYS A 1 87  ? 3.194   20.114  0.064   1.00 90.56  ? 390 LYS A CD  1 
ATOM   618  C CE  . LYS A 1 87  ? 4.096   20.354  1.295   1.00 94.84  ? 390 LYS A CE  1 
ATOM   619  N NZ  . LYS A 1 87  ? 5.559   20.032  1.025   1.00 97.37  ? 390 LYS A NZ  1 
ATOM   620  N N   . GLU A 1 88  ? 0.668   15.355  -3.066  1.00 75.87  ? 391 GLU A N   1 
ATOM   621  C CA  . GLU A 1 88  ? -0.577  14.786  -3.597  1.00 74.36  ? 391 GLU A CA  1 
ATOM   622  C C   . GLU A 1 88  ? -0.860  13.357  -3.102  1.00 72.59  ? 391 GLU A C   1 
ATOM   623  O O   . GLU A 1 88  ? 0.056   12.592  -2.747  1.00 71.49  ? 391 GLU A O   1 
ATOM   624  C CB  . GLU A 1 88  ? -0.562  14.874  -5.127  1.00 74.49  ? 391 GLU A CB  1 
ATOM   625  C CG  . GLU A 1 88  ? -0.881  16.296  -5.594  1.00 76.36  ? 391 GLU A CG  1 
ATOM   626  C CD  . GLU A 1 88  ? -0.453  16.577  -7.025  1.00 79.87  ? 391 GLU A CD  1 
ATOM   627  O OE1 . GLU A 1 88  ? -0.056  15.624  -7.744  1.00 80.00  ? 391 GLU A OE1 1 
ATOM   628  O OE2 . GLU A 1 88  ? -0.510  17.762  -7.429  1.00 81.45  ? 391 GLU A OE2 1 
ATOM   629  N N   . GLY A 1 89  ? -2.141  12.995  -3.094  1.00 71.11  ? 392 GLY A N   1 
ATOM   630  C CA  . GLY A 1 89  ? -2.548  11.655  -2.654  1.00 67.99  ? 392 GLY A CA  1 
ATOM   631  C C   . GLY A 1 89  ? -2.142  10.533  -3.596  1.00 65.98  ? 392 GLY A C   1 
ATOM   632  O O   . GLY A 1 89  ? -2.132  10.661  -4.845  1.00 65.27  ? 392 GLY A O   1 
ATOM   633  N N   . VAL A 1 90  ? -1.789  9.409   -2.994  1.00 64.62  ? 393 VAL A N   1 
ATOM   634  C CA  . VAL A 1 90  ? -1.654  8.160   -3.774  1.00 63.08  ? 393 VAL A CA  1 
ATOM   635  C C   . VAL A 1 90  ? -2.660  7.147   -3.204  1.00 61.75  ? 393 VAL A C   1 
ATOM   636  O O   . VAL A 1 90  ? -2.794  6.980   -1.966  1.00 61.13  ? 393 VAL A O   1 
ATOM   637  C CB  . VAL A 1 90  ? -0.212  7.607   -3.759  1.00 62.18  ? 393 VAL A CB  1 
ATOM   638  C CG1 . VAL A 1 90  ? 0.250   7.358   -2.318  1.00 62.24  ? 393 VAL A CG1 1 
ATOM   639  C CG2 . VAL A 1 90  ? -0.081  6.350   -4.608  1.00 61.45  ? 393 VAL A CG2 1 
ATOM   640  N N   . LEU A 1 91  ? -3.362  6.472   -4.112  1.00 60.93  ? 394 LEU A N   1 
ATOM   641  C CA  . LEU A 1 91  ? -4.349  5.464   -3.716  1.00 58.83  ? 394 LEU A CA  1 
ATOM   642  C C   . LEU A 1 91  ? -3.814  4.097   -4.037  1.00 58.14  ? 394 LEU A C   1 
ATOM   643  O O   . LEU A 1 91  ? -3.441  3.826   -5.180  1.00 57.58  ? 394 LEU A O   1 
ATOM   644  C CB  . LEU A 1 91  ? -5.678  5.694   -4.442  1.00 59.65  ? 394 LEU A CB  1 
ATOM   645  C CG  . LEU A 1 91  ? -6.767  4.609   -4.265  1.00 57.34  ? 394 LEU A CG  1 
ATOM   646  C CD1 . LEU A 1 91  ? -7.151  4.401   -2.780  1.00 51.46  ? 394 LEU A CD1 1 
ATOM   647  C CD2 . LEU A 1 91  ? -7.960  5.035   -5.101  1.00 58.05  ? 394 LEU A CD2 1 
ATOM   648  N N   . ILE A 1 92  ? -3.759  3.220   -3.031  1.00 57.74  ? 395 ILE A N   1 
ATOM   649  C CA  . ILE A 1 92  ? -3.123  1.914   -3.245  1.00 58.32  ? 395 ILE A CA  1 
ATOM   650  C C   . ILE A 1 92  ? -4.206  0.830   -3.227  1.00 58.08  ? 395 ILE A C   1 
ATOM   651  O O   . ILE A 1 92  ? -4.955  0.728   -2.267  1.00 57.68  ? 395 ILE A O   1 
ATOM   652  C CB  . ILE A 1 92  ? -1.998  1.634   -2.200  1.00 58.58  ? 395 ILE A CB  1 
ATOM   653  C CG1 . ILE A 1 92  ? -0.935  2.760   -2.287  1.00 61.17  ? 395 ILE A CG1 1 
ATOM   654  C CG2 . ILE A 1 92  ? -1.358  0.234   -2.408  1.00 55.24  ? 395 ILE A CG2 1 
ATOM   655  C CD1 . ILE A 1 92  ? -0.376  3.193   -0.944  1.00 61.62  ? 395 ILE A CD1 1 
ATOM   656  N N   . ILE A 1 93  ? -4.320  0.057   -4.306  1.00 58.58  ? 396 ILE A N   1 
ATOM   657  C CA  . ILE A 1 93  ? -5.481  -0.834  -4.425  1.00 59.56  ? 396 ILE A CA  1 
ATOM   658  C C   . ILE A 1 93  ? -5.102  -2.232  -4.896  1.00 59.18  ? 396 ILE A C   1 
ATOM   659  O O   . ILE A 1 93  ? -4.127  -2.409  -5.643  1.00 59.62  ? 396 ILE A O   1 
ATOM   660  C CB  . ILE A 1 93  ? -6.601  -0.253  -5.341  1.00 60.04  ? 396 ILE A CB  1 
ATOM   661  C CG1 . ILE A 1 93  ? -6.163  -0.273  -6.795  1.00 62.48  ? 396 ILE A CG1 1 
ATOM   662  C CG2 . ILE A 1 93  ? -7.010  1.123   -4.960  1.00 58.85  ? 396 ILE A CG2 1 
ATOM   663  C CD1 . ILE A 1 93  ? -7.339  0.034   -7.793  1.00 64.40  ? 396 ILE A CD1 1 
ATOM   664  N N   . SER A 1 94  ? -5.815  -3.222  -4.371  1.00 58.61  ? 397 SER A N   1 
ATOM   665  C CA  . SER A 1 94  ? -5.799  -4.586  -4.927  1.00 58.76  ? 397 SER A CA  1 
ATOM   666  C C   . SER A 1 94  ? -7.272  -4.961  -5.233  1.00 59.63  ? 397 SER A C   1 
ATOM   667  O O   . SER A 1 94  ? -8.170  -4.181  -4.901  1.00 59.54  ? 397 SER A O   1 
ATOM   668  C CB  . SER A 1 94  ? -5.131  -5.585  -3.964  1.00 57.17  ? 397 SER A CB  1 
ATOM   669  O OG  . SER A 1 94  ? -5.709  -5.474  -2.691  1.00 54.59  ? 397 SER A OG  1 
ATOM   670  N N   . GLY A 1 95  ? -7.513  -6.113  -5.877  1.00 60.20  ? 398 GLY A N   1 
ATOM   671  C CA  . GLY A 1 95  ? -8.878  -6.526  -6.301  1.00 60.18  ? 398 GLY A CA  1 
ATOM   672  C C   . GLY A 1 95  ? -9.923  -6.426  -5.191  1.00 60.46  ? 398 GLY A C   1 
ATOM   673  O O   . GLY A 1 95  ? -10.912 -5.682  -5.317  1.00 60.02  ? 398 GLY A O   1 
ATOM   674  N N   . THR A 1 96  ? -9.686  -7.127  -4.084  1.00 60.23  ? 399 THR A N   1 
ATOM   675  C CA  . THR A 1 96  ? -10.569 -7.010  -2.934  1.00 61.26  ? 399 THR A CA  1 
ATOM   676  C C   . THR A 1 96  ? -10.150 -5.967  -1.900  1.00 61.02  ? 399 THR A C   1 
ATOM   677  O O   . THR A 1 96  ? -10.975 -5.585  -1.051  1.00 60.22  ? 399 THR A O   1 
ATOM   678  C CB  . THR A 1 96  ? -10.807 -8.400  -2.235  1.00 62.56  ? 399 THR A CB  1 
ATOM   679  O OG1 . THR A 1 96  ? -9.716  -8.703  -1.360  1.00 65.32  ? 399 THR A OG1 1 
ATOM   680  C CG2 . THR A 1 96  ? -10.928 -9.521  -3.290  1.00 62.59  ? 399 THR A CG2 1 
ATOM   681  N N   . GLY A 1 97  ? -8.887  -5.489  -1.959  1.00 60.64  ? 400 GLY A N   1 
ATOM   682  C CA  . GLY A 1 97  ? -8.436  -4.401  -1.076  1.00 59.30  ? 400 GLY A CA  1 
ATOM   683  C C   . GLY A 1 97  ? -8.052  -4.923  0.304   1.00 60.16  ? 400 GLY A C   1 
ATOM   684  O O   . GLY A 1 97  ? -7.794  -4.174  1.228   1.00 60.17  ? 400 GLY A O   1 
ATOM   685  N N   . VAL A 1 98  ? -7.965  -6.228  0.442   1.00 59.82  ? 401 VAL A N   1 
ATOM   686  C CA  . VAL A 1 98  ? -7.901  -6.823  1.766   1.00 59.95  ? 401 VAL A CA  1 
ATOM   687  C C   . VAL A 1 98  ? -6.518  -7.485  2.087   1.00 60.00  ? 401 VAL A C   1 
ATOM   688  O O   . VAL A 1 98  ? -6.106  -7.574  3.251   1.00 60.34  ? 401 VAL A O   1 
ATOM   689  C CB  . VAL A 1 98  ? -9.123  -7.839  1.874   1.00 61.23  ? 401 VAL A CB  1 
ATOM   690  C CG1 . VAL A 1 98  ? -8.709  -9.229  2.265   1.00 58.56  ? 401 VAL A CG1 1 
ATOM   691  C CG2 . VAL A 1 98  ? -10.269 -7.251  2.709   1.00 59.42  ? 401 VAL A CG2 1 
ATOM   692  N N   . ASN A 1 99  ? -5.807  -7.890  1.039   1.00 58.59  ? 402 ASN A N   1 
ATOM   693  C CA  . ASN A 1 99  ? -4.674  -8.787  1.150   1.00 58.38  ? 402 ASN A CA  1 
ATOM   694  C C   . ASN A 1 99  ? -3.413  -8.083  0.588   1.00 58.72  ? 402 ASN A C   1 
ATOM   695  O O   . ASN A 1 99  ? -2.596  -7.571  1.355   1.00 57.95  ? 402 ASN A O   1 
ATOM   696  C CB  . ASN A 1 99  ? -5.023  -10.055 0.379   1.00 57.85  ? 402 ASN A CB  1 
ATOM   697  C CG  . ASN A 1 99  ? -3.892  -11.052 0.294   1.00 57.48  ? 402 ASN A CG  1 
ATOM   698  O OD1 . ASN A 1 99  ? -3.067  -11.151 1.199   1.00 55.07  ? 402 ASN A OD1 1 
ATOM   699  N ND2 . ASN A 1 99  ? -3.873  -11.835 -0.801  1.00 54.30  ? 402 ASN A ND2 1 
ATOM   700  N N   . LYS A 1 100 ? -3.292  -8.023  -0.744  1.00 58.36  ? 403 LYS A N   1 
ATOM   701  C CA  . LYS A 1 100 ? -2.125  -7.426  -1.404  1.00 58.36  ? 403 LYS A CA  1 
ATOM   702  C C   . LYS A 1 100 ? -1.890  -5.907  -1.155  1.00 57.65  ? 403 LYS A C   1 
ATOM   703  O O   . LYS A 1 100 ? -0.757  -5.507  -0.850  1.00 56.92  ? 403 LYS A O   1 
ATOM   704  C CB  . LYS A 1 100 ? -2.141  -7.720  -2.904  1.00 58.61  ? 403 LYS A CB  1 
ATOM   705  C CG  . LYS A 1 100 ? -1.817  -9.137  -3.244  1.00 60.11  ? 403 LYS A CG  1 
ATOM   706  C CD  . LYS A 1 100 ? -1.766  -9.310  -4.765  1.00 65.95  ? 403 LYS A CD  1 
ATOM   707  C CE  . LYS A 1 100 ? -2.901  -10.169 -5.293  1.00 70.19  ? 403 LYS A CE  1 
ATOM   708  N NZ  . LYS A 1 100 ? -4.209  -9.530  -5.095  1.00 69.88  ? 403 LYS A NZ  1 
ATOM   709  N N   . ALA A 1 101 ? -2.919  -5.074  -1.303  1.00 56.65  ? 404 ALA A N   1 
ATOM   710  C CA  . ALA A 1 101 ? -2.741  -3.639  -1.075  1.00 57.17  ? 404 ALA A CA  1 
ATOM   711  C C   . ALA A 1 101 ? -2.286  -3.326  0.391   1.00 57.56  ? 404 ALA A C   1 
ATOM   712  O O   . ALA A 1 101 ? -1.388  -2.474  0.613   1.00 57.49  ? 404 ALA A O   1 
ATOM   713  C CB  . ALA A 1 101 ? -3.964  -2.816  -1.465  1.00 55.71  ? 404 ALA A CB  1 
ATOM   714  N N   . PRO A 1 102 ? -2.905  -3.993  1.383   1.00 57.12  ? 405 PRO A N   1 
ATOM   715  C CA  . PRO A 1 102 ? -2.444  -3.714  2.755   1.00 57.22  ? 405 PRO A CA  1 
ATOM   716  C C   . PRO A 1 102 ? -0.987  -4.157  3.028   1.00 57.40  ? 405 PRO A C   1 
ATOM   717  O O   . PRO A 1 102 ? -0.289  -3.462  3.772   1.00 56.89  ? 405 PRO A O   1 
ATOM   718  C CB  . PRO A 1 102 ? -3.429  -4.494  3.631   1.00 56.87  ? 405 PRO A CB  1 
ATOM   719  C CG  . PRO A 1 102 ? -4.716  -4.601  2.742   1.00 57.20  ? 405 PRO A CG  1 
ATOM   720  C CD  . PRO A 1 102 ? -4.184  -4.733  1.350   1.00 57.62  ? 405 PRO A CD  1 
ATOM   721  N N   . ALA A 1 103 ? -0.556  -5.279  2.437   1.00 56.72  ? 406 ALA A N   1 
ATOM   722  C CA  . ALA A 1 103 ? 0.825   -5.746  2.553   1.00 57.93  ? 406 ALA A CA  1 
ATOM   723  C C   . ALA A 1 103 ? 1.813   -4.674  2.042   1.00 58.02  ? 406 ALA A C   1 
ATOM   724  O O   . ALA A 1 103 ? 2.819   -4.392  2.703   1.00 59.05  ? 406 ALA A O   1 
ATOM   725  C CB  . ALA A 1 103 ? 1.037   -7.078  1.826   1.00 55.89  ? 406 ALA A CB  1 
ATOM   726  N N   . ILE A 1 104 ? 1.512   -4.069  0.893   1.00 57.30  ? 407 ILE A N   1 
ATOM   727  C CA  . ILE A 1 104 ? 2.325   -2.979  0.370   1.00 56.52  ? 407 ILE A CA  1 
ATOM   728  C C   . ILE A 1 104 ? 2.370   -1.782  1.316   1.00 57.09  ? 407 ILE A C   1 
ATOM   729  O O   . ILE A 1 104 ? 3.434   -1.164  1.485   1.00 56.82  ? 407 ILE A O   1 
ATOM   730  C CB  . ILE A 1 104 ? 1.876   -2.530  -1.077  1.00 56.46  ? 407 ILE A CB  1 
ATOM   731  C CG1 . ILE A 1 104 ? 2.235   -3.583  -2.106  1.00 56.25  ? 407 ILE A CG1 1 
ATOM   732  C CG2 . ILE A 1 104 ? 2.514   -1.174  -1.514  1.00 53.99  ? 407 ILE A CG2 1 
ATOM   733  C CD1 . ILE A 1 104 ? 3.732   -3.847  -2.228  1.00 57.87  ? 407 ILE A CD1 1 
ATOM   734  N N   . VAL A 1 105 ? 1.219   -1.409  1.874   1.00 56.69  ? 408 VAL A N   1 
ATOM   735  C CA  . VAL A 1 105 ? 1.149   -0.268  2.783   1.00 56.51  ? 408 VAL A CA  1 
ATOM   736  C C   . VAL A 1 105 ? 1.991   -0.530  4.047   1.00 56.83  ? 408 VAL A C   1 
ATOM   737  O O   . VAL A 1 105 ? 2.675   0.367   4.559   1.00 56.29  ? 408 VAL A O   1 
ATOM   738  C CB  . VAL A 1 105 ? -0.335  0.131   3.129   1.00 56.62  ? 408 VAL A CB  1 
ATOM   739  C CG1 . VAL A 1 105 ? -0.415  1.092   4.301   1.00 55.17  ? 408 VAL A CG1 1 
ATOM   740  C CG2 . VAL A 1 105 ? -1.050  0.766   1.896   1.00 57.23  ? 408 VAL A CG2 1 
ATOM   741  N N   . ILE A 1 106 ? 1.936   -1.763  4.540   1.00 56.82  ? 409 ILE A N   1 
ATOM   742  C CA  . ILE A 1 106 ? 2.783   -2.172  5.622   1.00 56.63  ? 409 ILE A CA  1 
ATOM   743  C C   . ILE A 1 106 ? 4.306   -2.010  5.293   1.00 57.72  ? 409 ILE A C   1 
ATOM   744  O O   . ILE A 1 106 ? 5.015   -1.398  6.084   1.00 57.33  ? 409 ILE A O   1 
ATOM   745  C CB  . ILE A 1 106 ? 2.456   -3.581  6.090   1.00 56.17  ? 409 ILE A CB  1 
ATOM   746  C CG1 . ILE A 1 106 ? 1.051   -3.600  6.734   1.00 55.25  ? 409 ILE A CG1 1 
ATOM   747  C CG2 . ILE A 1 106 ? 3.543   -4.089  7.081   1.00 54.07  ? 409 ILE A CG2 1 
ATOM   748  C CD1 . ILE A 1 106 ? 0.546   -5.001  7.143   1.00 50.97  ? 409 ILE A CD1 1 
ATOM   749  N N   . ALA A 1 107 ? 4.778   -2.580  4.173   1.00 56.77  ? 410 ALA A N   1 
ATOM   750  C CA  . ALA A 1 107 ? 6.152   -2.428  3.732   1.00 56.77  ? 410 ALA A CA  1 
ATOM   751  C C   . ALA A 1 107 ? 6.571   -0.947  3.723   1.00 57.71  ? 410 ALA A C   1 
ATOM   752  O O   . ALA A 1 107 ? 7.658   -0.571  4.238   1.00 57.91  ? 410 ALA A O   1 
ATOM   753  C CB  . ALA A 1 107 ? 6.342   -3.042  2.370   1.00 55.70  ? 410 ALA A CB  1 
ATOM   754  N N   . PHE A 1 108 ? 5.707   -0.102  3.148   1.00 57.67  ? 411 PHE A N   1 
ATOM   755  C CA  . PHE A 1 108 ? 5.952   1.314   3.114   1.00 57.23  ? 411 PHE A CA  1 
ATOM   756  C C   . PHE A 1 108 ? 6.177   1.966   4.493   1.00 58.37  ? 411 PHE A C   1 
ATOM   757  O O   . PHE A 1 108 ? 7.119   2.742   4.670   1.00 59.72  ? 411 PHE A O   1 
ATOM   758  C CB  . PHE A 1 108 ? 4.849   2.060   2.369   1.00 57.05  ? 411 PHE A CB  1 
ATOM   759  C CG  . PHE A 1 108 ? 5.005   3.545   2.443   1.00 57.38  ? 411 PHE A CG  1 
ATOM   760  C CD1 . PHE A 1 108 ? 6.005   4.203   1.670   1.00 56.27  ? 411 PHE A CD1 1 
ATOM   761  C CD2 . PHE A 1 108 ? 4.222   4.299   3.316   1.00 53.83  ? 411 PHE A CD2 1 
ATOM   762  C CE1 . PHE A 1 108 ? 6.212   5.580   1.761   1.00 50.85  ? 411 PHE A CE1 1 
ATOM   763  C CE2 . PHE A 1 108 ? 4.422   5.675   3.409   1.00 53.50  ? 411 PHE A CE2 1 
ATOM   764  C CZ  . PHE A 1 108 ? 5.428   6.315   2.632   1.00 52.46  ? 411 PHE A CZ  1 
ATOM   765  N N   . LEU A 1 109 ? 5.297   1.704   5.453   1.00 58.77  ? 412 LEU A N   1 
ATOM   766  C CA  . LEU A 1 109 ? 5.410   2.281   6.789   1.00 58.92  ? 412 LEU A CA  1 
ATOM   767  C C   . LEU A 1 109 ? 6.590   1.686   7.580   1.00 59.09  ? 412 LEU A C   1 
ATOM   768  O O   . LEU A 1 109 ? 7.200   2.385   8.394   1.00 59.52  ? 412 LEU A O   1 
ATOM   769  C CB  . LEU A 1 109 ? 4.139   2.010   7.570   1.00 58.90  ? 412 LEU A CB  1 
ATOM   770  C CG  . LEU A 1 109 ? 2.787   2.600   7.127   1.00 58.80  ? 412 LEU A CG  1 
ATOM   771  C CD1 . LEU A 1 109 ? 1.670   1.986   8.025   1.00 56.20  ? 412 LEU A CD1 1 
ATOM   772  C CD2 . LEU A 1 109 ? 2.749   4.120   7.211   1.00 54.71  ? 412 LEU A CD2 1 
ATOM   773  N N   . MET A 1 110 ? 6.871   0.397   7.390   1.00 57.78  ? 413 MET A N   1 
ATOM   774  C CA  . MET A 1 110 ? 8.076   -0.170  7.938   1.00 57.88  ? 413 MET A CA  1 
ATOM   775  C C   . MET A 1 110 ? 9.260   0.790   7.608   1.00 59.66  ? 413 MET A C   1 
ATOM   776  O O   . MET A 1 110 ? 9.997   1.216   8.501   1.00 60.00  ? 413 MET A O   1 
ATOM   777  C CB  . MET A 1 110 ? 8.318   -1.600  7.411   1.00 57.05  ? 413 MET A CB  1 
ATOM   778  C CG  . MET A 1 110 ? 7.302   -2.683  7.953   1.00 51.94  ? 413 MET A CG  1 
ATOM   779  S SD  . MET A 1 110 ? 7.314   -4.263  7.133   1.00 44.43  ? 413 MET A SD  1 
ATOM   780  C CE  . MET A 1 110 ? 8.962   -4.884  7.454   1.00 53.40  ? 413 MET A CE  1 
ATOM   781  N N   . TYR A 1 111 ? 9.380   1.187   6.341   1.00 59.72  ? 414 TYR A N   1 
ATOM   782  C CA  . TYR A 1 111 ? 10.501  1.976   5.858   1.00 59.88  ? 414 TYR A CA  1 
ATOM   783  C C   . TYR A 1 111 ? 10.373  3.438   6.293   1.00 60.65  ? 414 TYR A C   1 
ATOM   784  O O   . TYR A 1 111 ? 11.317  4.042   6.831   1.00 59.42  ? 414 TYR A O   1 
ATOM   785  C CB  . TYR A 1 111 ? 10.502  1.900   4.330   1.00 59.81  ? 414 TYR A CB  1 
ATOM   786  C CG  . TYR A 1 111 ? 11.538  2.722   3.620   1.00 59.78  ? 414 TYR A CG  1 
ATOM   787  C CD1 . TYR A 1 111 ? 12.876  2.305   3.564   1.00 59.67  ? 414 TYR A CD1 1 
ATOM   788  C CD2 . TYR A 1 111 ? 11.191  3.913   2.983   1.00 61.25  ? 414 TYR A CD2 1 
ATOM   789  C CE1 . TYR A 1 111 ? 13.835  3.057   2.915   1.00 58.87  ? 414 TYR A CE1 1 
ATOM   790  C CE2 . TYR A 1 111 ? 12.157  4.698   2.305   1.00 60.32  ? 414 TYR A CE2 1 
ATOM   791  C CZ  . TYR A 1 111 ? 13.484  4.258   2.291   1.00 61.39  ? 414 TYR A CZ  1 
ATOM   792  O OH  . TYR A 1 111 ? 14.444  4.980   1.618   1.00 60.42  ? 414 TYR A OH  1 
ATOM   793  N N   . TYR A 1 112 ? 9.182   3.995   6.056   1.00 60.18  ? 415 TYR A N   1 
ATOM   794  C CA  . TYR A 1 112 ? 8.926   5.408   6.207   1.00 60.59  ? 415 TYR A CA  1 
ATOM   795  C C   . TYR A 1 112 ? 8.784   5.884   7.653   1.00 61.75  ? 415 TYR A C   1 
ATOM   796  O O   . TYR A 1 112 ? 8.947   7.081   7.930   1.00 62.20  ? 415 TYR A O   1 
ATOM   797  C CB  . TYR A 1 112 ? 7.640   5.748   5.491   1.00 60.89  ? 415 TYR A CB  1 
ATOM   798  C CG  . TYR A 1 112 ? 7.434   7.201   5.203   1.00 61.79  ? 415 TYR A CG  1 
ATOM   799  C CD1 . TYR A 1 112 ? 8.099   7.802   4.138   1.00 63.14  ? 415 TYR A CD1 1 
ATOM   800  C CD2 . TYR A 1 112 ? 6.535   7.962   5.948   1.00 62.69  ? 415 TYR A CD2 1 
ATOM   801  C CE1 . TYR A 1 112 ? 7.905   9.102   3.834   1.00 64.29  ? 415 TYR A CE1 1 
ATOM   802  C CE2 . TYR A 1 112 ? 6.334   9.296   5.661   1.00 65.60  ? 415 TYR A CE2 1 
ATOM   803  C CZ  . TYR A 1 112 ? 7.027   9.853   4.578   1.00 67.61  ? 415 TYR A CZ  1 
ATOM   804  O OH  . TYR A 1 112 ? 6.862   11.182  4.221   1.00 74.32  ? 415 TYR A OH  1 
ATOM   805  N N   . GLN A 1 113 ? 8.457   4.985   8.572   1.00 61.32  ? 416 GLN A N   1 
ATOM   806  C CA  . GLN A 1 113 ? 8.288   5.395   9.954   1.00 62.33  ? 416 GLN A CA  1 
ATOM   807  C C   . GLN A 1 113 ? 9.078   4.479   10.841  1.00 63.18  ? 416 GLN A C   1 
ATOM   808  O O   . GLN A 1 113 ? 8.833   4.454   12.014  1.00 64.00  ? 416 GLN A O   1 
ATOM   809  C CB  . GLN A 1 113 ? 6.803   5.352   10.348  1.00 62.44  ? 416 GLN A CB  1 
ATOM   810  C CG  . GLN A 1 113 ? 5.998   6.318   9.531   1.00 60.78  ? 416 GLN A CG  1 
ATOM   811  C CD  . GLN A 1 113 ? 4.570   6.424   9.990   1.00 63.35  ? 416 GLN A CD  1 
ATOM   812  O OE1 . GLN A 1 113 ? 3.996   5.453   10.507  1.00 64.18  ? 416 GLN A OE1 1 
ATOM   813  N NE2 . GLN A 1 113 ? 3.970   7.601   9.806   1.00 58.80  ? 416 GLN A NE2 1 
ATOM   814  N N   . ARG A 1 114 ? 10.014  3.721   10.266  1.00 64.43  ? 417 ARG A N   1 
ATOM   815  C CA  . ARG A 1 114 ? 10.817  2.730   11.006  1.00 66.20  ? 417 ARG A CA  1 
ATOM   816  C C   . ARG A 1 114 ? 9.978   1.930   11.989  1.00 66.52  ? 417 ARG A C   1 
ATOM   817  O O   . ARG A 1 114 ? 10.168  2.017   13.231  1.00 67.31  ? 417 ARG A O   1 
ATOM   818  C CB  . ARG A 1 114 ? 12.049  3.343   11.749  1.00 66.51  ? 417 ARG A CB  1 
ATOM   819  C CG  . ARG A 1 114 ? 11.789  4.610   12.560  1.00 68.25  ? 417 ARG A CG  1 
ATOM   820  C CD  . ARG A 1 114 ? 13.147  5.212   13.049  1.00 73.79  ? 417 ARG A CD  1 
ATOM   821  N NE  . ARG A 1 114 ? 13.999  4.228   13.733  1.00 76.22  ? 417 ARG A NE  1 
ATOM   822  C CZ  . ARG A 1 114 ? 14.194  4.205   15.057  1.00 82.10  ? 417 ARG A CZ  1 
ATOM   823  N NH1 . ARG A 1 114 ? 13.623  5.122   15.844  1.00 82.04  ? 417 ARG A NH1 1 
ATOM   824  N NH2 . ARG A 1 114 ? 14.965  3.270   15.606  1.00 84.33  ? 417 ARG A NH2 1 
ATOM   825  N N   . LEU A 1 115 ? 9.064   1.132   11.442  1.00 65.20  ? 418 LEU A N   1 
ATOM   826  C CA  . LEU A 1 115 ? 8.295   0.251   12.278  1.00 63.27  ? 418 LEU A CA  1 
ATOM   827  C C   . LEU A 1 115 ? 8.755   -1.160  12.013  1.00 62.30  ? 418 LEU A C   1 
ATOM   828  O O   . LEU A 1 115 ? 9.166   -1.528  10.896  1.00 62.35  ? 418 LEU A O   1 
ATOM   829  C CB  . LEU A 1 115 ? 6.785   0.417   12.012  1.00 63.66  ? 418 LEU A CB  1 
ATOM   830  C CG  . LEU A 1 115 ? 6.256   1.838   12.195  1.00 63.34  ? 418 LEU A CG  1 
ATOM   831  C CD1 . LEU A 1 115 ? 4.764   1.905   11.902  1.00 62.69  ? 418 LEU A CD1 1 
ATOM   832  C CD2 . LEU A 1 115 ? 6.528   2.348   13.633  1.00 60.69  ? 418 LEU A CD2 1 
ATOM   833  N N   . SER A 1 116 ? 8.715   -1.975  13.047  1.00 61.35  ? 419 SER A N   1 
ATOM   834  C CA  . SER A 1 116 ? 8.851   -3.386  12.826  1.00 61.38  ? 419 SER A CA  1 
ATOM   835  C C   . SER A 1 116 ? 7.649   -3.870  11.971  1.00 60.27  ? 419 SER A C   1 
ATOM   836  O O   . SER A 1 116 ? 6.651   -3.148  11.818  1.00 59.68  ? 419 SER A O   1 
ATOM   837  C CB  . SER A 1 116 ? 8.892   -4.113  14.167  1.00 60.59  ? 419 SER A CB  1 
ATOM   838  O OG  . SER A 1 116 ? 7.718   -3.818  14.878  1.00 62.83  ? 419 SER A OG  1 
ATOM   839  N N   . PHE A 1 117 ? 7.768   -5.078  11.434  1.00 60.03  ? 420 PHE A N   1 
ATOM   840  C CA  . PHE A 1 117 ? 6.655   -5.677  10.752  1.00 61.24  ? 420 PHE A CA  1 
ATOM   841  C C   . PHE A 1 117 ? 5.363   -5.640  11.604  1.00 61.29  ? 420 PHE A C   1 
ATOM   842  O O   . PHE A 1 117 ? 4.340   -5.105  11.165  1.00 61.12  ? 420 PHE A O   1 
ATOM   843  C CB  . PHE A 1 117 ? 6.941   -7.107  10.231  1.00 60.88  ? 420 PHE A CB  1 
ATOM   844  C CG  . PHE A 1 117 ? 5.672   -7.883  10.024  1.00 61.68  ? 420 PHE A CG  1 
ATOM   845  C CD1 . PHE A 1 117 ? 4.821   -7.555  8.956   1.00 59.35  ? 420 PHE A CD1 1 
ATOM   846  C CD2 . PHE A 1 117 ? 5.261   -8.844  10.965  1.00 57.92  ? 420 PHE A CD2 1 
ATOM   847  C CE1 . PHE A 1 117 ? 3.589   -8.201  8.795   1.00 60.98  ? 420 PHE A CE1 1 
ATOM   848  C CE2 . PHE A 1 117 ? 4.043   -9.486  10.824  1.00 58.93  ? 420 PHE A CE2 1 
ATOM   849  C CZ  . PHE A 1 117 ? 3.191   -9.165  9.739   1.00 60.93  ? 420 PHE A CZ  1 
ATOM   850  N N   . ILE A 1 118 ? 5.434   -6.151  12.835  1.00 62.33  ? 421 ILE A N   1 
ATOM   851  C CA  . ILE A 1 118 ? 4.248   -6.331  13.705  1.00 62.70  ? 421 ILE A CA  1 
ATOM   852  C C   . ILE A 1 118 ? 3.608   -5.008  14.067  1.00 62.52  ? 421 ILE A C   1 
ATOM   853  O O   . ILE A 1 118 ? 2.378   -4.875  14.100  1.00 63.52  ? 421 ILE A O   1 
ATOM   854  C CB  . ILE A 1 118 ? 4.581   -7.173  15.005  1.00 64.35  ? 421 ILE A CB  1 
ATOM   855  C CG1 . ILE A 1 118 ? 3.298   -7.570  15.782  1.00 65.89  ? 421 ILE A CG1 1 
ATOM   856  C CG2 . ILE A 1 118 ? 5.509   -6.407  15.963  1.00 62.39  ? 421 ILE A CG2 1 
ATOM   857  C CD1 . ILE A 1 118 ? 2.101   -8.129  14.912  1.00 69.48  ? 421 ILE A CD1 1 
ATOM   858  N N   . ASN A 1 119 ? 4.436   -4.009  14.330  1.00 61.57  ? 422 ASN A N   1 
ATOM   859  C CA  . ASN A 1 119 ? 3.929   -2.705  14.708  1.00 60.86  ? 422 ASN A CA  1 
ATOM   860  C C   . ASN A 1 119 ? 3.300   -1.961  13.522  1.00 60.17  ? 422 ASN A C   1 
ATOM   861  O O   . ASN A 1 119 ? 2.349   -1.176  13.688  1.00 60.12  ? 422 ASN A O   1 
ATOM   862  C CB  . ASN A 1 119 ? 5.054   -1.856  15.299  1.00 60.94  ? 422 ASN A CB  1 
ATOM   863  C CG  . ASN A 1 119 ? 5.345   -2.144  16.816  1.00 64.34  ? 422 ASN A CG  1 
ATOM   864  O OD1 . ASN A 1 119 ? 6.409   -1.734  17.323  1.00 63.57  ? 422 ASN A OD1 1 
ATOM   865  N ND2 . ASN A 1 119 ? 4.403   -2.772  17.534  1.00 61.27  ? 422 ASN A ND2 1 
ATOM   866  N N   . ALA A 1 120 ? 3.881   -2.155  12.335  1.00 59.34  ? 423 ALA A N   1 
ATOM   867  C CA  . ALA A 1 120 ? 3.330   -1.585  11.076  1.00 58.55  ? 423 ALA A CA  1 
ATOM   868  C C   . ALA A 1 120 ? 2.006   -2.347  10.734  1.00 58.10  ? 423 ALA A C   1 
ATOM   869  O O   . ALA A 1 120 ? 1.012   -1.744  10.324  1.00 55.69  ? 423 ALA A O   1 
ATOM   870  C CB  . ALA A 1 120 ? 4.356   -1.692  9.925   1.00 56.79  ? 423 ALA A CB  1 
ATOM   871  N N   . PHE A 1 121 ? 2.017   -3.660  10.938  1.00 58.64  ? 424 PHE A N   1 
ATOM   872  C CA  . PHE A 1 121 ? 0.796   -4.449  10.820  1.00 60.73  ? 424 PHE A CA  1 
ATOM   873  C C   . PHE A 1 121 ? -0.349  -3.945  11.731  1.00 60.88  ? 424 PHE A C   1 
ATOM   874  O O   . PHE A 1 121 ? -1.468  -3.678  11.265  1.00 60.98  ? 424 PHE A O   1 
ATOM   875  C CB  . PHE A 1 121 ? 1.069   -5.941  11.070  1.00 60.52  ? 424 PHE A CB  1 
ATOM   876  C CG  . PHE A 1 121 ? -0.178  -6.765  10.971  1.00 62.96  ? 424 PHE A CG  1 
ATOM   877  C CD1 . PHE A 1 121 ? -0.561  -7.322  9.740   1.00 61.54  ? 424 PHE A CD1 1 
ATOM   878  C CD2 . PHE A 1 121 ? -1.047  -6.876  12.084  1.00 63.10  ? 424 PHE A CD2 1 
ATOM   879  C CE1 . PHE A 1 121 ? -1.757  -8.049  9.639   1.00 63.02  ? 424 PHE A CE1 1 
ATOM   880  C CE2 . PHE A 1 121 ? -2.240  -7.575  11.982  1.00 62.42  ? 424 PHE A CE2 1 
ATOM   881  C CZ  . PHE A 1 121 ? -2.602  -8.166  10.768  1.00 62.63  ? 424 PHE A CZ  1 
ATOM   882  N N   . ASN A 1 122 ? -0.047  -3.763  13.013  1.00 61.03  ? 425 ASN A N   1 
ATOM   883  C CA  . ASN A 1 122 ? -1.057  -3.350  13.975  1.00 62.18  ? 425 ASN A CA  1 
ATOM   884  C C   . ASN A 1 122 ? -1.642  -1.970  13.723  1.00 62.98  ? 425 ASN A C   1 
ATOM   885  O O   . ASN A 1 122 ? -2.858  -1.750  13.897  1.00 63.19  ? 425 ASN A O   1 
ATOM   886  C CB  . ASN A 1 122 ? -0.486  -3.354  15.380  1.00 62.29  ? 425 ASN A CB  1 
ATOM   887  C CG  . ASN A 1 122 ? -0.236  -4.731  15.889  1.00 63.60  ? 425 ASN A CG  1 
ATOM   888  O OD1 . ASN A 1 122 ? 0.511   -4.902  16.841  1.00 67.28  ? 425 ASN A OD1 1 
ATOM   889  N ND2 . ASN A 1 122 ? -0.853  -5.731  15.276  1.00 64.56  ? 425 ASN A ND2 1 
ATOM   890  N N   . LYS A 1 123 ? -0.761  -1.035  13.378  1.00 62.25  ? 426 LYS A N   1 
ATOM   891  C CA  . LYS A 1 123 ? -1.173  0.266   12.964  1.00 62.39  ? 426 LYS A CA  1 
ATOM   892  C C   . LYS A 1 123 ? -2.157  0.234   11.767  1.00 62.19  ? 426 LYS A C   1 
ATOM   893  O O   . LYS A 1 123 ? -3.176  0.925   11.789  1.00 62.27  ? 426 LYS A O   1 
ATOM   894  C CB  . LYS A 1 123 ? 0.061   1.126   12.620  1.00 62.73  ? 426 LYS A CB  1 
ATOM   895  C CG  . LYS A 1 123 ? -0.310  2.470   11.955  1.00 63.04  ? 426 LYS A CG  1 
ATOM   896  C CD  . LYS A 1 123 ? 0.818   3.525   12.025  1.00 68.77  ? 426 LYS A CD  1 
ATOM   897  C CE  . LYS A 1 123 ? 0.301   4.928   11.573  1.00 71.86  ? 426 LYS A CE  1 
ATOM   898  N NZ  . LYS A 1 123 ? 1.185   6.086   12.058  1.00 77.98  ? 426 LYS A NZ  1 
ATOM   899  N N   . VAL A 1 124 ? -1.837  -0.512  10.714  1.00 61.88  ? 427 VAL A N   1 
ATOM   900  C CA  . VAL A 1 124 ? -2.753  -0.617  9.586   1.00 62.47  ? 427 VAL A CA  1 
ATOM   901  C C   . VAL A 1 124 ? -4.060  -1.312  10.020  1.00 63.52  ? 427 VAL A C   1 
ATOM   902  O O   . VAL A 1 124 ? -5.168  -0.802  9.777   1.00 63.05  ? 427 VAL A O   1 
ATOM   903  C CB  . VAL A 1 124 ? -2.132  -1.357  8.377   1.00 62.64  ? 427 VAL A CB  1 
ATOM   904  C CG1 . VAL A 1 124 ? -3.209  -1.627  7.287   1.00 61.38  ? 427 VAL A CG1 1 
ATOM   905  C CG2 . VAL A 1 124 ? -0.960  -0.545  7.792   1.00 61.81  ? 427 VAL A CG2 1 
ATOM   906  N N   . GLN A 1 125 ? -3.916  -2.447  10.699  1.00 63.86  ? 428 GLN A N   1 
ATOM   907  C CA  . GLN A 1 125 ? -5.070  -3.153  11.203  1.00 64.64  ? 428 GLN A CA  1 
ATOM   908  C C   . GLN A 1 125 ? -6.024  -2.248  11.971  1.00 64.62  ? 428 GLN A C   1 
ATOM   909  O O   . GLN A 1 125 ? -7.245  -2.311  11.765  1.00 65.35  ? 428 GLN A O   1 
ATOM   910  C CB  . GLN A 1 125 ? -4.669  -4.335  12.067  1.00 64.37  ? 428 GLN A CB  1 
ATOM   911  C CG  . GLN A 1 125 ? -5.893  -5.115  12.565  1.00 69.01  ? 428 GLN A CG  1 
ATOM   912  C CD  . GLN A 1 125 ? -5.507  -6.260  13.474  1.00 74.69  ? 428 GLN A CD  1 
ATOM   913  O OE1 . GLN A 1 125 ? -4.877  -6.050  14.525  1.00 79.31  ? 428 GLN A OE1 1 
ATOM   914  N NE2 . GLN A 1 125 ? -5.837  -7.489  13.064  1.00 74.92  ? 428 GLN A NE2 1 
ATOM   915  N N   . GLY A 1 126 ? -5.497  -1.400  12.839  1.00 64.22  ? 429 GLY A N   1 
ATOM   916  C CA  . GLY A 1 126 ? -6.372  -0.596  13.677  1.00 64.10  ? 429 GLY A CA  1 
ATOM   917  C C   . GLY A 1 126 ? -7.034  0.498   12.872  1.00 64.75  ? 429 GLY A C   1 
ATOM   918  O O   . GLY A 1 126 ? -8.027  1.073   13.274  1.00 65.05  ? 429 GLY A O   1 
ATOM   919  N N   . LEU A 1 127 ? -6.480  0.828   11.725  1.00 65.09  ? 430 LEU A N   1 
ATOM   920  C CA  . LEU A 1 127 ? -7.155  1.763   10.849  1.00 65.68  ? 430 LEU A CA  1 
ATOM   921  C C   . LEU A 1 127 ? -8.118  1.074   9.852   1.00 65.42  ? 430 LEU A C   1 
ATOM   922  O O   . LEU A 1 127 ? -8.966  1.725   9.285   1.00 65.45  ? 430 LEU A O   1 
ATOM   923  C CB  . LEU A 1 127 ? -6.124  2.579   10.074  1.00 66.14  ? 430 LEU A CB  1 
ATOM   924  C CG  . LEU A 1 127 ? -5.420  3.673   10.879  1.00 67.26  ? 430 LEU A CG  1 
ATOM   925  C CD1 . LEU A 1 127 ? -4.204  4.154   10.138  1.00 68.38  ? 430 LEU A CD1 1 
ATOM   926  C CD2 . LEU A 1 127 ? -6.361  4.814   11.127  1.00 68.18  ? 430 LEU A CD2 1 
ATOM   927  N N   . TYR A 1 128 ? -7.980  -0.234  9.675   1.00 65.15  ? 431 TYR A N   1 
ATOM   928  C CA  . TYR A 1 128 ? -8.527  -0.938  8.529   1.00 65.65  ? 431 TYR A CA  1 
ATOM   929  C C   . TYR A 1 128 ? -8.835  -2.388  8.916   1.00 66.32  ? 431 TYR A C   1 
ATOM   930  O O   . TYR A 1 128 ? -8.109  -3.303  8.533   1.00 66.22  ? 431 TYR A O   1 
ATOM   931  C CB  . TYR A 1 128 ? -7.446  -0.947  7.467   1.00 64.83  ? 431 TYR A CB  1 
ATOM   932  C CG  . TYR A 1 128 ? -7.834  -1.248  6.034   1.00 63.58  ? 431 TYR A CG  1 
ATOM   933  C CD1 . TYR A 1 128 ? -8.392  -0.248  5.225   1.00 60.85  ? 431 TYR A CD1 1 
ATOM   934  C CD2 . TYR A 1 128 ? -7.553  -2.504  5.453   1.00 60.80  ? 431 TYR A CD2 1 
ATOM   935  C CE1 . TYR A 1 128 ? -8.712  -0.484  3.871   1.00 59.05  ? 431 TYR A CE1 1 
ATOM   936  C CE2 . TYR A 1 128 ? -7.856  -2.767  4.088   1.00 61.76  ? 431 TYR A CE2 1 
ATOM   937  C CZ  . TYR A 1 128 ? -8.446  -1.727  3.300   1.00 61.78  ? 431 TYR A CZ  1 
ATOM   938  O OH  . TYR A 1 128 ? -8.734  -1.922  1.946   1.00 62.05  ? 431 TYR A OH  1 
ATOM   939  N N   . PRO A 1 129 ? -9.933  -2.610  9.657   1.00 67.26  ? 432 PRO A N   1 
ATOM   940  C CA  . PRO A 1 129 ? -10.223 -3.896  10.345  1.00 67.34  ? 432 PRO A CA  1 
ATOM   941  C C   . PRO A 1 129 ? -10.427 -5.088  9.406   1.00 66.75  ? 432 PRO A C   1 
ATOM   942  O O   . PRO A 1 129 ? -10.265 -6.210  9.824   1.00 67.04  ? 432 PRO A O   1 
ATOM   943  C CB  . PRO A 1 129 ? -11.518 -3.605  11.134  1.00 68.33  ? 432 PRO A CB  1 
ATOM   944  C CG  . PRO A 1 129 ? -11.733 -2.059  11.024  1.00 67.95  ? 432 PRO A CG  1 
ATOM   945  C CD  . PRO A 1 129 ? -11.061 -1.666  9.741   1.00 67.52  ? 432 PRO A CD  1 
ATOM   946  N N   . LEU A 1 130 ? -10.694 -4.836  8.133   1.00 66.43  ? 433 LEU A N   1 
ATOM   947  C CA  . LEU A 1 130 ? -10.856 -5.924  7.153   1.00 66.70  ? 433 LEU A CA  1 
ATOM   948  C C   . LEU A 1 130 ? -9.556  -6.571  6.659   1.00 65.53  ? 433 LEU A C   1 
ATOM   949  O O   . LEU A 1 130 ? -9.590  -7.522  5.884   1.00 65.31  ? 433 LEU A O   1 
ATOM   950  C CB  . LEU A 1 130 ? -11.665 -5.430  5.943   1.00 67.31  ? 433 LEU A CB  1 
ATOM   951  C CG  . LEU A 1 130 ? -13.131 -5.026  6.227   1.00 70.87  ? 433 LEU A CG  1 
ATOM   952  C CD1 . LEU A 1 130 ? -13.905 -4.872  4.918   1.00 72.89  ? 433 LEU A CD1 1 
ATOM   953  C CD2 . LEU A 1 130 ? -13.833 -6.050  7.156   1.00 72.35  ? 433 LEU A CD2 1 
ATOM   954  N N   . ILE A 1 131 ? -8.415  -6.045  7.086   1.00 64.68  ? 434 ILE A N   1 
ATOM   955  C CA  . ILE A 1 131 ? -7.118  -6.632  6.745   1.00 63.16  ? 434 ILE A CA  1 
ATOM   956  C C   . ILE A 1 131 ? -7.073  -8.177  6.842   1.00 63.56  ? 434 ILE A C   1 
ATOM   957  O O   . ILE A 1 131 ? -7.404  -8.797  7.886   1.00 63.95  ? 434 ILE A O   1 
ATOM   958  C CB  . ILE A 1 131 ? -5.981  -5.971  7.611   1.00 63.50  ? 434 ILE A CB  1 
ATOM   959  C CG1 . ILE A 1 131 ? -4.598  -6.344  7.091   1.00 60.92  ? 434 ILE A CG1 1 
ATOM   960  C CG2 . ILE A 1 131 ? -6.163  -6.240  9.139   1.00 59.62  ? 434 ILE A CG2 1 
ATOM   961  C CD1 . ILE A 1 131 ? -3.477  -5.436  7.649   1.00 62.70  ? 434 ILE A CD1 1 
ATOM   962  N N   . ASP A 1 132 ? -6.637  -8.823  5.766   1.00 63.05  ? 435 ASP A N   1 
ATOM   963  C CA  . ASP A 1 132 ? -6.547  -10.280 5.807   1.00 62.95  ? 435 ASP A CA  1 
ATOM   964  C C   . ASP A 1 132 ? -5.504  -10.775 4.839   1.00 62.26  ? 435 ASP A C   1 
ATOM   965  O O   . ASP A 1 132 ? -5.791  -11.150 3.691   1.00 61.93  ? 435 ASP A O   1 
ATOM   966  C CB  . ASP A 1 132 ? -7.927  -10.922 5.551   1.00 63.45  ? 435 ASP A CB  1 
ATOM   967  C CG  . ASP A 1 132 ? -7.905  -12.448 5.702   1.00 65.22  ? 435 ASP A CG  1 
ATOM   968  O OD1 . ASP A 1 132 ? -6.930  -13.021 6.271   1.00 66.21  ? 435 ASP A OD1 1 
ATOM   969  O OD2 . ASP A 1 132 ? -8.864  -13.072 5.210   1.00 68.75  ? 435 ASP A OD2 1 
ATOM   970  N N   . ILE A 1 133 ? -4.265  -10.760 5.308   1.00 62.33  ? 436 ILE A N   1 
ATOM   971  C CA  . ILE A 1 133 ? -3.148  -10.932 4.386   1.00 61.64  ? 436 ILE A CA  1 
ATOM   972  C C   . ILE A 1 133 ? -2.768  -12.381 4.402   1.00 61.02  ? 436 ILE A C   1 
ATOM   973  O O   . ILE A 1 133 ? -2.567  -12.915 5.465   1.00 61.47  ? 436 ILE A O   1 
ATOM   974  C CB  . ILE A 1 133 ? -1.914  -10.013 4.783   1.00 61.23  ? 436 ILE A CB  1 
ATOM   975  C CG1 . ILE A 1 133 ? -2.353  -8.551  4.757   1.00 60.28  ? 436 ILE A CG1 1 
ATOM   976  C CG2 . ILE A 1 133 ? -0.696  -10.286 3.845   1.00 59.84  ? 436 ILE A CG2 1 
ATOM   977  C CD1 . ILE A 1 133 ? -1.379  -7.536  5.397   1.00 55.99  ? 436 ILE A CD1 1 
ATOM   978  N N   . GLU A 1 134 ? -2.651  -13.011 3.242   1.00 61.15  ? 437 GLU A N   1 
ATOM   979  C CA  . GLU A 1 134 ? -2.158  -14.395 3.172   1.00 62.28  ? 437 GLU A CA  1 
ATOM   980  C C   . GLU A 1 134 ? -0.760  -14.596 3.792   1.00 62.31  ? 437 GLU A C   1 
ATOM   981  O O   . GLU A 1 134 ? 0.129   -13.757 3.654   1.00 61.71  ? 437 GLU A O   1 
ATOM   982  C CB  . GLU A 1 134 ? -2.170  -14.899 1.722   1.00 62.33  ? 437 GLU A CB  1 
ATOM   983  C CG  . GLU A 1 134 ? -3.544  -14.852 1.055   1.00 66.56  ? 437 GLU A CG  1 
ATOM   984  C CD  . GLU A 1 134 ? -3.523  -15.343 -0.406  1.00 72.19  ? 437 GLU A CD  1 
ATOM   985  O OE1 . GLU A 1 134 ? -2.529  -15.141 -1.158  1.00 70.62  ? 437 GLU A OE1 1 
ATOM   986  O OE2 . GLU A 1 134 ? -4.550  -15.946 -0.804  1.00 77.26  ? 437 GLU A OE2 1 
ATOM   987  N N   . SER A 1 135 ? -0.554  -15.731 4.451   1.00 63.12  ? 438 SER A N   1 
ATOM   988  C CA  . SER A 1 135 ? 0.716   -15.971 5.153   1.00 63.66  ? 438 SER A CA  1 
ATOM   989  C C   . SER A 1 135 ? 2.008   -15.935 4.284   1.00 63.71  ? 438 SER A C   1 
ATOM   990  O O   . SER A 1 135 ? 3.057   -15.518 4.790   1.00 64.56  ? 438 SER A O   1 
ATOM   991  C CB  . SER A 1 135 ? 0.671   -17.269 5.965   1.00 63.97  ? 438 SER A CB  1 
ATOM   992  O OG  . SER A 1 135 ? 0.556   -18.352 5.066   1.00 64.87  ? 438 SER A OG  1 
ATOM   993  N N   . GLY A 1 136 ? 1.959   -16.353 3.016   1.00 62.22  ? 439 GLY A N   1 
ATOM   994  C CA  . GLY A 1 136 ? 3.103   -16.139 2.135   1.00 60.47  ? 439 GLY A CA  1 
ATOM   995  C C   . GLY A 1 136 ? 3.503   -14.661 1.969   1.00 60.67  ? 439 GLY A C   1 
ATOM   996  O O   . GLY A 1 136 ? 4.697   -14.321 1.849   1.00 59.85  ? 439 GLY A O   1 
ATOM   997  N N   . PHE A 1 137 ? 2.520   -13.764 1.969   1.00 59.56  ? 440 PHE A N   1 
ATOM   998  C CA  . PHE A 1 137 ? 2.832   -12.364 1.948   1.00 59.40  ? 440 PHE A CA  1 
ATOM   999  C C   . PHE A 1 137 ? 3.435   -11.846 3.253   1.00 59.93  ? 440 PHE A C   1 
ATOM   1000 O O   . PHE A 1 137 ? 4.351   -11.021 3.196   1.00 59.84  ? 440 PHE A O   1 
ATOM   1001 C CB  . PHE A 1 137 ? 1.626   -11.548 1.516   1.00 59.60  ? 440 PHE A CB  1 
ATOM   1002 C CG  . PHE A 1 137 ? 1.314   -11.690 0.044   1.00 60.02  ? 440 PHE A CG  1 
ATOM   1003 C CD1 . PHE A 1 137 ? 2.349   -11.674 -0.907  1.00 55.80  ? 440 PHE A CD1 1 
ATOM   1004 C CD2 . PHE A 1 137 ? -0.012  -11.852 -0.396  1.00 60.58  ? 440 PHE A CD2 1 
ATOM   1005 C CE1 . PHE A 1 137 ? 2.081   -11.798 -2.258  1.00 54.87  ? 440 PHE A CE1 1 
ATOM   1006 C CE2 . PHE A 1 137 ? -0.300  -11.990 -1.773  1.00 58.79  ? 440 PHE A CE2 1 
ATOM   1007 C CZ  . PHE A 1 137 ? 0.741   -11.942 -2.699  1.00 57.35  ? 440 PHE A CZ  1 
ATOM   1008 N N   . ILE A 1 138 ? 2.920   -12.321 4.405   1.00 60.53  ? 441 ILE A N   1 
ATOM   1009 C CA  . ILE A 1 138 ? 3.436   -11.965 5.728   1.00 61.02  ? 441 ILE A CA  1 
ATOM   1010 C C   . ILE A 1 138 ? 4.937   -12.353 5.796   1.00 61.75  ? 441 ILE A C   1 
ATOM   1011 O O   . ILE A 1 138 ? 5.799   -11.563 6.238   1.00 61.61  ? 441 ILE A O   1 
ATOM   1012 C CB  . ILE A 1 138 ? 2.685   -12.699 6.870   1.00 61.25  ? 441 ILE A CB  1 
ATOM   1013 C CG1 . ILE A 1 138 ? 1.221   -12.225 7.021   1.00 61.14  ? 441 ILE A CG1 1 
ATOM   1014 C CG2 . ILE A 1 138 ? 3.419   -12.521 8.207   1.00 58.84  ? 441 ILE A CG2 1 
ATOM   1015 C CD1 . ILE A 1 138 ? 1.029   -10.769 7.139   1.00 59.71  ? 441 ILE A CD1 1 
ATOM   1016 N N   . LEU A 1 139 ? 5.223   -13.561 5.316   1.00 60.79  ? 442 LEU A N   1 
ATOM   1017 C CA  . LEU A 1 139 ? 6.560   -14.078 5.247   1.00 62.35  ? 442 LEU A CA  1 
ATOM   1018 C C   . LEU A 1 139 ? 7.493   -13.176 4.412   1.00 62.31  ? 442 LEU A C   1 
ATOM   1019 O O   . LEU A 1 139 ? 8.614   -12.865 4.844   1.00 62.99  ? 442 LEU A O   1 
ATOM   1020 C CB  . LEU A 1 139 ? 6.479   -15.448 4.618   1.00 63.19  ? 442 LEU A CB  1 
ATOM   1021 C CG  . LEU A 1 139 ? 7.453   -16.534 4.994   1.00 67.20  ? 442 LEU A CG  1 
ATOM   1022 C CD1 . LEU A 1 139 ? 7.575   -16.646 6.511   1.00 69.26  ? 442 LEU A CD1 1 
ATOM   1023 C CD2 . LEU A 1 139 ? 6.928   -17.848 4.357   1.00 69.62  ? 442 LEU A CD2 1 
ATOM   1024 N N   . GLN A 1 140 ? 7.043   -12.765 3.225   1.00 61.13  ? 443 GLN A N   1 
ATOM   1025 C CA  . GLN A 1 140 ? 7.795   -11.798 2.409   1.00 61.26  ? 443 GLN A CA  1 
ATOM   1026 C C   . GLN A 1 140 ? 8.001   -10.442 3.096   1.00 60.33  ? 443 GLN A C   1 
ATOM   1027 O O   . GLN A 1 140 ? 8.994   -9.749  2.852   1.00 58.87  ? 443 GLN A O   1 
ATOM   1028 C CB  . GLN A 1 140 ? 7.119   -11.584 1.049   1.00 60.29  ? 443 GLN A CB  1 
ATOM   1029 C CG  . GLN A 1 140 ? 7.152   -12.824 0.164   1.00 62.89  ? 443 GLN A CG  1 
ATOM   1030 C CD  . GLN A 1 140 ? 6.497   -12.612 -1.222  1.00 62.92  ? 443 GLN A CD  1 
ATOM   1031 O OE1 . GLN A 1 140 ? 6.972   -11.782 -2.020  1.00 60.78  ? 443 GLN A OE1 1 
ATOM   1032 N NE2 . GLN A 1 140 ? 5.438   -13.389 -1.519  1.00 60.00  ? 443 GLN A NE2 1 
ATOM   1033 N N   . LEU A 1 141 ? 7.042   -10.045 3.929   1.00 59.85  ? 444 LEU A N   1 
ATOM   1034 C CA  . LEU A 1 141 ? 7.192   -8.796  4.674   1.00 60.08  ? 444 LEU A CA  1 
ATOM   1035 C C   . LEU A 1 141 ? 8.290   -8.955  5.732   1.00 60.54  ? 444 LEU A C   1 
ATOM   1036 O O   . LEU A 1 141 ? 9.048   -8.036  5.988   1.00 59.00  ? 444 LEU A O   1 
ATOM   1037 C CB  . LEU A 1 141 ? 5.870   -8.362  5.305   1.00 59.55  ? 444 LEU A CB  1 
ATOM   1038 C CG  . LEU A 1 141 ? 4.848   -7.745  4.311   1.00 60.76  ? 444 LEU A CG  1 
ATOM   1039 C CD1 . LEU A 1 141 ? 3.522   -7.467  5.026   1.00 55.80  ? 444 LEU A CD1 1 
ATOM   1040 C CD2 . LEU A 1 141 ? 5.388   -6.459  3.605   1.00 54.00  ? 444 LEU A CD2 1 
ATOM   1041 N N   . LYS A 1 142 ? 8.360   -10.152 6.316   1.00 61.40  ? 445 LYS A N   1 
ATOM   1042 C CA  . LYS A 1 142 ? 9.402   -10.452 7.280   1.00 62.36  ? 445 LYS A CA  1 
ATOM   1043 C C   . LYS A 1 142 ? 10.782  -10.483 6.620   1.00 61.85  ? 445 LYS A C   1 
ATOM   1044 O O   . LYS A 1 142 ? 11.757  -10.139 7.243   1.00 61.57  ? 445 LYS A O   1 
ATOM   1045 C CB  . LYS A 1 142 ? 9.090   -11.756 8.043   1.00 61.78  ? 445 LYS A CB  1 
ATOM   1046 C CG  . LYS A 1 142 ? 8.080   -11.508 9.125   1.00 62.72  ? 445 LYS A CG  1 
ATOM   1047 C CD  . LYS A 1 142 ? 7.582   -12.805 9.742   1.00 66.39  ? 445 LYS A CD  1 
ATOM   1048 C CE  . LYS A 1 142 ? 6.425   -12.547 10.742  1.00 65.39  ? 445 LYS A CE  1 
ATOM   1049 N NZ  . LYS A 1 142 ? 5.779   -13.843 11.174  1.00 67.46  ? 445 LYS A NZ  1 
ATOM   1050 N N   . LEU A 1 143 ? 10.838  -10.923 5.366   1.00 62.11  ? 446 LEU A N   1 
ATOM   1051 C CA  . LEU A 1 143 ? 12.062  -10.892 4.602   1.00 62.40  ? 446 LEU A CA  1 
ATOM   1052 C C   . LEU A 1 143 ? 12.486  -9.467  4.385   1.00 61.85  ? 446 LEU A C   1 
ATOM   1053 O O   . LEU A 1 143 ? 13.657  -9.145  4.482   1.00 62.51  ? 446 LEU A O   1 
ATOM   1054 C CB  . LEU A 1 143 ? 11.859  -11.512 3.239   1.00 62.70  ? 446 LEU A CB  1 
ATOM   1055 C CG  . LEU A 1 143 ? 12.793  -12.663 2.887   1.00 68.18  ? 446 LEU A CG  1 
ATOM   1056 C CD1 . LEU A 1 143 ? 12.177  -13.938 3.465   1.00 72.57  ? 446 LEU A CD1 1 
ATOM   1057 C CD2 . LEU A 1 143 ? 12.951  -12.843 1.374   1.00 71.57  ? 446 LEU A CD2 1 
ATOM   1058 N N   . PHE A 1 144 ? 11.530  -8.614  4.070   1.00 60.67  ? 447 PHE A N   1 
ATOM   1059 C CA  . PHE A 1 144 ? 11.843  -7.207  3.945   1.00 60.42  ? 447 PHE A CA  1 
ATOM   1060 C C   . PHE A 1 144 ? 12.365  -6.608  5.270   1.00 60.85  ? 447 PHE A C   1 
ATOM   1061 O O   . PHE A 1 144 ? 13.282  -5.803  5.253   1.00 60.49  ? 447 PHE A O   1 
ATOM   1062 C CB  . PHE A 1 144 ? 10.613  -6.437  3.455   1.00 58.95  ? 447 PHE A CB  1 
ATOM   1063 C CG  . PHE A 1 144 ? 10.843  -4.953  3.264   1.00 55.84  ? 447 PHE A CG  1 
ATOM   1064 C CD1 . PHE A 1 144 ? 11.882  -4.489  2.475   1.00 53.55  ? 447 PHE A CD1 1 
ATOM   1065 C CD2 . PHE A 1 144 ? 9.987   -4.032  3.853   1.00 53.39  ? 447 PHE A CD2 1 
ATOM   1066 C CE1 . PHE A 1 144 ? 12.080  -3.114  2.289   1.00 53.16  ? 447 PHE A CE1 1 
ATOM   1067 C CE2 . PHE A 1 144 ? 10.156  -2.650  3.687   1.00 53.48  ? 447 PHE A CE2 1 
ATOM   1068 C CZ  . PHE A 1 144 ? 11.206  -2.185  2.901   1.00 53.26  ? 447 PHE A CZ  1 
ATOM   1069 N N   . GLU A 1 145 ? 11.745  -6.976  6.393   1.00 61.41  ? 448 GLU A N   1 
ATOM   1070 C CA  . GLU A 1 145 ? 12.154  -6.530  7.714   1.00 62.63  ? 448 GLU A CA  1 
ATOM   1071 C C   . GLU A 1 145 ? 13.681  -6.812  7.887   1.00 63.68  ? 448 GLU A C   1 
ATOM   1072 O O   . GLU A 1 145 ? 14.453  -5.897  8.213   1.00 63.21  ? 448 GLU A O   1 
ATOM   1073 C CB  . GLU A 1 145 ? 11.351  -7.283  8.764   1.00 62.30  ? 448 GLU A CB  1 
ATOM   1074 C CG  . GLU A 1 145 ? 11.530  -6.802  10.207  1.00 63.94  ? 448 GLU A CG  1 
ATOM   1075 C CD  . GLU A 1 145 ? 10.649  -7.566  11.187  1.00 63.94  ? 448 GLU A CD  1 
ATOM   1076 O OE1 . GLU A 1 145 ? 10.562  -8.819  11.123  1.00 67.56  ? 448 GLU A OE1 1 
ATOM   1077 O OE2 . GLU A 1 145 ? 10.015  -6.918  12.017  1.00 65.01  ? 448 GLU A OE2 1 
ATOM   1078 N N   . LYS A 1 146 ? 14.090  -8.053  7.605   1.00 63.62  ? 449 LYS A N   1 
ATOM   1079 C CA  . LYS A 1 146 ? 15.485  -8.445  7.704   1.00 65.22  ? 449 LYS A CA  1 
ATOM   1080 C C   . LYS A 1 146 ? 16.371  -7.635  6.774   1.00 64.95  ? 449 LYS A C   1 
ATOM   1081 O O   . LYS A 1 146 ? 17.483  -7.252  7.155   1.00 64.53  ? 449 LYS A O   1 
ATOM   1082 C CB  . LYS A 1 146 ? 15.671  -9.900  7.351   1.00 65.62  ? 449 LYS A CB  1 
ATOM   1083 C CG  . LYS A 1 146 ? 15.478  -10.849 8.472   1.00 71.56  ? 449 LYS A CG  1 
ATOM   1084 C CD  . LYS A 1 146 ? 16.799  -11.117 9.184   1.00 79.31  ? 449 LYS A CD  1 
ATOM   1085 C CE  . LYS A 1 146 ? 16.522  -11.501 10.660  1.00 82.90  ? 449 LYS A CE  1 
ATOM   1086 N NZ  . LYS A 1 146 ? 17.687  -11.124 11.509  1.00 81.89  ? 449 LYS A NZ  1 
ATOM   1087 N N   . LYS A 1 147 ? 15.898  -7.410  5.545   1.00 64.92  ? 450 LYS A N   1 
ATOM   1088 C CA  . LYS A 1 147 ? 16.691  -6.669  4.539   1.00 64.15  ? 450 LYS A CA  1 
ATOM   1089 C C   . LYS A 1 147 ? 16.977  -5.249  5.014   1.00 64.22  ? 450 LYS A C   1 
ATOM   1090 O O   . LYS A 1 147 ? 18.076  -4.736  4.861   1.00 63.50  ? 450 LYS A O   1 
ATOM   1091 C CB  . LYS A 1 147 ? 15.996  -6.644  3.187   1.00 63.39  ? 450 LYS A CB  1 
ATOM   1092 C CG  . LYS A 1 147 ? 16.676  -5.732  2.170   1.00 62.01  ? 450 LYS A CG  1 
ATOM   1093 C CD  . LYS A 1 147 ? 17.854  -6.493  1.580   1.00 60.67  ? 450 LYS A CD  1 
ATOM   1094 C CE  . LYS A 1 147 ? 18.688  -5.663  0.597   1.00 64.47  ? 450 LYS A CE  1 
ATOM   1095 N NZ  . LYS A 1 147 ? 19.804  -6.541  -0.006  1.00 67.09  ? 450 LYS A NZ  1 
ATOM   1096 N N   . LEU A 1 148 ? 15.970  -4.628  5.606   1.00 65.15  ? 451 LEU A N   1 
ATOM   1097 C CA  . LEU A 1 148 ? 16.078  -3.292  6.101   1.00 65.96  ? 451 LEU A CA  1 
ATOM   1098 C C   . LEU A 1 148 ? 17.078  -3.256  7.281   1.00 67.34  ? 451 LEU A C   1 
ATOM   1099 O O   . LEU A 1 148 ? 17.874  -2.330  7.419   1.00 67.26  ? 451 LEU A O   1 
ATOM   1100 C CB  . LEU A 1 148 ? 14.703  -2.794  6.557   1.00 65.34  ? 451 LEU A CB  1 
ATOM   1101 C CG  . LEU A 1 148 ? 13.718  -2.201  5.513   1.00 67.52  ? 451 LEU A CG  1 
ATOM   1102 C CD1 . LEU A 1 148 ? 12.605  -1.421  6.152   1.00 66.29  ? 451 LEU A CD1 1 
ATOM   1103 C CD2 . LEU A 1 148 ? 14.414  -1.315  4.523   1.00 67.73  ? 451 LEU A CD2 1 
ATOM   1104 N N   . GLU A 1 149 ? 17.015  -4.247  8.147   1.00 68.46  ? 452 GLU A N   1 
ATOM   1105 C CA  . GLU A 1 149 ? 17.950  -4.315  9.253   1.00 71.00  ? 452 GLU A CA  1 
ATOM   1106 C C   . GLU A 1 149 ? 19.435  -4.250  8.779   1.00 71.31  ? 452 GLU A C   1 
ATOM   1107 O O   . GLU A 1 149 ? 20.256  -3.519  9.326   1.00 70.98  ? 452 GLU A O   1 
ATOM   1108 C CB  . GLU A 1 149 ? 17.702  -5.613  10.002  1.00 71.67  ? 452 GLU A CB  1 
ATOM   1109 C CG  . GLU A 1 149 ? 18.347  -5.678  11.373  1.00 77.23  ? 452 GLU A CG  1 
ATOM   1110 C CD  . GLU A 1 149 ? 18.476  -7.114  11.885  1.00 84.87  ? 452 GLU A CD  1 
ATOM   1111 O OE1 . GLU A 1 149 ? 17.680  -7.994  11.431  1.00 86.41  ? 452 GLU A OE1 1 
ATOM   1112 O OE2 . GLU A 1 149 ? 19.378  -7.351  12.738  1.00 88.03  ? 452 GLU A OE2 1 
ATOM   1113 N N   . LYS A 1 150 ? 19.754  -5.023  7.754   1.00 71.43  ? 453 LYS A N   1 
ATOM   1114 C CA  . LYS A 1 150 ? 21.077  -5.084  7.230   1.00 73.00  ? 453 LYS A CA  1 
ATOM   1115 C C   . LYS A 1 150 ? 21.474  -3.787  6.507   1.00 73.04  ? 453 LYS A C   1 
ATOM   1116 O O   . LYS A 1 150 ? 22.563  -3.271  6.719   1.00 73.34  ? 453 LYS A O   1 
ATOM   1117 C CB  . LYS A 1 150 ? 21.175  -6.269  6.284   1.00 73.24  ? 453 LYS A CB  1 
ATOM   1118 C CG  . LYS A 1 150 ? 22.511  -6.971  6.330   1.00 79.93  ? 453 LYS A CG  1 
ATOM   1119 C CD  . LYS A 1 150 ? 23.723  -5.988  6.493   1.00 86.84  ? 453 LYS A CD  1 
ATOM   1120 C CE  . LYS A 1 150 ? 25.032  -6.595  5.935   1.00 89.26  ? 453 LYS A CE  1 
ATOM   1121 N NZ  . LYS A 1 150 ? 25.490  -7.793  6.740   1.00 90.63  ? 453 LYS A NZ  1 
ATOM   1122 N N   . MET A 1 151 ? 20.595  -3.260  5.661   1.00 72.34  ? 454 MET A N   1 
ATOM   1123 C CA  . MET A 1 151 ? 20.887  -2.020  4.974   1.00 71.84  ? 454 MET A CA  1 
ATOM   1124 C C   . MET A 1 151 ? 21.095  -0.900  5.963   1.00 70.85  ? 454 MET A C   1 
ATOM   1125 O O   . MET A 1 151 ? 21.813  0.074   5.665   1.00 71.33  ? 454 MET A O   1 
ATOM   1126 C CB  . MET A 1 151 ? 19.751  -1.597  4.035   1.00 71.93  ? 454 MET A CB  1 
ATOM   1127 C CG  . MET A 1 151 ? 19.640  -2.358  2.682   1.00 75.74  ? 454 MET A CG  1 
ATOM   1128 S SD  . MET A 1 151 ? 18.547  -1.452  1.504   1.00 77.31  ? 454 MET A SD  1 
ATOM   1129 C CE  . MET A 1 151 ? 17.351  -0.799  2.652   1.00 70.19  ? 454 MET A CE  1 
ATOM   1130 N N   . ASN A 1 152 ? 20.470  -1.011  7.131   1.00 68.96  ? 455 ASN A N   1 
ATOM   1131 C CA  . ASN A 1 152 ? 20.435  0.119   8.045   1.00 67.92  ? 455 ASN A CA  1 
ATOM   1132 C C   . ASN A 1 152 ? 21.373  0.044   9.259   1.00 67.97  ? 455 ASN A C   1 
ATOM   1133 O O   . ASN A 1 152 ? 21.296  0.892   10.148  1.00 66.69  ? 455 ASN A O   1 
ATOM   1134 C CB  . ASN A 1 152 ? 19.005  0.344   8.513   1.00 67.93  ? 455 ASN A CB  1 
ATOM   1135 C CG  . ASN A 1 152 ? 18.077  0.753   7.363   1.00 68.90  ? 455 ASN A CG  1 
ATOM   1136 O OD1 . ASN A 1 152 ? 18.540  1.241   6.317   1.00 67.70  ? 455 ASN A OD1 1 
ATOM   1137 N ND2 . ASN A 1 152 ? 16.764  0.576   7.560   1.00 66.01  ? 455 ASN A ND2 1 
ATOM   1138 N N   . SER A 1 153 ? 22.235  -0.968  9.298   1.00 68.07  ? 456 SER A N   1 
ATOM   1139 C CA  . SER A 1 153 ? 23.203  -1.165  10.389  1.00 70.65  ? 456 SER A CA  1 
ATOM   1140 C C   . SER A 1 153 ? 24.281  -0.086  10.435  1.00 72.19  ? 456 SER A C   1 
ATOM   1141 O O   . SER A 1 153 ? 24.819  0.276   9.369   1.00 72.67  ? 456 SER A O   1 
ATOM   1142 C CB  . SER A 1 153 ? 23.894  -2.504  10.192  1.00 70.00  ? 456 SER A CB  1 
ATOM   1143 O OG  . SER A 1 153 ? 23.039  -3.452  10.808  1.00 72.39  ? 456 SER A OG  1 
ATOM   1144 N N   . GLU A 1 154 ? 24.614  0.411   11.639  1.00 74.13  ? 457 GLU A N   1 
ATOM   1145 C CA  . GLU A 1 154 ? 25.681  1.452   11.773  1.00 75.75  ? 457 GLU A CA  1 
ATOM   1146 C C   . GLU A 1 154 ? 26.901  1.069   10.940  1.00 76.23  ? 457 GLU A C   1 
ATOM   1147 O O   . GLU A 1 154 ? 27.465  -0.010  11.164  1.00 77.08  ? 457 GLU A O   1 
ATOM   1148 C CB  . GLU A 1 154 ? 26.117  1.628   13.236  1.00 76.25  ? 457 GLU A CB  1 
HETATM 1149 S S   . SO4 B 2 .   ? -6.602  -8.847  -2.774  1.00 64.06  ? 1   SO4 A S   1 
HETATM 1150 O O1  . SO4 B 2 .   ? -6.618  -7.729  -1.813  1.00 66.42  ? 1   SO4 A O1  1 
HETATM 1151 O O2  . SO4 B 2 .   ? -5.307  -9.423  -3.009  1.00 63.05  ? 1   SO4 A O2  1 
HETATM 1152 O O3  . SO4 B 2 .   ? -7.419  -9.880  -2.162  1.00 68.21  ? 1   SO4 A O3  1 
HETATM 1153 O O4  . SO4 B 2 .   ? -7.082  -8.390  -4.057  1.00 68.11  ? 1   SO4 A O4  1 
HETATM 1154 O O   . HOH C 3 .   ? 21.531  -8.344  -1.115  1.00 73.33  ? 465 HOH A O   1 
HETATM 1155 O O   . HOH C 3 .   ? -3.980  -10.326 8.168   1.00 61.58  ? 466 HOH A O   1 
HETATM 1156 O O   . HOH C 3 .   ? 5.359   -15.690 9.186   1.00 60.79  ? 467 HOH A O   1 
HETATM 1157 O O   . HOH C 3 .   ? 5.148   -13.698 -4.415  1.00 61.85  ? 468 HOH A O   1 
HETATM 1158 O O   . HOH C 3 .   ? 8.031   -7.679  13.667  1.00 64.69  ? 469 HOH A O   1 
HETATM 1159 O O   . HOH C 3 .   ? 9.117   -15.606 -6.829  1.00 60.75  ? 470 HOH A O   1 
HETATM 1160 O O   . HOH C 3 .   ? 11.817  -10.716 10.025  1.00 61.95  ? 471 HOH A O   1 
HETATM 1161 O O   . HOH C 3 .   ? -11.596 1.367   2.823   1.00 54.43  ? 472 HOH A O   1 
HETATM 1162 O O   . HOH C 3 .   ? -6.651  -13.124 2.011   1.00 71.73  ? 473 HOH A O   1 
HETATM 1163 O O   . HOH C 3 .   ? -10.257 7.677   5.677   1.00 68.06  ? 474 HOH A O   1 
HETATM 1164 O O   . HOH C 3 .   ? -8.716  6.690   8.395   1.00 66.13  ? 475 HOH A O   1 
HETATM 1165 O O   . HOH C 3 .   ? 13.609  3.015   7.631   1.00 56.23  ? 476 HOH A O   1 
HETATM 1166 O O   . HOH C 3 .   ? -4.315  -2.859  15.881  1.00 68.62  ? 477 HOH A O   1 
HETATM 1167 O O   . HOH C 3 .   ? -14.403 -2.056  -1.283  1.00 58.76  ? 478 HOH A O   1 
HETATM 1168 O O   . HOH C 3 .   ? 1.622   0.064   15.975  1.00 64.53  ? 479 HOH A O   1 
HETATM 1169 O O   . HOH C 3 .   ? -3.665  2.323   13.883  1.00 66.87  ? 480 HOH A O   1 
HETATM 1170 O O   . HOH C 3 .   ? 6.844   -19.337 -0.869  1.00 59.24  ? 481 HOH A O   1 
HETATM 1171 O O   . HOH C 3 .   ? -9.849  4.459   9.725   1.00 66.71  ? 482 HOH A O   1 
HETATM 1172 O O   . HOH C 3 .   ? 5.851   -5.589  -11.684 1.00 75.96  ? 483 HOH A O   1 
HETATM 1173 O O   . HOH C 3 .   ? 10.298  8.975   6.367   1.00 67.37  ? 484 HOH A O   1 
HETATM 1174 O O   . HOH C 3 .   ? -11.286 -2.082  6.649   1.00 67.91  ? 485 HOH A O   1 
HETATM 1175 O O   . HOH C 3 .   ? -1.814  -14.986 7.547   1.00 69.53  ? 486 HOH A O   1 
HETATM 1176 O O   . HOH C 3 .   ? -18.480 16.112  -2.066  1.00 68.97  ? 487 HOH A O   1 
HETATM 1177 O O   . HOH C 3 .   ? -4.261  12.885  -0.107  1.00 60.22  ? 488 HOH A O   1 
HETATM 1178 O O   . HOH C 3 .   ? -13.313 -4.510  -4.948  1.00 61.18  ? 489 HOH A O   1 
HETATM 1179 O O   . HOH C 3 .   ? -5.429  -7.545  -6.740  1.00 64.55  ? 490 HOH A O   1 
HETATM 1180 O O   . HOH C 3 .   ? 11.044  -2.893  -7.136  1.00 66.34  ? 491 HOH A O   1 
HETATM 1181 O O   . HOH C 3 .   ? 19.749  -2.327  11.536  1.00 69.75  ? 492 HOH A O   1 
HETATM 1182 O O   . HOH C 3 .   ? -23.467 1.288   6.772   1.00 62.46  ? 493 HOH A O   1 
HETATM 1183 O O   . HOH C 3 .   ? -2.842  -17.738 4.671   1.00 59.06  ? 494 HOH A O   1 
HETATM 1184 O O   . HOH C 3 .   ? 2.644   11.563  5.080   1.00 66.05  ? 495 HOH A O   1 
HETATM 1185 O O   . HOH C 3 .   ? -5.956  -10.384 9.865   1.00 62.71  ? 496 HOH A O   1 
HETATM 1186 O O   . HOH C 3 .   ? 3.584   -16.163 7.668   1.00 60.91  ? 497 HOH A O   1 
# 
